data_6XES
#
_entry.id   6XES
#
_cell.length_a   66.178
_cell.length_b   126.966
_cell.length_c   250.155
_cell.angle_alpha   90.000
_cell.angle_beta   90.000
_cell.angle_gamma   90.000
#
_symmetry.space_group_name_H-M   'P 21 21 21'
#
loop_
_entity.id
_entity.type
_entity.pdbx_description
1 polymer 'Tubulin alpha-1B chain'
2 polymer 'Tubulin beta chain'
3 polymer Stathmin-4
4 non-polymer "GUANOSINE-5'-TRIPHOSPHATE"
5 non-polymer 'SULFATE ION'
6 non-polymer "GUANOSINE-5'-DIPHOSPHATE"
7 non-polymer [6-(3-hydroxy-4-methylphenyl)pyrazin-2-yl](3,4,5-trimethoxyphenyl)methanone
8 non-polymer 'MAGNESIUM ION'
9 non-polymer 'DIMETHYL SULFOXIDE'
10 water water
#
loop_
_entity_poly.entity_id
_entity_poly.type
_entity_poly.pdbx_seq_one_letter_code
_entity_poly.pdbx_strand_id
1 'polypeptide(L)'
;MRECISIHVGQAGVQIGNACWELYCLEHGIQPDGQMPSDKTIGGGDDSFNTFFSETGAGKHVPRAVFVDLEPTVIDEVRT
GTYRQLFHPEQLITGKEDAANNYARGHYTIGKEIIDLVLDRIRKLADQCTGLQGFLVFHSFGGGTGSGFTSLLMERLSVD
YGKKSKLEFSIYPAPQVSTAVVEPYNSILTTHTTLEHSDCAFMVDNEAIYDICRRNLDIERPTYTNLNRLISQIVSSITA
SLRFDGALNVDLTEFQTNLVPYPRIHFPLATYAPVISAEKAYHEQLSVAEITNACFEPANQMVKCDPRHGKYMACCLLYR
GDVVPKDVNAAIATIKTKRSIQFVDWCPTGFKVGINYQPPTVVPGGDLAKVQRAVCMLSNTTAIAEAWARLDHKFDLMYA
KRAFVHWYVGEGMEEGEFSEAREDMAALEKDYEEVGVD
;
A,C
2 'polypeptide(L)'
;MREIVHIQAGQCGNQIGAKFWEVISDEHGIDPTGSYHGDSDLQLERINVYYNEATGNKYVPRAILVDLEPGTMDSVRSGP
FGQIFRPDNFVFGQSGAGNNWAKGHYTEGAELVDSVLDVVRKESESCDCLQGFQLTHSLGGGTGSGMGTLLISKIREEYP
DRIMNTFSVMPSPKVSDTVVEPYNATLSVHQLVENTDETYCIDNEALYDICFRTLKLTTPTYGDLNHLVSATMSGVTTCL
RFPGQLNADLRKLAVNMVPFPRLHFFMPGFAPLTSRGSQQYRALTVPELTQQMFDSKNMMAACDPRHGRYLTVAAIFRGR
MSMKEVDEQMLNVQNKNSSYFVEWIPNNVKTAVCDIPPRGLKMSATFIGNSTAIQELFKRISEQFTAMFRRKAFLHWYTG
EGMDEMEFTEAESNMNDLVSEYQQYQDATADEQ
;
B,D
3 'polypeptide(L)'
;MADMEVIELNKATSGQSWEVILKPPSFDGVPEFNASLPRRRDPSLEEIQKKLEAAEERRKYQEAELLKHLAEKREHEREV
IQKAIEENNNFIKMAKEKLAQKMESNKENREAHLAAMLERLQEKDKHAEEVRKNKELKEEASR
;
E
#
loop_
_chem_comp.id
_chem_comp.type
_chem_comp.name
_chem_comp.formula
DMS non-polymer 'DIMETHYL SULFOXIDE' 'C2 H6 O S'
GDP RNA linking GUANOSINE-5'-DIPHOSPHATE 'C10 H15 N5 O11 P2'
GTP non-polymer GUANOSINE-5'-TRIPHOSPHATE 'C10 H16 N5 O14 P3'
MG non-polymer 'MAGNESIUM ION' 'Mg 2'
SO4 non-polymer 'SULFATE ION' 'O4 S -2'
TU3 non-polymer [6-(3-hydroxy-4-methylphenyl)pyrazin-2-yl](3,4,5-trimethoxyphenyl)methanone 'C21 H20 N2 O5'
#
# COMPACT_ATOMS: atom_id res chain seq x y z
N MET A 1 78.52 -9.38 17.98
CA MET A 1 77.10 -9.22 18.31
C MET A 1 76.22 -9.96 17.30
N ARG A 2 75.18 -10.61 17.80
CA ARG A 2 74.32 -11.46 16.98
C ARG A 2 72.86 -11.03 17.19
N GLU A 3 72.48 -9.87 16.65
CA GLU A 3 71.13 -9.33 16.85
C GLU A 3 70.06 -10.17 16.14
N CYS A 4 68.91 -10.32 16.80
CA CYS A 4 67.69 -10.88 16.23
C CYS A 4 66.55 -9.88 16.34
N ILE A 5 65.77 -9.76 15.27
CA ILE A 5 64.63 -8.86 15.20
C ILE A 5 63.34 -9.68 15.26
N SER A 6 62.46 -9.32 16.20
CA SER A 6 61.20 -10.03 16.39
C SER A 6 60.07 -9.27 15.72
N ILE A 7 59.24 -9.99 14.97
CA ILE A 7 58.12 -9.41 14.24
C ILE A 7 56.85 -10.11 14.72
N HIS A 8 55.87 -9.32 15.11
CA HIS A 8 54.63 -9.80 15.72
C HIS A 8 53.47 -9.33 14.85
N VAL A 9 52.74 -10.27 14.25
CA VAL A 9 51.75 -9.96 13.22
C VAL A 9 50.39 -10.47 13.67
N GLY A 10 49.41 -9.57 13.76
CA GLY A 10 48.06 -9.95 14.12
C GLY A 10 47.90 -10.04 15.63
N GLN A 11 46.66 -10.28 16.05
CA GLN A 11 46.35 -10.25 17.47
C GLN A 11 47.14 -11.30 18.24
N ALA A 12 47.09 -12.55 17.79
CA ALA A 12 47.79 -13.62 18.50
C ALA A 12 49.27 -13.32 18.59
N GLY A 13 49.88 -12.90 17.47
CA GLY A 13 51.30 -12.60 17.47
C GLY A 13 51.67 -11.43 18.34
N VAL A 14 50.77 -10.43 18.42
CA VAL A 14 51.06 -9.28 19.27
C VAL A 14 50.89 -9.63 20.75
N GLN A 15 49.79 -10.32 21.11
CA GLN A 15 49.56 -10.60 22.52
C GLN A 15 50.56 -11.60 23.07
N ILE A 16 51.04 -12.52 22.23
CA ILE A 16 52.11 -13.41 22.66
C ILE A 16 53.44 -12.66 22.75
N GLY A 17 53.69 -11.75 21.80
CA GLY A 17 54.83 -10.83 21.93
C GLY A 17 54.86 -10.10 23.26
N ASN A 18 53.70 -9.56 23.67
CA ASN A 18 53.62 -8.92 24.99
C ASN A 18 54.10 -9.86 26.08
N ALA A 19 53.58 -11.09 26.10
CA ALA A 19 53.99 -12.05 27.12
C ALA A 19 55.50 -12.35 27.04
N CYS A 20 56.06 -12.42 25.83
CA CYS A 20 57.48 -12.76 25.73
C CYS A 20 58.36 -11.60 26.22
N TRP A 21 58.11 -10.39 25.72
CA TRP A 21 58.95 -9.25 26.09
C TRP A 21 58.84 -8.94 27.59
N GLU A 22 57.65 -9.12 28.16
CA GLU A 22 57.53 -9.01 29.62
C GLU A 22 58.43 -10.03 30.32
N LEU A 23 58.44 -11.28 29.84
CA LEU A 23 59.24 -12.29 30.52
C LEU A 23 60.74 -12.06 30.29
N TYR A 24 61.14 -11.65 29.08
CA TYR A 24 62.55 -11.30 28.85
C TYR A 24 63.01 -10.21 29.79
N CYS A 25 62.18 -9.18 29.98
CA CYS A 25 62.51 -8.08 30.87
C CYS A 25 62.70 -8.59 32.29
N LEU A 26 61.89 -9.54 32.72
CA LEU A 26 62.08 -10.11 34.06
C LEU A 26 63.33 -10.98 34.12
N GLU A 27 63.69 -11.66 33.03
CA GLU A 27 64.87 -12.51 33.04
C GLU A 27 66.15 -11.70 33.03
N HIS A 28 66.13 -10.52 32.42
CA HIS A 28 67.33 -9.68 32.29
C HIS A 28 67.37 -8.54 33.29
N GLY A 29 66.33 -8.35 34.09
CA GLY A 29 66.31 -7.23 35.02
C GLY A 29 66.03 -5.89 34.38
N ILE A 30 65.30 -5.88 33.28
CA ILE A 30 64.89 -4.63 32.63
C ILE A 30 63.53 -4.23 33.22
N GLN A 31 63.48 -3.04 33.81
CA GLN A 31 62.27 -2.53 34.39
C GLN A 31 61.29 -2.11 33.28
N PRO A 32 60.01 -1.90 33.62
CA PRO A 32 59.05 -1.48 32.58
C PRO A 32 59.38 -0.13 31.94
N ASP A 33 60.07 0.77 32.64
CA ASP A 33 60.46 2.04 32.04
C ASP A 33 61.63 1.93 31.08
N GLY A 34 62.24 0.74 30.96
CA GLY A 34 63.39 0.53 30.11
C GLY A 34 64.73 0.54 30.83
N GLN A 35 64.77 0.98 32.08
CA GLN A 35 66.03 1.11 32.81
C GLN A 35 66.51 -0.25 33.32
N MET A 36 67.81 -0.34 33.62
CA MET A 36 68.45 -1.57 34.04
C MET A 36 69.69 -1.30 34.90
N PRO A 37 69.78 -1.87 36.12
CA PRO A 37 70.97 -1.76 36.98
C PRO A 37 72.18 -2.60 36.52
N ASP A 46 77.30 -10.45 31.75
CA ASP A 46 76.71 -11.08 30.57
C ASP A 46 75.97 -10.04 29.73
N ASP A 47 76.51 -9.73 28.54
CA ASP A 47 75.96 -8.73 27.63
C ASP A 47 75.13 -9.34 26.50
N SER A 48 74.82 -10.64 26.57
CA SER A 48 74.13 -11.28 25.46
C SER A 48 72.74 -10.74 25.25
N PHE A 49 72.13 -10.12 26.25
CA PHE A 49 70.77 -9.57 26.10
C PHE A 49 70.69 -8.53 24.99
N ASN A 50 71.82 -7.96 24.58
CA ASN A 50 71.82 -6.97 23.51
C ASN A 50 71.42 -7.56 22.16
N THR A 51 71.38 -8.89 22.02
CA THR A 51 70.90 -9.47 20.78
C THR A 51 69.43 -9.21 20.59
N PHE A 52 68.69 -8.99 21.67
CA PHE A 52 67.26 -8.72 21.61
C PHE A 52 66.87 -7.31 22.03
N PHE A 53 67.76 -6.54 22.68
CA PHE A 53 67.47 -5.17 23.10
C PHE A 53 68.54 -4.22 22.58
N SER A 54 68.11 -3.11 21.98
CA SER A 54 69.02 -2.02 21.71
C SER A 54 69.08 -1.09 22.91
N GLU A 55 69.82 0.01 22.79
CA GLU A 55 69.91 0.97 23.88
C GLU A 55 69.91 2.37 23.30
N THR A 56 69.18 3.27 23.96
CA THR A 56 69.04 4.66 23.51
C THR A 56 69.99 5.56 24.30
N GLY A 57 70.15 6.79 23.79
CA GLY A 57 71.02 7.77 24.45
C GLY A 57 70.57 8.16 25.85
N ALA A 58 69.37 7.78 26.25
CA ALA A 58 68.90 8.06 27.61
C ALA A 58 69.18 6.90 28.55
N GLY A 59 69.78 5.82 28.05
CA GLY A 59 70.00 4.62 28.84
C GLY A 59 68.87 3.62 28.83
N LYS A 60 67.88 3.79 27.95
CA LYS A 60 66.74 2.88 27.90
C LYS A 60 67.02 1.70 26.96
N HIS A 61 66.59 0.51 27.38
CA HIS A 61 66.76 -0.70 26.59
C HIS A 61 65.45 -1.01 25.87
N VAL A 62 65.55 -1.18 24.56
CA VAL A 62 64.40 -1.14 23.65
C VAL A 62 64.39 -2.45 22.88
N PRO A 63 63.37 -3.28 23.05
CA PRO A 63 63.18 -4.46 22.19
C PRO A 63 63.46 -4.22 20.70
N ARG A 64 64.22 -5.11 20.07
CA ARG A 64 64.35 -5.10 18.60
C ARG A 64 63.11 -5.78 18.04
N ALA A 65 62.01 -5.03 18.03
CA ALA A 65 60.73 -5.62 17.68
C ALA A 65 59.87 -4.63 16.92
N VAL A 66 59.09 -5.16 15.98
CA VAL A 66 58.02 -4.43 15.31
C VAL A 66 56.73 -5.21 15.50
N PHE A 67 55.65 -4.49 15.80
CA PHE A 67 54.32 -5.06 15.96
C PHE A 67 53.45 -4.55 14.83
N VAL A 68 52.75 -5.46 14.17
CA VAL A 68 51.87 -5.10 13.05
C VAL A 68 50.51 -5.71 13.34
N ASP A 69 49.49 -4.86 13.42
CA ASP A 69 48.11 -5.34 13.48
C ASP A 69 47.22 -4.26 12.90
N LEU A 70 46.38 -4.63 11.94
CA LEU A 70 45.61 -3.65 11.16
C LEU A 70 44.38 -3.16 11.93
N GLU A 71 44.34 -3.39 13.23
CA GLU A 71 43.23 -3.01 14.07
C GLU A 71 43.83 -2.35 15.30
N PRO A 72 43.46 -1.11 15.62
CA PRO A 72 44.22 -0.37 16.65
C PRO A 72 43.99 -0.86 18.06
N THR A 73 42.99 -1.70 18.30
CA THR A 73 42.63 -2.08 19.66
C THR A 73 43.75 -2.86 20.34
N VAL A 74 44.35 -3.81 19.63
CA VAL A 74 45.33 -4.70 20.26
C VAL A 74 46.64 -3.96 20.48
N ILE A 75 47.11 -3.25 19.45
CA ILE A 75 48.34 -2.48 19.61
C ILE A 75 48.13 -1.32 20.59
N ASP A 76 46.90 -0.83 20.74
CA ASP A 76 46.67 0.20 21.75
C ASP A 76 46.90 -0.33 23.15
N GLU A 77 46.71 -1.63 23.38
CA GLU A 77 47.14 -2.22 24.64
C GLU A 77 48.60 -1.89 24.90
N VAL A 78 49.47 -2.31 23.97
CA VAL A 78 50.90 -2.04 24.05
C VAL A 78 51.17 -0.56 24.34
N ARG A 79 50.51 0.34 23.62
CA ARG A 79 50.78 1.77 23.77
C ARG A 79 50.49 2.26 25.17
N THR A 80 49.49 1.69 25.83
CA THR A 80 49.10 2.11 27.16
C THR A 80 49.36 1.04 28.21
N GLY A 81 50.08 -0.02 27.84
CA GLY A 81 50.29 -1.15 28.72
C GLY A 81 51.27 -0.87 29.85
N THR A 82 51.64 -1.96 30.52
CA THR A 82 52.60 -1.87 31.62
C THR A 82 54.01 -1.59 31.10
N TYR A 83 54.36 -2.23 29.98
CA TYR A 83 55.67 -2.07 29.35
C TYR A 83 55.62 -1.07 28.19
N ARG A 84 54.73 -0.07 28.27
CA ARG A 84 54.53 0.85 27.15
C ARG A 84 55.78 1.69 26.87
N GLN A 85 56.53 2.06 27.92
CA GLN A 85 57.73 2.87 27.74
C GLN A 85 58.87 2.12 27.08
N LEU A 86 58.78 0.78 26.97
CA LEU A 86 59.82 0.02 26.30
C LEU A 86 59.86 0.30 24.81
N PHE A 87 58.72 0.64 24.23
CA PHE A 87 58.55 0.71 22.79
C PHE A 87 58.43 2.15 22.32
N HIS A 88 59.01 2.43 21.18
CA HIS A 88 58.93 3.67 20.42
C HIS A 88 57.80 3.57 19.41
N PRO A 89 57.11 4.69 19.16
CA PRO A 89 55.89 4.64 18.32
C PRO A 89 56.08 4.00 16.95
N GLU A 90 57.22 4.25 16.29
CA GLU A 90 57.47 3.67 14.97
C GLU A 90 57.70 2.16 15.01
N GLN A 91 57.69 1.51 16.18
CA GLN A 91 57.70 0.06 16.24
C GLN A 91 56.30 -0.55 16.17
N LEU A 92 55.26 0.27 16.31
CA LEU A 92 53.87 -0.16 16.46
C LEU A 92 53.12 0.27 15.20
N ILE A 93 52.72 -0.68 14.37
CA ILE A 93 52.10 -0.37 13.09
C ILE A 93 50.67 -0.87 13.10
N THR A 94 49.70 0.06 12.99
CA THR A 94 48.27 -0.27 12.92
C THR A 94 47.64 0.30 11.65
N GLY A 95 46.38 -0.05 11.45
CA GLY A 95 45.56 0.48 10.39
C GLY A 95 44.19 0.74 10.98
N LYS A 96 43.14 0.77 10.16
CA LYS A 96 41.80 0.94 10.70
C LYS A 96 41.00 -0.35 10.70
N GLU A 97 41.20 -1.19 9.69
CA GLU A 97 40.30 -2.26 9.32
C GLU A 97 41.12 -3.54 9.24
N ASP A 98 40.77 -4.56 10.03
CA ASP A 98 41.57 -5.77 9.98
C ASP A 98 41.17 -6.60 8.76
N ALA A 99 41.73 -7.79 8.68
CA ALA A 99 41.52 -8.66 7.54
C ALA A 99 40.23 -9.46 7.64
N ALA A 100 39.44 -9.25 8.69
CA ALA A 100 38.13 -9.89 8.82
C ALA A 100 38.23 -11.40 8.64
N ASN A 101 39.26 -12.01 9.24
CA ASN A 101 39.47 -13.46 9.27
C ASN A 101 39.71 -14.04 7.88
N ASN A 102 40.16 -13.20 6.94
CA ASN A 102 40.21 -13.56 5.53
C ASN A 102 41.65 -13.42 5.05
N TYR A 103 42.28 -14.56 4.75
CA TYR A 103 43.66 -14.55 4.30
C TYR A 103 43.84 -13.66 3.07
N ALA A 104 42.90 -13.73 2.12
CA ALA A 104 43.04 -12.92 0.91
C ALA A 104 43.03 -11.43 1.24
N ARG A 105 42.16 -11.00 2.17
CA ARG A 105 42.15 -9.60 2.58
C ARG A 105 43.47 -9.20 3.24
N GLY A 106 44.01 -10.07 4.10
CA GLY A 106 45.27 -9.74 4.74
C GLY A 106 46.43 -9.74 3.76
N HIS A 107 46.45 -10.70 2.82
CA HIS A 107 47.59 -10.86 1.93
C HIS A 107 47.56 -9.85 0.80
N TYR A 108 46.45 -9.75 0.08
CA TYR A 108 46.39 -8.94 -1.13
C TYR A 108 45.84 -7.53 -0.90
N THR A 109 44.68 -7.42 -0.26
CA THR A 109 44.02 -6.12 -0.12
C THR A 109 44.79 -5.20 0.82
N ILE A 110 45.13 -5.66 2.01
CA ILE A 110 45.89 -4.78 2.90
C ILE A 110 47.39 -5.01 2.78
N GLY A 111 47.83 -6.25 2.57
CA GLY A 111 49.23 -6.52 2.32
C GLY A 111 49.85 -5.53 1.35
N LYS A 112 49.22 -5.35 0.19
CA LYS A 112 49.73 -4.40 -0.78
C LYS A 112 49.73 -2.96 -0.23
N GLU A 113 48.92 -2.68 0.80
CA GLU A 113 48.81 -1.31 1.32
C GLU A 113 49.91 -0.98 2.31
N ILE A 114 50.32 -1.94 3.14
CA ILE A 114 51.18 -1.66 4.29
C ILE A 114 52.55 -2.30 4.19
N ILE A 115 52.81 -3.14 3.18
CA ILE A 115 54.02 -3.97 3.19
C ILE A 115 55.27 -3.09 3.18
N ASP A 116 55.26 -2.00 2.38
CA ASP A 116 56.42 -1.12 2.29
C ASP A 116 56.65 -0.34 3.57
N LEU A 117 55.58 0.12 4.21
CA LEU A 117 55.69 0.74 5.52
C LEU A 117 56.32 -0.21 6.53
N VAL A 118 55.88 -1.48 6.53
CA VAL A 118 56.40 -2.45 7.48
C VAL A 118 57.86 -2.77 7.20
N LEU A 119 58.21 -3.01 5.94
CA LEU A 119 59.60 -3.28 5.61
C LEU A 119 60.48 -2.07 5.90
N ASP A 120 59.92 -0.86 5.84
CA ASP A 120 60.72 0.32 6.16
C ASP A 120 61.05 0.37 7.65
N ARG A 121 60.10 -0.03 8.51
CA ARG A 121 60.39 -0.05 9.93
C ARG A 121 61.38 -1.16 10.28
N ILE A 122 61.19 -2.36 9.72
CA ILE A 122 62.14 -3.44 9.92
C ILE A 122 63.54 -3.00 9.49
N ARG A 123 63.63 -2.32 8.34
CA ARG A 123 64.92 -1.85 7.87
C ARG A 123 65.57 -0.85 8.82
N LYS A 124 64.78 -0.01 9.50
CA LYS A 124 65.38 0.89 10.48
C LYS A 124 65.99 0.09 11.62
N LEU A 125 65.31 -0.98 12.06
CA LEU A 125 65.87 -1.84 13.09
C LEU A 125 67.13 -2.53 12.59
N ALA A 126 67.09 -3.06 11.35
CA ALA A 126 68.21 -3.82 10.81
C ALA A 126 69.46 -2.96 10.63
N ASP A 127 69.27 -1.67 10.32
CA ASP A 127 70.39 -0.74 10.21
C ASP A 127 71.10 -0.48 11.53
N GLN A 128 70.47 -0.80 12.65
CA GLN A 128 71.12 -0.69 13.95
C GLN A 128 71.95 -1.92 14.30
N CYS A 129 71.92 -2.97 13.48
CA CYS A 129 72.62 -4.21 13.81
C CYS A 129 73.97 -4.27 13.10
N THR A 130 74.99 -4.71 13.83
CA THR A 130 76.29 -4.98 13.22
C THR A 130 76.41 -6.41 12.72
N GLY A 131 75.51 -7.30 13.12
CA GLY A 131 75.62 -8.70 12.75
C GLY A 131 74.27 -9.40 12.86
N LEU A 132 73.29 -8.87 12.14
CA LEU A 132 71.92 -9.38 12.19
C LEU A 132 71.86 -10.86 11.82
N GLN A 133 71.26 -11.67 12.71
CA GLN A 133 71.11 -13.08 12.37
C GLN A 133 69.90 -13.33 11.49
N GLY A 134 68.83 -12.62 11.75
CA GLY A 134 67.57 -12.90 11.08
C GLY A 134 66.41 -12.51 11.97
N PHE A 135 65.27 -13.16 11.71
CA PHE A 135 63.99 -12.70 12.21
C PHE A 135 63.25 -13.83 12.92
N LEU A 136 62.51 -13.46 13.96
CA LEU A 136 61.65 -14.35 14.72
C LEU A 136 60.23 -13.82 14.53
N VAL A 137 59.41 -14.57 13.79
CA VAL A 137 58.13 -14.09 13.29
C VAL A 137 57.02 -14.84 14.01
N PHE A 138 56.17 -14.09 14.73
CA PHE A 138 55.10 -14.60 15.57
C PHE A 138 53.75 -14.28 14.93
N HIS A 139 52.91 -15.29 14.74
CA HIS A 139 51.65 -15.07 14.03
C HIS A 139 50.74 -16.27 14.19
N SER A 140 49.44 -16.04 14.01
CA SER A 140 48.48 -17.13 13.98
C SER A 140 48.38 -17.75 12.60
N PHE A 141 48.09 -19.05 12.56
CA PHE A 141 47.62 -19.67 11.32
C PHE A 141 46.23 -19.18 10.94
N GLY A 142 45.39 -18.89 11.93
CA GLY A 142 43.97 -18.76 11.67
C GLY A 142 43.44 -17.38 11.32
N GLY A 143 44.13 -16.32 11.73
CA GLY A 143 43.65 -14.99 11.44
C GLY A 143 43.92 -14.56 10.01
N GLY A 144 43.13 -13.59 9.53
CA GLY A 144 43.39 -13.04 8.21
C GLY A 144 44.70 -12.28 8.15
N THR A 145 44.98 -11.47 9.16
CA THR A 145 46.26 -10.76 9.22
C THR A 145 47.39 -11.72 9.52
N GLY A 146 47.26 -12.51 10.57
CA GLY A 146 48.32 -13.42 10.96
C GLY A 146 48.70 -14.36 9.85
N SER A 147 47.72 -14.81 9.06
CA SER A 147 48.04 -15.75 7.99
C SER A 147 48.44 -15.02 6.71
N GLY A 148 47.62 -14.04 6.33
CA GLY A 148 47.76 -13.42 5.02
C GLY A 148 48.88 -12.39 4.97
N PHE A 149 48.97 -11.51 5.96
CA PHE A 149 50.05 -10.53 5.90
C PHE A 149 51.40 -11.18 6.16
N THR A 150 51.47 -12.13 7.10
CA THR A 150 52.73 -12.78 7.39
C THR A 150 53.33 -13.41 6.15
N SER A 151 52.50 -14.10 5.36
CA SER A 151 53.05 -14.79 4.19
C SER A 151 53.58 -13.81 3.15
N LEU A 152 52.93 -12.64 3.00
CA LEU A 152 53.51 -11.61 2.13
C LEU A 152 54.83 -11.10 2.71
N LEU A 153 54.86 -10.86 4.01
CA LEU A 153 56.06 -10.34 4.66
C LEU A 153 57.23 -11.31 4.48
N MET A 154 57.00 -12.61 4.72
CA MET A 154 58.07 -13.60 4.58
C MET A 154 58.62 -13.63 3.16
N GLU A 155 57.75 -13.50 2.15
CA GLU A 155 58.21 -13.39 0.77
C GLU A 155 59.12 -12.19 0.60
N ARG A 156 58.77 -11.06 1.23
CA ARG A 156 59.58 -9.86 1.04
C ARG A 156 60.87 -9.94 1.83
N LEU A 157 60.85 -10.58 3.00
CA LEU A 157 62.08 -10.74 3.77
C LEU A 157 63.09 -11.63 3.04
N SER A 158 62.61 -12.63 2.30
CA SER A 158 63.52 -13.43 1.47
C SER A 158 64.16 -12.59 0.39
N VAL A 159 63.43 -11.61 -0.14
CA VAL A 159 63.98 -10.73 -1.17
C VAL A 159 64.99 -9.76 -0.57
N ASP A 160 64.61 -9.10 0.53
CA ASP A 160 65.42 -8.03 1.10
C ASP A 160 66.52 -8.55 2.02
N TYR A 161 66.43 -9.79 2.49
CA TYR A 161 67.40 -10.36 3.44
C TYR A 161 67.79 -11.78 3.03
N GLY A 162 68.31 -11.93 1.80
CA GLY A 162 68.44 -13.25 1.19
C GLY A 162 69.09 -14.29 2.10
N LYS A 163 70.20 -13.94 2.74
CA LYS A 163 70.96 -14.92 3.50
C LYS A 163 70.72 -14.84 5.00
N LYS A 164 69.53 -14.39 5.42
CA LYS A 164 69.23 -14.27 6.83
C LYS A 164 68.23 -15.34 7.26
N SER A 165 68.41 -15.87 8.47
CA SER A 165 67.51 -16.89 8.97
C SER A 165 66.16 -16.30 9.32
N LYS A 166 65.10 -17.06 9.06
CA LYS A 166 63.76 -16.71 9.51
C LYS A 166 63.18 -17.88 10.30
N LEU A 167 62.89 -17.63 11.57
CA LEU A 167 62.21 -18.56 12.46
C LEU A 167 60.79 -18.06 12.73
N GLU A 168 59.82 -18.97 12.72
CA GLU A 168 58.45 -18.64 13.10
C GLU A 168 58.00 -19.36 14.37
N PHE A 169 57.12 -18.68 15.09
CA PHE A 169 56.32 -19.27 16.14
C PHE A 169 54.88 -19.07 15.69
N SER A 170 54.21 -20.16 15.33
CA SER A 170 52.93 -20.14 14.64
C SER A 170 51.87 -20.74 15.54
N ILE A 171 50.77 -20.03 15.74
CA ILE A 171 49.70 -20.52 16.59
C ILE A 171 48.77 -21.34 15.71
N TYR A 172 48.69 -22.60 16.01
CA TYR A 172 47.90 -23.57 15.28
C TYR A 172 46.48 -23.60 15.85
N PRO A 173 45.45 -23.55 15.01
CA PRO A 173 44.09 -23.33 15.52
C PRO A 173 43.52 -24.51 16.29
N ALA A 174 42.62 -24.20 17.20
CA ALA A 174 41.92 -25.18 18.00
C ALA A 174 40.45 -24.78 18.11
N PRO A 175 39.52 -25.72 17.91
CA PRO A 175 38.09 -25.40 18.12
C PRO A 175 37.76 -24.84 19.50
N GLN A 176 38.41 -25.33 20.55
CA GLN A 176 38.14 -24.82 21.89
C GLN A 176 38.36 -23.32 21.96
N VAL A 177 39.54 -22.89 21.55
CA VAL A 177 39.89 -21.48 21.56
C VAL A 177 39.06 -20.76 20.50
N SER A 178 38.84 -19.47 20.72
CA SER A 178 38.02 -18.68 19.81
C SER A 178 38.54 -18.85 18.40
N THR A 179 37.67 -19.29 17.50
CA THR A 179 38.16 -19.75 16.21
C THR A 179 37.08 -19.57 15.16
N ALA A 180 37.43 -18.83 14.09
CA ALA A 180 36.56 -18.63 12.94
C ALA A 180 36.45 -19.91 12.10
N VAL A 181 35.35 -20.00 11.34
CA VAL A 181 35.08 -21.22 10.59
C VAL A 181 36.05 -21.39 9.42
N VAL A 182 36.70 -20.32 8.98
CA VAL A 182 37.58 -20.40 7.82
C VAL A 182 39.03 -20.57 8.21
N GLU A 183 39.31 -20.76 9.50
CA GLU A 183 40.71 -20.92 9.91
C GLU A 183 41.44 -22.05 9.18
N PRO A 184 40.81 -23.19 8.83
CA PRO A 184 41.58 -24.19 8.07
C PRO A 184 41.99 -23.70 6.69
N TYR A 185 41.15 -22.94 6.00
CA TYR A 185 41.56 -22.29 4.77
C TYR A 185 42.80 -21.41 4.99
N ASN A 186 42.67 -20.43 5.88
CA ASN A 186 43.79 -19.51 6.11
C ASN A 186 45.05 -20.26 6.51
N SER A 187 44.90 -21.38 7.24
CA SER A 187 46.07 -22.11 7.71
C SER A 187 46.81 -22.75 6.55
N ILE A 188 46.08 -23.34 5.60
CA ILE A 188 46.76 -24.02 4.51
C ILE A 188 47.28 -23.00 3.50
N LEU A 189 46.57 -21.88 3.34
CA LEU A 189 47.03 -20.87 2.40
C LEU A 189 48.36 -20.27 2.86
N THR A 190 48.49 -19.96 4.17
CA THR A 190 49.71 -19.34 4.64
C THR A 190 50.86 -20.34 4.76
N THR A 191 50.55 -21.60 5.07
CA THR A 191 51.59 -22.63 5.08
C THR A 191 52.19 -22.82 3.69
N HIS A 192 51.33 -22.94 2.68
CA HIS A 192 51.80 -23.01 1.30
C HIS A 192 52.72 -21.85 0.96
N THR A 193 52.24 -20.61 1.14
CA THR A 193 53.00 -19.47 0.66
C THR A 193 54.32 -19.29 1.42
N THR A 194 54.35 -19.66 2.70
CA THR A 194 55.51 -19.41 3.55
C THR A 194 56.53 -20.53 3.53
N LEU A 195 56.14 -21.74 3.10
CA LEU A 195 56.97 -22.94 3.22
C LEU A 195 58.41 -22.70 2.74
N GLU A 196 58.56 -22.22 1.51
CA GLU A 196 59.88 -21.94 0.91
C GLU A 196 60.65 -20.84 1.63
N HIS A 197 60.04 -20.08 2.53
CA HIS A 197 60.67 -18.87 3.04
C HIS A 197 60.96 -18.92 4.53
N SER A 198 60.71 -20.03 5.19
CA SER A 198 61.00 -20.16 6.60
C SER A 198 62.07 -21.24 6.77
N ASP A 199 62.98 -21.04 7.71
CA ASP A 199 64.04 -22.01 7.93
C ASP A 199 63.68 -22.99 9.02
N CYS A 200 62.81 -22.59 9.93
CA CYS A 200 62.48 -23.36 11.11
C CYS A 200 61.26 -22.73 11.76
N ALA A 201 60.20 -23.51 11.92
CA ALA A 201 58.93 -23.01 12.39
C ALA A 201 58.48 -23.85 13.57
N PHE A 202 58.38 -23.24 14.76
CA PHE A 202 57.87 -23.92 15.95
C PHE A 202 56.37 -23.68 16.04
N MET A 203 55.58 -24.70 15.71
CA MET A 203 54.13 -24.60 15.81
C MET A 203 53.68 -24.72 17.26
N VAL A 204 52.65 -23.94 17.62
CA VAL A 204 52.06 -23.97 18.95
C VAL A 204 50.58 -24.29 18.77
N ASP A 205 50.20 -25.49 19.18
CA ASP A 205 48.82 -25.94 19.04
C ASP A 205 48.02 -25.38 20.20
N ASN A 206 47.05 -24.50 19.89
CA ASN A 206 46.27 -23.91 20.98
C ASN A 206 45.59 -24.98 21.81
N GLU A 207 45.27 -26.13 21.19
CA GLU A 207 44.56 -27.18 21.93
C GLU A 207 45.48 -27.86 22.93
N ALA A 208 46.74 -28.08 22.56
CA ALA A 208 47.71 -28.65 23.48
C ALA A 208 47.90 -27.74 24.68
N ILE A 209 48.14 -26.44 24.42
CA ILE A 209 48.37 -25.47 25.48
C ILE A 209 47.14 -25.35 26.38
N TYR A 210 45.95 -25.33 25.77
CA TYR A 210 44.72 -25.37 26.55
C TYR A 210 44.67 -26.61 27.44
N ASP A 211 45.09 -27.77 26.92
CA ASP A 211 45.05 -29.00 27.70
C ASP A 211 46.06 -28.98 28.84
N ILE A 212 47.25 -28.43 28.60
CA ILE A 212 48.26 -28.34 29.66
C ILE A 212 47.78 -27.43 30.81
N CYS A 213 47.18 -26.29 30.47
CA CYS A 213 46.71 -25.39 31.53
C CYS A 213 45.62 -26.03 32.38
N ARG A 214 44.63 -26.70 31.75
CA ARG A 214 43.55 -27.31 32.53
C ARG A 214 44.09 -28.39 33.47
N ARG A 215 44.91 -29.29 32.94
CA ARG A 215 45.38 -30.44 33.73
C ARG A 215 46.49 -30.04 34.69
N ASN A 216 47.52 -29.33 34.19
CA ASN A 216 48.68 -29.06 35.04
C ASN A 216 48.49 -27.87 35.95
N LEU A 217 47.69 -26.88 35.55
CA LEU A 217 47.52 -25.65 36.33
C LEU A 217 46.18 -25.55 37.03
N ASP A 218 45.27 -26.50 36.80
CA ASP A 218 43.92 -26.48 37.38
C ASP A 218 43.20 -25.18 37.04
N ILE A 219 43.07 -24.91 35.74
CA ILE A 219 42.28 -23.80 35.24
C ILE A 219 41.13 -24.37 34.42
N GLU A 220 39.91 -24.13 34.89
CA GLU A 220 38.73 -24.64 34.19
C GLU A 220 38.65 -24.12 32.75
N ARG A 221 38.70 -22.79 32.58
CA ARG A 221 38.67 -22.18 31.26
C ARG A 221 39.85 -21.24 31.06
N PRO A 222 40.99 -21.76 30.59
CA PRO A 222 42.16 -20.89 30.37
C PRO A 222 41.84 -19.73 29.43
N THR A 223 42.37 -18.55 29.77
CA THR A 223 42.28 -17.37 28.92
C THR A 223 43.49 -17.29 28.00
N TYR A 224 43.42 -16.34 27.06
CA TYR A 224 44.58 -16.04 26.23
C TYR A 224 45.80 -15.73 27.10
N THR A 225 45.59 -15.06 28.23
CA THR A 225 46.70 -14.77 29.13
C THR A 225 47.32 -16.05 29.70
N ASN A 226 46.48 -16.99 30.17
CA ASN A 226 46.98 -18.30 30.61
C ASN A 226 47.78 -18.98 29.52
N LEU A 227 47.25 -18.97 28.30
CA LEU A 227 47.96 -19.58 27.18
C LEU A 227 49.24 -18.83 26.86
N ASN A 228 49.17 -17.49 26.82
CA ASN A 228 50.34 -16.73 26.41
C ASN A 228 51.44 -16.80 27.46
N ARG A 229 51.06 -16.77 28.75
CA ARG A 229 52.05 -16.98 29.80
C ARG A 229 52.80 -18.30 29.61
N LEU A 230 52.08 -19.38 29.30
CA LEU A 230 52.74 -20.66 29.10
C LEU A 230 53.56 -20.67 27.81
N ILE A 231 53.03 -20.10 26.74
CA ILE A 231 53.80 -20.01 25.48
C ILE A 231 55.07 -19.20 25.69
N SER A 232 54.99 -18.13 26.49
CA SER A 232 56.18 -17.33 26.80
C SER A 232 57.30 -18.18 27.38
N GLN A 233 56.96 -19.10 28.30
CA GLN A 233 57.98 -19.96 28.89
C GLN A 233 58.66 -20.83 27.84
N ILE A 234 57.89 -21.31 26.84
CA ILE A 234 58.50 -22.15 25.82
C ILE A 234 59.40 -21.32 24.92
N VAL A 235 58.87 -20.19 24.44
CA VAL A 235 59.67 -19.28 23.62
C VAL A 235 60.94 -18.89 24.37
N SER A 236 60.80 -18.56 25.65
CA SER A 236 61.97 -18.20 26.46
C SER A 236 63.01 -19.32 26.43
N SER A 237 62.57 -20.56 26.62
CA SER A 237 63.50 -21.69 26.64
C SER A 237 64.23 -21.81 25.31
N ILE A 238 63.51 -21.60 24.20
CA ILE A 238 64.10 -21.69 22.87
C ILE A 238 65.09 -20.55 22.62
N THR A 239 64.78 -19.34 23.08
CA THR A 239 65.65 -18.19 22.84
C THR A 239 66.68 -17.95 23.96
N ALA A 240 66.66 -18.75 25.04
CA ALA A 240 67.48 -18.43 26.19
C ALA A 240 68.97 -18.47 25.89
N SER A 241 69.39 -19.36 24.98
CA SER A 241 70.81 -19.37 24.66
C SER A 241 71.19 -18.34 23.62
N LEU A 242 70.21 -17.60 23.07
CA LEU A 242 70.52 -16.42 22.27
C LEU A 242 70.69 -15.20 23.15
N ARG A 243 69.90 -15.11 24.23
CA ARG A 243 69.87 -13.93 25.09
C ARG A 243 70.85 -14.00 26.25
N PHE A 244 71.35 -15.18 26.59
CA PHE A 244 72.44 -15.38 27.53
C PHE A 244 73.59 -16.06 26.79
N ASP A 245 74.77 -16.06 27.42
CA ASP A 245 75.95 -16.69 26.80
C ASP A 245 75.92 -18.20 27.03
N GLY A 246 75.08 -18.89 26.26
CA GLY A 246 74.90 -20.32 26.38
C GLY A 246 75.84 -21.11 25.47
N ALA A 247 75.57 -22.41 25.35
CA ALA A 247 76.45 -23.27 24.59
C ALA A 247 75.77 -24.03 23.47
N LEU A 248 74.45 -24.14 23.48
CA LEU A 248 73.72 -24.84 22.43
C LEU A 248 72.70 -23.90 21.82
N ASN A 249 72.60 -23.90 20.48
CA ASN A 249 71.71 -22.98 19.74
C ASN A 249 72.08 -21.52 20.03
N VAL A 250 73.35 -21.18 19.80
CA VAL A 250 73.88 -19.85 20.12
C VAL A 250 73.76 -18.88 18.95
N ASP A 251 73.28 -19.33 17.78
CA ASP A 251 72.82 -18.42 16.73
C ASP A 251 71.73 -19.12 15.92
N LEU A 252 70.96 -18.32 15.17
CA LEU A 252 69.76 -18.85 14.52
C LEU A 252 70.10 -19.94 13.51
N THR A 253 71.22 -19.79 12.83
CA THR A 253 71.70 -20.80 11.89
C THR A 253 71.81 -22.18 12.54
N GLU A 254 72.22 -22.21 13.81
CA GLU A 254 72.37 -23.47 14.51
C GLU A 254 71.04 -24.18 14.74
N PHE A 255 69.91 -23.47 14.62
CA PHE A 255 68.62 -24.13 14.76
C PHE A 255 68.35 -25.08 13.60
N GLN A 256 68.59 -24.62 12.36
CA GLN A 256 68.41 -25.51 11.22
C GLN A 256 69.50 -26.57 11.18
N THR A 257 70.72 -26.23 11.60
CA THR A 257 71.79 -27.23 11.70
C THR A 257 71.39 -28.39 12.60
N ASN A 258 70.80 -28.10 13.77
CA ASN A 258 70.56 -29.14 14.76
C ASN A 258 69.18 -29.79 14.64
N LEU A 259 68.22 -29.17 13.97
CA LEU A 259 66.86 -29.70 13.94
C LEU A 259 66.31 -29.93 12.54
N VAL A 260 66.90 -29.35 11.50
CA VAL A 260 66.30 -29.37 10.18
C VAL A 260 67.23 -30.04 9.18
N PRO A 261 67.26 -31.37 9.13
CA PRO A 261 68.08 -32.05 8.11
C PRO A 261 67.56 -31.83 6.71
N TYR A 262 66.25 -31.69 6.53
CA TYR A 262 65.61 -31.44 5.25
C TYR A 262 64.84 -30.13 5.29
N PRO A 263 65.01 -29.27 4.30
CA PRO A 263 64.47 -27.90 4.43
C PRO A 263 62.97 -27.82 4.52
N ARG A 264 62.21 -28.64 3.78
CA ARG A 264 60.75 -28.60 3.93
C ARG A 264 60.32 -29.14 5.27
N ILE A 265 61.05 -30.10 5.82
CA ILE A 265 60.68 -30.75 7.06
C ILE A 265 61.22 -29.90 8.20
N HIS A 266 60.75 -28.66 8.31
CA HIS A 266 61.36 -27.72 9.24
C HIS A 266 60.41 -27.36 10.38
N PHE A 267 59.63 -28.33 10.85
CA PHE A 267 58.62 -28.11 11.88
C PHE A 267 58.94 -28.96 13.10
N PRO A 268 59.81 -28.51 14.00
CA PRO A 268 60.11 -29.30 15.20
C PRO A 268 58.95 -29.31 16.20
N LEU A 269 58.86 -30.42 16.92
CA LEU A 269 57.96 -30.57 18.05
C LEU A 269 58.63 -30.06 19.32
N ALA A 270 57.95 -29.21 20.07
CA ALA A 270 58.46 -28.74 21.35
C ALA A 270 57.70 -29.39 22.48
N THR A 271 58.43 -29.93 23.46
CA THR A 271 57.89 -30.51 24.67
C THR A 271 58.51 -29.78 25.84
N TYR A 272 57.71 -29.48 26.88
CA TYR A 272 58.16 -28.64 27.97
C TYR A 272 57.73 -29.20 29.33
N ALA A 273 58.64 -29.16 30.30
CA ALA A 273 58.34 -29.57 31.67
C ALA A 273 59.32 -28.90 32.63
N PRO A 274 58.92 -28.62 33.87
CA PRO A 274 57.58 -28.87 34.41
C PRO A 274 56.65 -27.65 34.42
N VAL A 275 55.36 -27.88 34.23
CA VAL A 275 54.33 -26.87 34.41
C VAL A 275 53.64 -27.19 35.72
N ILE A 276 53.88 -26.36 36.73
CA ILE A 276 53.39 -26.57 38.08
C ILE A 276 52.53 -25.39 38.48
N SER A 277 51.47 -25.64 39.23
CA SER A 277 50.52 -24.60 39.63
C SER A 277 51.10 -23.74 40.75
N ALA A 278 50.98 -22.42 40.60
CA ALA A 278 51.40 -21.49 41.65
C ALA A 278 50.56 -21.67 42.91
N GLU A 279 49.25 -21.93 42.74
CA GLU A 279 48.40 -22.26 43.89
C GLU A 279 48.93 -23.47 44.64
N LYS A 280 49.35 -24.50 43.90
CA LYS A 280 49.79 -25.75 44.48
C LYS A 280 51.12 -25.60 45.21
N HIS A 283 55.27 -28.72 48.07
CA HIS A 283 55.96 -28.31 46.85
C HIS A 283 57.30 -29.03 46.67
N GLU A 284 57.23 -30.33 46.37
CA GLU A 284 58.42 -31.09 45.99
C GLU A 284 59.04 -30.51 44.72
N GLN A 285 60.37 -30.37 44.71
CA GLN A 285 61.07 -29.95 43.49
C GLN A 285 61.41 -31.18 42.66
N LEU A 286 61.00 -31.16 41.40
CA LEU A 286 61.20 -32.32 40.54
C LEU A 286 62.67 -32.52 40.20
N SER A 287 63.06 -33.79 40.07
CA SER A 287 64.41 -34.21 39.74
C SER A 287 64.70 -34.00 38.26
N VAL A 288 65.98 -34.14 37.90
CA VAL A 288 66.36 -34.15 36.49
C VAL A 288 65.73 -35.36 35.80
N ALA A 289 65.67 -36.50 36.48
CA ALA A 289 65.04 -37.68 35.87
C ALA A 289 63.56 -37.42 35.58
N GLU A 290 62.82 -36.86 36.54
CA GLU A 290 61.39 -36.68 36.35
C GLU A 290 61.11 -35.73 35.18
N ILE A 291 61.77 -34.57 35.13
CA ILE A 291 61.44 -33.64 34.06
C ILE A 291 61.92 -34.20 32.72
N THR A 292 63.00 -34.98 32.72
CA THR A 292 63.44 -35.64 31.49
C THR A 292 62.43 -36.71 31.06
N ASN A 293 61.91 -37.50 32.00
CA ASN A 293 60.82 -38.41 31.67
C ASN A 293 59.66 -37.65 31.03
N ALA A 294 59.33 -36.47 31.58
CA ALA A 294 58.19 -35.70 31.09
C ALA A 294 58.36 -35.24 29.65
N CYS A 295 59.60 -35.19 29.15
CA CYS A 295 59.82 -34.77 27.76
C CYS A 295 59.36 -35.83 26.76
N PHE A 296 59.17 -37.06 27.21
CA PHE A 296 58.73 -38.13 26.34
C PHE A 296 57.30 -38.54 26.68
N GLU A 297 56.52 -37.58 27.20
CA GLU A 297 55.11 -37.76 27.42
C GLU A 297 54.33 -36.84 26.50
N PRO A 298 53.52 -37.40 25.59
CA PRO A 298 52.78 -36.56 24.63
C PRO A 298 51.87 -35.54 25.29
N ALA A 299 51.43 -35.76 26.53
CA ALA A 299 50.61 -34.76 27.21
C ALA A 299 51.34 -33.45 27.42
N ASN A 300 52.66 -33.42 27.26
CA ASN A 300 53.44 -32.20 27.46
C ASN A 300 53.94 -31.61 26.14
N GLN A 301 53.53 -32.16 25.00
CA GLN A 301 53.90 -31.59 23.71
C GLN A 301 53.10 -30.31 23.43
N MET A 302 53.67 -29.45 22.58
CA MET A 302 52.97 -28.22 22.18
C MET A 302 52.16 -28.37 20.90
N VAL A 303 52.32 -29.47 20.19
CA VAL A 303 51.43 -29.86 19.09
C VAL A 303 50.91 -31.25 19.40
N LYS A 304 49.60 -31.46 19.23
CA LYS A 304 49.07 -32.79 19.49
C LYS A 304 49.41 -33.71 18.33
N CYS A 305 50.16 -34.76 18.63
CA CYS A 305 50.50 -35.85 17.71
C CYS A 305 51.14 -36.97 18.52
N ASP A 306 51.19 -38.16 17.92
CA ASP A 306 51.72 -39.35 18.59
C ASP A 306 53.10 -39.69 18.04
N PRO A 307 54.19 -39.47 18.79
CA PRO A 307 55.54 -39.77 18.25
C PRO A 307 55.78 -41.23 18.00
N ARG A 308 54.97 -42.13 18.58
CA ARG A 308 55.03 -43.55 18.22
C ARG A 308 54.70 -43.76 16.75
N HIS A 309 53.97 -42.84 16.13
CA HIS A 309 53.62 -42.92 14.72
C HIS A 309 54.64 -42.27 13.81
N GLY A 310 55.82 -41.98 14.31
CA GLY A 310 56.81 -41.33 13.47
C GLY A 310 58.22 -41.74 13.84
N LYS A 311 59.18 -41.12 13.17
CA LYS A 311 60.60 -41.33 13.45
C LYS A 311 61.26 -40.00 13.67
N TYR A 312 62.22 -39.99 14.58
CA TYR A 312 62.96 -38.77 14.86
C TYR A 312 64.05 -38.57 13.81
N MET A 313 64.29 -37.30 13.48
CA MET A 313 65.41 -36.87 12.67
C MET A 313 66.44 -36.13 13.48
N ALA A 314 66.07 -35.65 14.66
CA ALA A 314 66.89 -34.76 15.46
C ALA A 314 66.20 -34.57 16.80
N CYS A 315 66.99 -34.31 17.83
CA CYS A 315 66.45 -34.21 19.18
C CYS A 315 67.41 -33.42 20.04
N CYS A 316 66.94 -32.30 20.59
CA CYS A 316 67.72 -31.45 21.48
C CYS A 316 67.02 -31.33 22.82
N LEU A 317 67.81 -31.47 23.89
CA LEU A 317 67.34 -31.25 25.25
C LEU A 317 67.94 -29.94 25.76
N LEU A 318 67.09 -28.98 26.08
CA LEU A 318 67.51 -27.65 26.54
C LEU A 318 67.14 -27.49 28.01
N TYR A 319 68.10 -27.74 28.90
CA TYR A 319 67.85 -27.65 30.34
C TYR A 319 68.07 -26.21 30.81
N ARG A 320 67.40 -25.86 31.90
CA ARG A 320 67.41 -24.50 32.42
C ARG A 320 67.45 -24.55 33.94
N GLY A 321 68.46 -23.90 34.54
CA GLY A 321 68.56 -23.86 35.98
C GLY A 321 69.52 -24.87 36.58
N ASP A 322 69.16 -25.43 37.74
CA ASP A 322 70.07 -26.26 38.54
C ASP A 322 70.10 -27.68 37.97
N VAL A 323 70.93 -27.85 36.95
CA VAL A 323 70.97 -29.09 36.17
C VAL A 323 72.42 -29.47 35.98
N VAL A 324 72.79 -30.66 36.44
CA VAL A 324 74.17 -31.11 36.40
C VAL A 324 74.33 -32.21 35.35
N PRO A 325 75.39 -32.17 34.53
CA PRO A 325 75.55 -33.17 33.46
C PRO A 325 75.42 -34.61 33.92
N LYS A 326 76.06 -34.98 35.04
CA LYS A 326 75.91 -36.32 35.60
C LYS A 326 74.45 -36.77 35.63
N ASP A 327 73.56 -35.90 36.08
CA ASP A 327 72.17 -36.30 36.26
C ASP A 327 71.44 -36.42 34.94
N VAL A 328 71.77 -35.56 33.96
CA VAL A 328 71.15 -35.66 32.65
C VAL A 328 71.48 -37.00 31.99
N ASN A 329 72.77 -37.36 31.99
CA ASN A 329 73.21 -38.58 31.32
C ASN A 329 72.60 -39.83 31.95
N ALA A 330 72.38 -39.81 33.27
CA ALA A 330 71.73 -40.95 33.93
C ALA A 330 70.25 -40.97 33.63
N ALA A 331 69.62 -39.80 33.47
CA ALA A 331 68.23 -39.77 33.03
C ALA A 331 68.10 -40.33 31.62
N ILE A 332 68.98 -39.89 30.72
CA ILE A 332 68.94 -40.37 29.34
C ILE A 332 69.18 -41.87 29.30
N ALA A 333 70.08 -42.39 30.16
CA ALA A 333 70.36 -43.81 30.17
C ALA A 333 69.16 -44.61 30.64
N THR A 334 68.38 -44.06 31.56
CA THR A 334 67.22 -44.78 32.07
C THR A 334 66.14 -44.92 31.00
N ILE A 335 65.86 -43.85 30.24
CA ILE A 335 64.79 -43.96 29.26
C ILE A 335 65.23 -44.82 28.07
N LYS A 336 66.52 -44.86 27.74
CA LYS A 336 66.93 -45.65 26.59
C LYS A 336 66.81 -47.14 26.84
N THR A 337 66.93 -47.59 28.09
CA THR A 337 66.77 -49.01 28.40
C THR A 337 65.30 -49.42 28.50
N LYS A 338 64.42 -48.50 28.91
CA LYS A 338 63.01 -48.83 29.08
C LYS A 338 62.17 -48.52 27.84
N ARG A 339 62.61 -47.58 27.00
CA ARG A 339 61.79 -47.06 25.93
C ARG A 339 62.45 -47.26 24.57
N SER A 340 61.63 -47.39 23.54
CA SER A 340 62.08 -47.44 22.16
C SER A 340 61.90 -46.06 21.54
N ILE A 341 63.00 -45.48 21.07
CA ILE A 341 63.02 -44.16 20.47
C ILE A 341 63.56 -44.34 19.06
N GLN A 342 62.68 -44.29 18.07
CA GLN A 342 63.06 -44.66 16.71
C GLN A 342 63.51 -43.42 15.95
N PHE A 343 64.79 -43.37 15.63
CA PHE A 343 65.31 -42.43 14.64
C PHE A 343 65.26 -43.07 13.26
N VAL A 344 65.16 -42.22 12.23
CA VAL A 344 65.36 -42.63 10.85
C VAL A 344 66.70 -43.36 10.70
N ASP A 345 66.83 -44.15 9.64
CA ASP A 345 68.04 -44.97 9.46
C ASP A 345 69.28 -44.11 9.26
N TRP A 346 69.17 -43.04 8.48
CA TRP A 346 70.32 -42.24 8.07
C TRP A 346 70.79 -41.25 9.12
N CYS A 347 70.20 -41.25 10.30
CA CYS A 347 70.53 -40.29 11.35
C CYS A 347 70.95 -41.04 12.61
N PRO A 348 71.88 -40.50 13.39
CA PRO A 348 72.27 -41.20 14.63
C PRO A 348 71.18 -41.07 15.68
N THR A 349 71.09 -42.10 16.50
CA THR A 349 70.12 -42.12 17.59
C THR A 349 70.79 -41.48 18.80
N GLY A 350 70.35 -40.27 19.15
CA GLY A 350 70.94 -39.60 20.28
C GLY A 350 70.42 -38.19 20.41
N PHE A 351 71.03 -37.46 21.34
CA PHE A 351 70.55 -36.15 21.74
C PHE A 351 71.69 -35.15 21.72
N LYS A 352 71.35 -33.91 21.39
CA LYS A 352 72.17 -32.76 21.72
C LYS A 352 71.62 -32.14 22.99
N VAL A 353 72.49 -31.91 23.97
CA VAL A 353 72.09 -31.49 25.30
C VAL A 353 72.73 -30.14 25.58
N GLY A 354 71.91 -29.18 25.96
CA GLY A 354 72.41 -27.89 26.44
C GLY A 354 71.86 -27.63 27.84
N ILE A 355 72.71 -27.11 28.70
CA ILE A 355 72.30 -26.59 30.00
C ILE A 355 72.51 -25.09 29.99
N ASN A 356 71.46 -24.34 30.28
CA ASN A 356 71.60 -22.90 30.52
C ASN A 356 71.39 -22.65 32.01
N TYR A 357 72.42 -22.11 32.66
CA TYR A 357 72.41 -21.97 34.11
C TYR A 357 71.39 -20.94 34.61
N GLN A 358 71.00 -19.99 33.77
CA GLN A 358 69.99 -19.01 34.18
C GLN A 358 68.72 -19.70 34.64
N PRO A 359 68.21 -19.38 35.83
CA PRO A 359 67.08 -20.12 36.37
C PRO A 359 65.79 -19.75 35.64
N PRO A 360 64.86 -20.69 35.57
CA PRO A 360 63.57 -20.38 34.93
C PRO A 360 62.86 -19.31 35.73
N THR A 361 62.21 -18.40 35.03
CA THR A 361 61.57 -17.25 35.63
C THR A 361 60.09 -17.27 35.25
N VAL A 362 59.24 -16.90 36.21
CA VAL A 362 57.80 -16.81 35.98
C VAL A 362 57.35 -15.39 36.26
N VAL A 363 56.21 -15.02 35.66
CA VAL A 363 55.61 -13.71 35.90
C VAL A 363 55.09 -13.72 37.33
N PRO A 364 55.52 -12.78 38.17
CA PRO A 364 55.02 -12.77 39.56
C PRO A 364 53.52 -12.61 39.61
N GLY A 365 52.90 -13.33 40.55
CA GLY A 365 51.45 -13.41 40.63
C GLY A 365 50.77 -14.21 39.54
N GLY A 366 51.52 -14.76 38.59
CA GLY A 366 50.93 -15.57 37.55
C GLY A 366 50.53 -16.93 38.10
N ASP A 367 50.13 -17.80 37.19
CA ASP A 367 49.63 -19.11 37.59
C ASP A 367 50.69 -20.20 37.49
N LEU A 368 51.83 -19.90 36.90
CA LEU A 368 52.98 -20.79 36.88
C LEU A 368 53.84 -20.54 38.11
N ALA A 369 54.13 -21.61 38.84
CA ALA A 369 54.99 -21.50 40.01
C ALA A 369 56.46 -21.41 39.61
N LYS A 370 57.27 -20.84 40.50
CA LYS A 370 58.71 -20.79 40.28
C LYS A 370 59.30 -22.16 40.53
N VAL A 371 60.10 -22.66 39.59
CA VAL A 371 60.72 -23.97 39.73
C VAL A 371 62.24 -23.82 39.67
N GLN A 372 62.92 -24.79 40.31
CA GLN A 372 64.38 -24.82 40.35
C GLN A 372 64.97 -25.08 38.97
N ARG A 373 64.44 -26.06 38.26
CA ARG A 373 65.00 -26.57 37.01
C ARG A 373 63.87 -26.88 36.05
N ALA A 374 64.16 -26.75 34.76
CA ALA A 374 63.18 -27.02 33.73
C ALA A 374 63.92 -27.48 32.48
N VAL A 375 63.16 -27.90 31.48
CA VAL A 375 63.74 -28.42 30.26
C VAL A 375 62.75 -28.21 29.14
N CYS A 376 63.28 -27.99 27.94
CA CYS A 376 62.47 -27.97 26.73
C CYS A 376 63.13 -28.94 25.76
N MET A 377 62.39 -29.92 25.27
CA MET A 377 62.90 -30.79 24.22
C MET A 377 62.34 -30.30 22.88
N LEU A 378 63.25 -30.08 21.95
CA LEU A 378 62.92 -29.76 20.57
C LEU A 378 63.31 -30.98 19.74
N SER A 379 62.34 -31.59 19.08
CA SER A 379 62.64 -32.75 18.25
C SER A 379 61.97 -32.56 16.89
N ASN A 380 62.62 -33.10 15.87
CA ASN A 380 62.02 -33.11 14.54
C ASN A 380 61.56 -34.54 14.26
N THR A 381 60.28 -34.81 14.56
CA THR A 381 59.67 -36.11 14.30
C THR A 381 58.72 -36.00 13.11
N THR A 382 58.64 -37.08 12.33
CA THR A 382 57.66 -37.17 11.26
C THR A 382 56.22 -37.27 11.79
N ALA A 383 56.03 -37.49 13.10
CA ALA A 383 54.67 -37.58 13.62
C ALA A 383 53.91 -36.26 13.53
N ILE A 384 54.61 -35.12 13.49
CA ILE A 384 53.94 -33.83 13.51
C ILE A 384 53.13 -33.62 12.24
N ALA A 385 53.38 -34.41 11.19
CA ALA A 385 52.53 -34.35 10.01
C ALA A 385 51.08 -34.74 10.29
N GLU A 386 50.78 -35.35 11.44
CA GLU A 386 49.40 -35.55 11.83
C GLU A 386 48.67 -34.24 12.07
N ALA A 387 49.40 -33.20 12.48
CA ALA A 387 48.75 -31.90 12.66
C ALA A 387 48.30 -31.36 11.30
N TRP A 388 49.15 -31.51 10.28
CA TRP A 388 48.79 -31.08 8.93
C TRP A 388 47.62 -31.88 8.40
N ALA A 389 47.50 -33.16 8.76
CA ALA A 389 46.43 -33.96 8.21
C ALA A 389 45.09 -33.54 8.78
N ARG A 390 45.06 -33.16 10.07
CA ARG A 390 43.84 -32.63 10.67
C ARG A 390 43.36 -31.39 9.91
N LEU A 391 44.26 -30.43 9.70
CA LEU A 391 43.92 -29.22 8.94
C LEU A 391 43.49 -29.56 7.52
N ASP A 392 44.19 -30.47 6.84
CA ASP A 392 43.84 -30.79 5.46
C ASP A 392 42.45 -31.37 5.34
N HIS A 393 42.01 -32.13 6.36
CA HIS A 393 40.69 -32.75 6.25
C HIS A 393 39.58 -31.71 6.34
N LYS A 394 39.69 -30.77 7.29
CA LYS A 394 38.69 -29.71 7.36
C LYS A 394 38.70 -28.85 6.11
N PHE A 395 39.90 -28.54 5.61
CA PHE A 395 40.02 -27.84 4.33
C PHE A 395 39.28 -28.59 3.23
N ASP A 396 39.48 -29.91 3.14
CA ASP A 396 38.85 -30.70 2.07
C ASP A 396 37.33 -30.70 2.21
N LEU A 397 36.83 -30.80 3.44
CA LEU A 397 35.37 -30.90 3.62
C LEU A 397 34.69 -29.63 3.11
N MET A 398 35.23 -28.47 3.45
CA MET A 398 34.64 -27.23 2.99
C MET A 398 34.94 -26.96 1.53
N TYR A 399 36.18 -27.15 1.08
CA TYR A 399 36.53 -26.78 -0.28
C TYR A 399 35.82 -27.66 -1.31
N ALA A 400 35.38 -28.85 -0.92
CA ALA A 400 34.63 -29.69 -1.85
C ALA A 400 33.36 -28.99 -2.29
N LYS A 401 32.72 -28.24 -1.39
CA LYS A 401 31.51 -27.51 -1.71
C LYS A 401 31.81 -26.07 -2.08
N ARG A 402 33.07 -25.66 -2.05
CA ARG A 402 33.47 -24.27 -2.27
C ARG A 402 32.90 -23.33 -1.20
N ALA A 403 32.52 -23.86 -0.04
CA ALA A 403 32.03 -23.00 1.04
C ALA A 403 33.03 -21.89 1.35
N PHE A 404 32.53 -20.66 1.41
CA PHE A 404 33.21 -19.43 1.80
C PHE A 404 34.23 -18.94 0.78
N VAL A 405 34.45 -19.66 -0.32
CA VAL A 405 35.49 -19.30 -1.28
C VAL A 405 35.25 -17.93 -1.90
N HIS A 406 33.97 -17.52 -2.02
CA HIS A 406 33.67 -16.25 -2.67
C HIS A 406 34.18 -15.06 -1.87
N TRP A 407 34.35 -15.21 -0.55
CA TRP A 407 34.98 -14.16 0.24
C TRP A 407 36.45 -13.98 -0.13
N TYR A 408 37.14 -15.06 -0.50
CA TYR A 408 38.55 -14.96 -0.86
C TYR A 408 38.70 -14.45 -2.29
N VAL A 409 37.90 -14.99 -3.21
CA VAL A 409 37.85 -14.54 -4.60
C VAL A 409 37.45 -13.07 -4.69
N GLY A 410 36.58 -12.60 -3.78
CA GLY A 410 36.15 -11.21 -3.78
C GLY A 410 37.28 -10.25 -3.49
N GLU A 411 38.32 -10.70 -2.79
CA GLU A 411 39.50 -9.89 -2.51
C GLU A 411 40.56 -10.02 -3.60
N GLY A 412 40.20 -10.59 -4.76
CA GLY A 412 41.10 -10.72 -5.88
C GLY A 412 41.95 -11.98 -5.90
N MET A 413 41.74 -12.90 -4.96
CA MET A 413 42.44 -14.17 -5.01
C MET A 413 41.78 -15.05 -6.07
N GLU A 414 42.59 -15.88 -6.73
CA GLU A 414 42.04 -16.79 -7.72
C GLU A 414 41.71 -18.11 -7.05
N GLU A 415 40.60 -18.71 -7.47
CA GLU A 415 40.19 -19.98 -6.89
C GLU A 415 41.34 -20.99 -6.94
N GLY A 416 42.06 -21.03 -8.05
CA GLY A 416 43.16 -21.97 -8.24
C GLY A 416 44.26 -21.89 -7.19
N GLU A 417 44.30 -20.81 -6.39
CA GLU A 417 45.31 -20.77 -5.33
C GLU A 417 44.97 -21.75 -4.22
N PHE A 418 43.68 -21.90 -3.91
CA PHE A 418 43.21 -22.92 -2.98
C PHE A 418 43.76 -24.28 -3.35
N SER A 419 43.61 -24.68 -4.61
CA SER A 419 44.00 -26.05 -4.95
C SER A 419 45.51 -26.18 -5.05
N GLU A 420 46.22 -25.14 -5.51
CA GLU A 420 47.68 -25.21 -5.55
C GLU A 420 48.27 -25.25 -4.14
N ALA A 421 47.68 -24.51 -3.20
CA ALA A 421 48.11 -24.61 -1.81
C ALA A 421 47.84 -25.99 -1.24
N ARG A 422 46.64 -26.54 -1.51
CA ARG A 422 46.30 -27.83 -0.97
C ARG A 422 47.18 -28.94 -1.57
N GLU A 423 47.55 -28.83 -2.85
CA GLU A 423 48.48 -29.79 -3.45
C GLU A 423 49.82 -29.76 -2.75
N ASP A 424 50.31 -28.55 -2.42
CA ASP A 424 51.56 -28.43 -1.69
C ASP A 424 51.48 -29.15 -0.34
N MET A 425 50.36 -29.02 0.36
CA MET A 425 50.17 -29.75 1.60
C MET A 425 50.12 -31.26 1.36
N ALA A 426 49.51 -31.67 0.24
CA ALA A 426 49.56 -33.09 -0.11
C ALA A 426 51.00 -33.54 -0.32
N ALA A 427 51.81 -32.71 -0.97
CA ALA A 427 53.21 -33.04 -1.19
C ALA A 427 53.97 -33.10 0.13
N LEU A 428 53.63 -32.20 1.06
CA LEU A 428 54.32 -32.17 2.34
C LEU A 428 54.05 -33.45 3.13
N GLU A 429 52.78 -33.83 3.26
CA GLU A 429 52.43 -35.11 3.87
C GLU A 429 53.20 -36.26 3.22
N LYS A 430 53.27 -36.28 1.89
CA LYS A 430 54.02 -37.32 1.21
C LYS A 430 55.50 -37.27 1.60
N ASP A 431 56.07 -36.07 1.73
CA ASP A 431 57.47 -35.97 2.13
C ASP A 431 57.70 -36.56 3.51
N TYR A 432 56.79 -36.29 4.45
CA TYR A 432 56.89 -36.86 5.78
C TYR A 432 56.76 -38.38 5.74
N GLU A 433 55.88 -38.90 4.89
CA GLU A 433 55.79 -40.34 4.68
C GLU A 433 57.13 -40.89 4.21
N GLU A 434 57.70 -40.29 3.17
CA GLU A 434 58.91 -40.81 2.55
C GLU A 434 60.05 -40.92 3.56
N VAL A 435 60.27 -39.89 4.40
CA VAL A 435 61.41 -39.97 5.31
C VAL A 435 61.09 -40.84 6.53
N GLY A 436 59.82 -40.94 6.94
CA GLY A 436 59.47 -41.80 8.06
C GLY A 436 59.22 -43.24 7.64
N VAL A 437 60.05 -43.76 6.73
CA VAL A 437 59.77 -44.97 5.98
C VAL A 437 59.89 -46.24 6.82
N MET B 1 36.32 -0.35 11.26
CA MET B 1 35.13 -1.13 11.59
C MET B 1 34.57 -0.69 12.94
N ARG B 2 34.10 0.55 12.96
CA ARG B 2 33.57 1.16 14.17
C ARG B 2 32.09 1.44 14.03
N GLU B 3 31.73 2.48 13.28
CA GLU B 3 30.40 3.03 13.29
C GLU B 3 29.47 2.27 12.36
N ILE B 4 28.25 2.03 12.84
CA ILE B 4 27.14 1.59 12.02
C ILE B 4 26.19 2.77 11.82
N VAL B 5 25.64 2.90 10.61
CA VAL B 5 24.60 3.87 10.31
C VAL B 5 23.28 3.11 10.21
N HIS B 6 22.30 3.52 11.01
CA HIS B 6 21.03 2.83 11.16
C HIS B 6 19.94 3.61 10.42
N ILE B 7 19.11 2.90 9.68
CA ILE B 7 18.04 3.49 8.89
C ILE B 7 16.77 2.69 9.18
N GLN B 8 15.67 3.40 9.47
CA GLN B 8 14.37 2.77 9.63
C GLN B 8 13.38 3.42 8.68
N ALA B 9 12.65 2.60 7.95
CA ALA B 9 11.83 3.06 6.84
C ALA B 9 10.42 2.48 6.92
N GLY B 10 9.41 3.33 6.65
CA GLY B 10 8.02 2.94 6.68
C GLY B 10 7.52 2.78 8.10
N GLN B 11 6.22 2.48 8.20
CA GLN B 11 5.57 2.39 9.52
C GLN B 11 6.20 1.30 10.38
N CYS B 12 6.29 0.07 9.86
CA CYS B 12 6.86 -1.00 10.68
C CYS B 12 8.34 -0.73 10.97
N GLY B 13 9.11 -0.37 9.94
CA GLY B 13 10.51 -0.02 10.16
C GLY B 13 10.69 0.94 11.32
N ASN B 14 9.83 1.96 11.41
CA ASN B 14 10.01 2.99 12.42
C ASN B 14 9.51 2.56 13.79
N GLN B 15 8.51 1.68 13.85
CA GLN B 15 8.01 1.23 15.16
C GLN B 15 9.03 0.33 15.84
N ILE B 16 9.55 -0.67 15.12
CA ILE B 16 10.51 -1.58 15.75
C ILE B 16 11.87 -0.90 15.88
N GLY B 17 12.19 0.03 14.99
CA GLY B 17 13.42 0.79 15.14
C GLY B 17 13.41 1.61 16.41
N ALA B 18 12.29 2.31 16.66
CA ALA B 18 12.17 3.10 17.89
C ALA B 18 12.23 2.20 19.12
N LYS B 19 11.54 1.05 19.08
CA LYS B 19 11.64 0.11 20.19
C LYS B 19 13.10 -0.32 20.41
N PHE B 20 13.85 -0.53 19.33
CA PHE B 20 15.24 -0.95 19.43
C PHE B 20 16.10 0.11 20.12
N TRP B 21 16.04 1.35 19.63
CA TRP B 21 16.77 2.43 20.27
C TRP B 21 16.38 2.57 21.73
N GLU B 22 15.09 2.40 22.02
CA GLU B 22 14.61 2.44 23.39
C GLU B 22 15.31 1.40 24.25
N VAL B 23 15.45 0.18 23.72
CA VAL B 23 16.00 -0.92 24.50
C VAL B 23 17.48 -0.74 24.72
N ILE B 24 18.24 -0.45 23.66
CA ILE B 24 19.69 -0.41 23.82
C ILE B 24 20.12 0.84 24.57
N SER B 25 19.34 1.92 24.49
CA SER B 25 19.66 3.09 25.31
C SER B 25 19.56 2.74 26.79
N ASP B 26 18.58 1.93 27.17
CA ASP B 26 18.47 1.47 28.55
C ASP B 26 19.67 0.61 28.94
N GLU B 27 20.20 -0.17 27.99
CA GLU B 27 21.34 -1.05 28.28
C GLU B 27 22.63 -0.25 28.44
N HIS B 28 22.83 0.76 27.60
CA HIS B 28 24.01 1.61 27.67
C HIS B 28 23.82 2.79 28.61
N GLY B 29 22.74 2.78 29.39
CA GLY B 29 22.51 3.83 30.38
C GLY B 29 22.27 5.21 29.82
N ILE B 30 21.58 5.32 28.70
CA ILE B 30 21.31 6.60 28.07
C ILE B 30 19.84 6.94 28.30
N ASP B 31 19.60 8.12 28.88
CA ASP B 31 18.25 8.59 29.13
C ASP B 31 17.71 9.26 27.87
N PRO B 32 16.43 9.64 27.84
CA PRO B 32 15.87 10.22 26.60
C PRO B 32 16.39 11.61 26.27
N THR B 33 17.02 12.30 27.21
CA THR B 33 17.66 13.55 26.88
C THR B 33 19.04 13.36 26.23
N GLY B 34 19.52 12.12 26.15
CA GLY B 34 20.83 11.83 25.59
C GLY B 34 21.98 11.85 26.58
N SER B 35 21.70 12.06 27.87
CA SER B 35 22.74 12.04 28.89
C SER B 35 23.00 10.62 29.35
N TYR B 36 24.27 10.33 29.64
CA TYR B 36 24.61 9.02 30.18
C TYR B 36 24.46 9.05 31.69
N HIS B 37 23.85 7.99 32.24
CA HIS B 37 23.69 7.89 33.68
C HIS B 37 23.93 6.46 34.18
N GLY B 38 24.58 5.62 33.39
CA GLY B 38 24.82 4.25 33.79
C GLY B 38 25.83 4.14 34.92
N ASP B 39 26.09 2.89 35.30
CA ASP B 39 26.94 2.56 36.43
C ASP B 39 28.22 1.83 36.03
N SER B 40 28.45 1.58 34.74
CA SER B 40 29.60 0.80 34.30
C SER B 40 30.21 1.38 33.04
N ASP B 41 31.54 1.31 32.95
CA ASP B 41 32.24 1.73 31.74
C ASP B 41 32.13 0.70 30.62
N LEU B 42 31.77 -0.55 30.93
CA LEU B 42 31.46 -1.53 29.88
C LEU B 42 30.43 -1.00 28.90
N GLN B 43 29.53 -0.13 29.39
CA GLN B 43 28.46 0.43 28.58
C GLN B 43 28.94 1.49 27.60
N LEU B 44 30.05 2.15 27.87
CA LEU B 44 30.54 3.24 27.03
C LEU B 44 31.73 2.87 26.18
N GLU B 45 32.26 1.65 26.31
CA GLU B 45 33.48 1.28 25.60
C GLU B 45 33.26 1.27 24.10
N ARG B 46 32.12 0.75 23.65
CA ARG B 46 31.83 0.68 22.22
C ARG B 46 30.55 1.43 21.86
N ILE B 47 30.16 2.40 22.68
CA ILE B 47 28.91 3.13 22.45
C ILE B 47 28.92 3.91 21.14
N ASN B 48 30.10 4.24 20.59
CA ASN B 48 30.14 4.94 19.31
C ASN B 48 29.77 4.04 18.13
N VAL B 49 29.65 2.73 18.32
CA VAL B 49 29.13 1.87 17.26
C VAL B 49 27.76 2.38 16.81
N TYR B 50 26.94 2.83 17.77
CA TYR B 50 25.58 3.22 17.49
C TYR B 50 25.25 4.68 17.79
N TYR B 51 26.05 5.38 18.60
CA TYR B 51 25.74 6.75 19.00
C TYR B 51 26.88 7.71 18.64
N ASN B 52 26.51 8.89 18.11
CA ASN B 52 27.46 10.00 18.01
C ASN B 52 27.46 10.75 19.33
N GLU B 53 28.62 11.25 19.73
CA GLU B 53 28.75 11.94 21.02
C GLU B 53 28.69 13.44 20.78
N ALA B 54 27.57 14.04 21.19
CA ALA B 54 27.33 15.46 20.97
C ALA B 54 28.21 16.31 21.87
N THR B 55 28.14 17.63 21.64
CA THR B 55 28.98 18.59 22.34
C THR B 55 28.80 18.48 23.85
N GLY B 56 27.58 18.66 24.32
CA GLY B 56 27.33 18.77 25.75
C GLY B 56 27.30 17.45 26.50
N ASN B 57 28.30 16.61 26.28
CA ASN B 57 28.39 15.30 26.92
C ASN B 57 27.12 14.48 26.66
N LYS B 58 26.58 14.60 25.46
CA LYS B 58 25.34 13.95 25.06
C LYS B 58 25.61 12.89 24.01
N TYR B 59 24.73 11.89 23.94
CA TYR B 59 24.82 10.83 22.95
C TYR B 59 23.58 10.86 22.07
N VAL B 60 23.79 10.92 20.76
CA VAL B 60 22.73 11.01 19.78
C VAL B 60 22.77 9.75 18.93
N PRO B 61 21.70 8.96 18.85
CA PRO B 61 21.68 7.78 17.98
C PRO B 61 22.10 8.15 16.57
N ARG B 62 22.86 7.25 15.94
CA ARG B 62 23.26 7.41 14.54
C ARG B 62 22.16 6.80 13.66
N ALA B 63 21.00 7.46 13.70
CA ALA B 63 19.76 6.92 13.15
C ALA B 63 19.16 7.87 12.13
N ILE B 64 18.71 7.32 11.00
CA ILE B 64 18.00 8.08 9.99
C ILE B 64 16.59 7.51 9.87
N LEU B 65 15.59 8.37 9.99
CA LEU B 65 14.19 7.96 10.09
C LEU B 65 13.46 8.42 8.84
N VAL B 66 12.89 7.47 8.11
CA VAL B 66 12.36 7.70 6.77
C VAL B 66 10.93 7.18 6.69
N ASP B 67 10.06 7.97 6.06
CA ASP B 67 8.74 7.50 5.68
C ASP B 67 8.21 8.42 4.59
N LEU B 68 7.36 7.86 3.72
CA LEU B 68 6.61 8.66 2.77
C LEU B 68 5.39 9.30 3.40
N GLU B 69 5.11 8.95 4.65
CA GLU B 69 3.95 9.41 5.40
C GLU B 69 4.40 10.12 6.66
N PRO B 70 3.88 11.32 6.96
CA PRO B 70 4.29 12.02 8.18
C PRO B 70 3.74 11.42 9.46
N GLY B 71 2.69 10.60 9.39
CA GLY B 71 1.99 10.21 10.62
C GLY B 71 2.87 9.42 11.57
N THR B 72 3.57 8.42 11.03
CA THR B 72 4.32 7.50 11.87
C THR B 72 5.49 8.18 12.58
N MET B 73 6.25 8.99 11.85
CA MET B 73 7.38 9.65 12.49
C MET B 73 6.92 10.72 13.48
N ASP B 74 5.78 11.36 13.21
CA ASP B 74 5.09 12.14 14.24
C ASP B 74 4.96 11.34 15.52
N SER B 75 4.48 10.10 15.41
CA SER B 75 4.25 9.26 16.58
C SER B 75 5.56 8.91 17.28
N VAL B 76 6.59 8.57 16.50
CA VAL B 76 7.93 8.37 17.06
C VAL B 76 8.36 9.58 17.88
N ARG B 77 8.24 10.77 17.30
CA ARG B 77 8.72 12.00 17.96
C ARG B 77 8.10 12.17 19.34
N SER B 78 6.81 11.85 19.47
CA SER B 78 6.14 11.98 20.77
C SER B 78 6.33 10.76 21.64
N GLY B 79 6.97 9.71 21.13
CA GLY B 79 7.20 8.50 21.87
C GLY B 79 8.09 8.72 23.07
N PRO B 80 8.43 7.62 23.76
CA PRO B 80 9.21 7.76 25.00
C PRO B 80 10.57 8.42 24.77
N PHE B 81 11.36 7.86 23.85
CA PHE B 81 12.68 8.38 23.53
C PHE B 81 12.66 9.31 22.31
N GLY B 82 11.52 9.91 22.00
CA GLY B 82 11.42 10.70 20.78
C GLY B 82 12.47 11.78 20.66
N GLN B 83 12.82 12.42 21.78
CA GLN B 83 13.69 13.59 21.76
C GLN B 83 15.15 13.24 21.52
N ILE B 84 15.52 11.96 21.63
CA ILE B 84 16.92 11.56 21.56
C ILE B 84 17.48 11.67 20.13
N PHE B 85 16.61 11.59 19.13
CA PHE B 85 17.05 11.57 17.74
C PHE B 85 17.41 12.96 17.26
N ARG B 86 18.43 13.01 16.40
CA ARG B 86 18.80 14.27 15.76
C ARG B 86 17.61 14.75 14.95
N PRO B 87 17.07 15.93 15.25
CA PRO B 87 15.78 16.32 14.64
C PRO B 87 15.83 16.42 13.12
N ASP B 88 16.98 16.76 12.54
CA ASP B 88 17.13 16.84 11.09
C ASP B 88 17.43 15.49 10.44
N ASN B 89 17.46 14.40 11.20
CA ASN B 89 17.57 13.06 10.61
C ASN B 89 16.21 12.43 10.33
N PHE B 90 15.12 13.15 10.61
CA PHE B 90 13.79 12.75 10.15
C PHE B 90 13.63 13.20 8.70
N VAL B 91 13.57 12.25 7.76
CA VAL B 91 13.26 12.55 6.37
C VAL B 91 11.91 11.92 6.06
N PHE B 92 10.90 12.74 5.82
CA PHE B 92 9.54 12.24 5.59
C PHE B 92 8.87 12.97 4.44
N GLY B 93 8.21 12.19 3.56
CA GLY B 93 7.46 12.73 2.45
C GLY B 93 6.06 13.07 2.88
N GLN B 94 5.17 13.22 1.90
CA GLN B 94 3.86 13.75 2.25
C GLN B 94 2.69 12.87 1.82
N SER B 95 2.82 12.10 0.73
CA SER B 95 1.65 11.49 0.09
C SER B 95 1.63 9.97 0.20
N GLY B 96 2.45 9.39 1.06
CA GLY B 96 2.39 7.96 1.33
C GLY B 96 2.75 7.06 0.14
N ALA B 97 2.82 5.76 0.38
CA ALA B 97 3.13 4.80 -0.67
C ALA B 97 1.94 3.93 -1.06
N GLY B 98 0.79 4.13 -0.45
CA GLY B 98 -0.41 3.38 -0.82
C GLY B 98 -0.31 1.87 -0.66
N ASN B 99 0.48 1.40 0.31
CA ASN B 99 0.76 -0.04 0.51
C ASN B 99 1.30 -0.70 -0.76
N ASN B 100 1.94 0.08 -1.62
CA ASN B 100 2.25 -0.35 -2.99
C ASN B 100 3.75 -0.30 -3.19
N TRP B 101 4.36 -1.47 -3.36
CA TRP B 101 5.81 -1.56 -3.58
C TRP B 101 6.26 -0.70 -4.76
N ALA B 102 5.49 -0.71 -5.85
CA ALA B 102 5.89 0.04 -7.03
C ALA B 102 5.95 1.54 -6.73
N LYS B 103 5.08 2.03 -5.85
CA LYS B 103 5.12 3.45 -5.51
C LYS B 103 6.35 3.76 -4.66
N GLY B 104 6.66 2.91 -3.69
CA GLY B 104 7.81 3.16 -2.86
C GLY B 104 9.13 2.98 -3.60
N HIS B 105 9.17 2.03 -4.54
CA HIS B 105 10.42 1.72 -5.23
C HIS B 105 10.65 2.65 -6.42
N TYR B 106 9.60 3.01 -7.15
CA TYR B 106 9.78 3.77 -8.37
C TYR B 106 9.34 5.22 -8.24
N THR B 107 8.08 5.49 -7.98
CA THR B 107 7.55 6.85 -8.15
C THR B 107 7.80 7.71 -6.92
N GLU B 108 7.09 7.43 -5.83
CA GLU B 108 7.16 8.30 -4.66
C GLU B 108 8.49 8.15 -3.94
N GLY B 109 9.08 6.97 -3.97
CA GLY B 109 10.37 6.78 -3.31
C GLY B 109 11.47 7.55 -4.00
N ALA B 110 11.49 7.53 -5.33
CA ALA B 110 12.52 8.25 -6.07
C ALA B 110 12.54 9.73 -5.69
N GLU B 111 11.36 10.32 -5.49
CA GLU B 111 11.28 11.75 -5.21
C GLU B 111 11.83 12.10 -3.83
N LEU B 112 11.85 11.14 -2.91
CA LEU B 112 12.35 11.35 -1.57
C LEU B 112 13.76 10.78 -1.36
N VAL B 113 14.21 9.87 -2.23
CA VAL B 113 15.36 9.04 -1.88
C VAL B 113 16.64 9.87 -1.79
N ASP B 114 16.79 10.89 -2.64
CA ASP B 114 18.01 11.70 -2.55
C ASP B 114 18.02 12.59 -1.32
N SER B 115 16.85 12.97 -0.80
CA SER B 115 16.83 13.64 0.50
C SER B 115 17.35 12.70 1.58
N VAL B 116 17.08 11.40 1.46
CA VAL B 116 17.57 10.45 2.45
C VAL B 116 19.08 10.25 2.30
N LEU B 117 19.57 10.14 1.06
CA LEU B 117 20.99 9.85 0.85
C LEU B 117 21.85 11.00 1.35
N ASP B 118 21.38 12.25 1.18
CA ASP B 118 22.11 13.38 1.74
C ASP B 118 22.31 13.21 3.25
N VAL B 119 21.30 12.72 3.96
CA VAL B 119 21.43 12.60 5.41
C VAL B 119 22.27 11.39 5.77
N VAL B 120 22.16 10.31 4.98
CA VAL B 120 23.05 9.17 5.15
C VAL B 120 24.49 9.58 4.90
N ARG B 121 24.70 10.41 3.87
CA ARG B 121 26.05 10.80 3.46
C ARG B 121 26.69 11.71 4.49
N LYS B 122 25.90 12.54 5.19
CA LYS B 122 26.48 13.35 6.25
C LYS B 122 26.86 12.48 7.45
N GLU B 123 25.98 11.57 7.87
CA GLU B 123 26.33 10.71 9.01
C GLU B 123 27.57 9.85 8.71
N SER B 124 27.77 9.48 7.45
CA SER B 124 28.90 8.64 7.07
C SER B 124 30.22 9.39 7.14
N GLU B 125 30.21 10.68 6.82
CA GLU B 125 31.46 11.43 6.83
C GLU B 125 31.94 11.72 8.25
N SER B 126 31.02 11.74 9.23
CA SER B 126 31.37 11.91 10.64
C SER B 126 31.80 10.59 11.30
N CYS B 127 32.25 9.61 10.52
CA CYS B 127 32.69 8.33 11.03
C CYS B 127 34.20 8.19 10.86
N ASP B 128 34.89 7.83 11.93
CA ASP B 128 36.32 7.53 11.78
C ASP B 128 36.52 6.34 10.86
N CYS B 129 35.70 5.29 11.00
CA CYS B 129 35.82 4.09 10.17
C CYS B 129 34.44 3.46 10.06
N LEU B 130 33.78 3.65 8.92
CA LEU B 130 32.41 3.20 8.72
C LEU B 130 32.34 1.68 8.55
N GLN B 131 31.58 1.02 9.41
CA GLN B 131 31.44 -0.42 9.40
C GLN B 131 30.38 -0.85 8.39
N GLY B 132 29.22 -0.21 8.43
CA GLY B 132 28.20 -0.42 7.41
C GLY B 132 26.85 0.07 7.90
N PHE B 133 25.80 -0.52 7.33
CA PHE B 133 24.43 -0.05 7.48
C PHE B 133 23.52 -1.14 8.02
N GLN B 134 22.63 -0.76 8.93
CA GLN B 134 21.55 -1.63 9.34
C GLN B 134 20.25 -0.91 9.02
N LEU B 135 19.36 -1.60 8.33
CA LEU B 135 18.06 -1.08 7.93
C LEU B 135 16.98 -1.93 8.56
N THR B 136 16.02 -1.28 9.23
CA THR B 136 14.81 -1.95 9.69
C THR B 136 13.63 -1.56 8.80
N HIS B 137 12.82 -2.54 8.41
CA HIS B 137 11.68 -2.30 7.54
C HIS B 137 10.83 -3.56 7.51
N SER B 138 9.58 -3.40 7.06
CA SER B 138 8.81 -4.56 6.67
C SER B 138 8.95 -4.79 5.17
N LEU B 139 8.62 -6.00 4.75
CA LEU B 139 8.55 -6.34 3.33
C LEU B 139 7.14 -6.30 2.77
N GLY B 140 6.11 -6.33 3.64
CA GLY B 140 4.73 -6.42 3.16
C GLY B 140 4.09 -5.11 2.73
N GLY B 141 4.62 -3.97 3.16
CA GLY B 141 4.05 -2.67 2.84
C GLY B 141 4.66 -2.04 1.60
N GLY B 142 4.57 -0.71 1.52
CA GLY B 142 5.02 0.00 0.35
C GLY B 142 6.30 0.79 0.54
N THR B 143 6.42 1.44 1.69
CA THR B 143 7.55 2.33 1.95
C THR B 143 8.77 1.55 2.39
N GLY B 144 8.71 0.92 3.56
CA GLY B 144 9.84 0.10 4.00
C GLY B 144 10.24 -0.94 2.98
N SER B 145 9.26 -1.46 2.24
CA SER B 145 9.52 -2.55 1.30
C SER B 145 10.07 -2.05 -0.04
N GLY B 146 9.31 -1.20 -0.73
CA GLY B 146 9.77 -0.69 -2.01
C GLY B 146 10.82 0.39 -1.89
N MET B 147 10.60 1.37 -1.01
CA MET B 147 11.60 2.41 -0.87
C MET B 147 12.80 1.93 -0.07
N GLY B 148 12.58 1.00 0.85
CA GLY B 148 13.71 0.41 1.57
C GLY B 148 14.69 -0.28 0.64
N THR B 149 14.19 -1.16 -0.22
CA THR B 149 15.08 -1.83 -1.17
C THR B 149 15.67 -0.86 -2.18
N LEU B 150 14.96 0.22 -2.54
CA LEU B 150 15.58 1.21 -3.41
C LEU B 150 16.74 1.90 -2.69
N LEU B 151 16.55 2.20 -1.40
CA LEU B 151 17.61 2.76 -0.58
C LEU B 151 18.83 1.83 -0.55
N ILE B 152 18.60 0.54 -0.29
CA ILE B 152 19.69 -0.42 -0.24
C ILE B 152 20.48 -0.40 -1.53
N SER B 153 19.77 -0.46 -2.66
CA SER B 153 20.42 -0.44 -3.96
C SER B 153 21.27 0.81 -4.12
N LYS B 154 20.71 2.00 -3.83
CA LYS B 154 21.48 3.23 -4.02
C LYS B 154 22.64 3.32 -3.03
N ILE B 155 22.48 2.78 -1.82
CA ILE B 155 23.57 2.80 -0.85
C ILE B 155 24.68 1.85 -1.27
N ARG B 156 24.31 0.71 -1.86
CA ARG B 156 25.32 -0.19 -2.40
C ARG B 156 26.14 0.50 -3.49
N GLU B 157 25.48 1.28 -4.36
CA GLU B 157 26.19 1.95 -5.45
C GLU B 157 27.20 2.96 -4.91
N GLU B 158 26.88 3.60 -3.79
CA GLU B 158 27.71 4.68 -3.27
C GLU B 158 28.75 4.20 -2.26
N TYR B 159 28.48 3.08 -1.59
CA TYR B 159 29.41 2.46 -0.63
C TYR B 159 29.48 0.97 -0.93
N PRO B 160 30.05 0.59 -2.08
CA PRO B 160 29.98 -0.82 -2.48
C PRO B 160 30.81 -1.74 -1.61
N ASP B 161 31.65 -1.20 -0.74
CA ASP B 161 32.54 -2.00 0.09
C ASP B 161 32.16 -1.96 1.57
N ARG B 162 30.95 -1.49 1.90
CA ARG B 162 30.45 -1.54 3.27
C ARG B 162 29.38 -2.62 3.41
N ILE B 163 29.36 -3.25 4.57
CA ILE B 163 28.39 -4.31 4.81
C ILE B 163 27.01 -3.69 4.88
N MET B 164 26.03 -4.37 4.27
CA MET B 164 24.63 -3.96 4.33
C MET B 164 23.83 -5.04 5.05
N ASN B 165 23.15 -4.65 6.13
CA ASN B 165 22.52 -5.55 7.07
C ASN B 165 21.08 -5.06 7.28
N THR B 166 20.11 -5.97 7.17
CA THR B 166 18.71 -5.59 7.35
C THR B 166 18.04 -6.47 8.39
N PHE B 167 17.08 -5.86 9.07
CA PHE B 167 16.07 -6.54 9.86
C PHE B 167 14.81 -6.43 9.04
N SER B 168 14.39 -7.53 8.42
CA SER B 168 13.34 -7.48 7.41
C SER B 168 12.15 -8.27 7.94
N VAL B 169 11.01 -7.59 8.10
CA VAL B 169 9.84 -8.19 8.75
C VAL B 169 8.95 -8.83 7.71
N MET B 170 8.72 -10.15 7.82
CA MET B 170 7.90 -10.95 6.88
C MET B 170 6.42 -10.81 7.17
N PRO B 171 5.57 -10.62 6.14
CA PRO B 171 4.13 -10.54 6.40
C PRO B 171 3.54 -11.92 6.66
N SER B 172 2.37 -11.90 7.30
CA SER B 172 1.60 -13.07 7.63
C SER B 172 0.13 -12.68 7.56
N PRO B 173 -0.71 -13.50 6.92
CA PRO B 173 -2.16 -13.21 6.96
C PRO B 173 -2.71 -13.17 8.38
N LYS B 174 -1.99 -13.75 9.35
CA LYS B 174 -2.41 -13.65 10.74
C LYS B 174 -2.31 -12.25 11.29
N VAL B 175 -1.43 -11.40 10.72
CA VAL B 175 -1.27 -10.02 11.16
C VAL B 175 -1.10 -9.12 9.94
N SER B 176 -2.11 -9.05 9.09
CA SER B 176 -1.98 -8.32 7.84
C SER B 176 -2.43 -6.87 7.98
N ASP B 177 -1.82 -6.00 7.17
CA ASP B 177 -2.26 -4.64 6.99
C ASP B 177 -2.79 -4.35 5.60
N THR B 178 -2.32 -5.06 4.58
CA THR B 178 -2.77 -4.82 3.22
C THR B 178 -2.92 -6.15 2.48
N VAL B 179 -3.84 -6.17 1.52
CA VAL B 179 -4.13 -7.39 0.78
C VAL B 179 -3.02 -7.76 -0.19
N VAL B 180 -2.10 -6.85 -0.49
CA VAL B 180 -1.08 -7.09 -1.50
C VAL B 180 0.28 -7.42 -0.89
N GLU B 181 0.30 -7.80 0.39
CA GLU B 181 1.54 -8.21 1.03
C GLU B 181 2.30 -9.30 0.27
N PRO B 182 1.66 -10.33 -0.30
CA PRO B 182 2.44 -11.32 -1.06
C PRO B 182 3.25 -10.71 -2.19
N TYR B 183 2.67 -9.75 -2.94
CA TYR B 183 3.40 -9.07 -3.99
C TYR B 183 4.55 -8.25 -3.43
N ASN B 184 4.23 -7.35 -2.50
CA ASN B 184 5.25 -6.49 -1.92
C ASN B 184 6.44 -7.30 -1.40
N ALA B 185 6.16 -8.39 -0.66
CA ALA B 185 7.26 -9.15 -0.07
C ALA B 185 8.09 -9.88 -1.14
N THR B 186 7.42 -10.44 -2.15
CA THR B 186 8.17 -11.18 -3.16
C THR B 186 9.08 -10.26 -3.95
N LEU B 187 8.59 -9.05 -4.26
CA LEU B 187 9.42 -8.09 -4.99
C LEU B 187 10.62 -7.65 -4.15
N SER B 188 10.47 -7.60 -2.83
CA SER B 188 11.58 -7.20 -1.97
C SER B 188 12.58 -8.33 -1.76
N VAL B 189 12.11 -9.57 -1.56
CA VAL B 189 13.03 -10.69 -1.34
C VAL B 189 14.03 -10.77 -2.49
N HIS B 190 13.55 -10.54 -3.70
CA HIS B 190 14.40 -10.42 -4.89
C HIS B 190 15.54 -9.42 -4.65
N GLN B 191 15.20 -8.21 -4.19
CA GLN B 191 16.19 -7.17 -3.96
C GLN B 191 17.21 -7.60 -2.90
N LEU B 192 16.73 -8.18 -1.79
CA LEU B 192 17.61 -8.56 -0.69
C LEU B 192 18.58 -9.67 -1.08
N VAL B 193 18.09 -10.65 -1.87
CA VAL B 193 18.97 -11.70 -2.37
C VAL B 193 20.18 -11.09 -3.06
N GLU B 194 19.93 -10.02 -3.83
CA GLU B 194 20.95 -9.42 -4.68
C GLU B 194 21.84 -8.44 -3.92
N ASN B 195 21.31 -7.74 -2.92
CA ASN B 195 21.91 -6.51 -2.46
C ASN B 195 22.18 -6.42 -0.96
N THR B 196 21.81 -7.40 -0.14
CA THR B 196 22.21 -7.38 1.26
C THR B 196 23.30 -8.42 1.53
N ASP B 197 24.03 -8.20 2.62
CA ASP B 197 25.05 -9.14 3.05
C ASP B 197 24.57 -10.02 4.19
N GLU B 198 23.66 -9.51 5.02
CA GLU B 198 23.11 -10.22 6.16
C GLU B 198 21.69 -9.71 6.34
N THR B 199 20.72 -10.61 6.30
CA THR B 199 19.33 -10.22 6.54
C THR B 199 18.79 -11.10 7.66
N TYR B 200 18.32 -10.46 8.73
CA TYR B 200 17.61 -11.18 9.79
C TYR B 200 16.14 -11.30 9.42
N CYS B 201 15.67 -12.53 9.26
CA CYS B 201 14.28 -12.76 8.88
C CYS B 201 13.42 -12.73 10.13
N ILE B 202 12.61 -11.68 10.25
CA ILE B 202 11.70 -11.47 11.36
C ILE B 202 10.30 -11.75 10.84
N ASP B 203 9.73 -12.89 11.23
CA ASP B 203 8.50 -13.41 10.63
C ASP B 203 7.31 -13.11 11.53
N ASN B 204 6.48 -12.14 11.12
CA ASN B 204 5.25 -11.87 11.86
C ASN B 204 4.43 -13.14 12.11
N GLU B 205 4.50 -14.11 11.20
CA GLU B 205 3.83 -15.39 11.42
C GLU B 205 4.36 -16.07 12.68
N ALA B 206 5.68 -16.11 12.82
CA ALA B 206 6.29 -16.69 14.01
C ALA B 206 5.99 -15.86 15.25
N LEU B 207 6.13 -14.54 15.15
CA LEU B 207 5.85 -13.69 16.30
C LEU B 207 4.41 -13.88 16.80
N TYR B 208 3.44 -13.92 15.89
CA TYR B 208 2.06 -14.16 16.31
C TYR B 208 1.94 -15.53 16.98
N ASP B 209 2.48 -16.58 16.34
CA ASP B 209 2.39 -17.92 16.91
C ASP B 209 3.03 -17.97 18.30
N ILE B 210 4.17 -17.30 18.49
CA ILE B 210 4.83 -17.32 19.80
C ILE B 210 3.94 -16.68 20.84
N CYS B 211 3.42 -15.49 20.54
CA CYS B 211 2.54 -14.79 21.49
C CYS B 211 1.30 -15.61 21.80
N PHE B 212 0.74 -16.29 20.80
CA PHE B 212 -0.51 -17.02 21.02
C PHE B 212 -0.27 -18.33 21.76
N ARG B 213 0.65 -19.15 21.25
CA ARG B 213 0.84 -20.50 21.77
C ARG B 213 1.68 -20.52 23.05
N THR B 214 2.78 -19.77 23.10
CA THR B 214 3.69 -19.87 24.24
C THR B 214 3.33 -18.87 25.35
N LEU B 215 3.13 -17.60 24.99
CA LEU B 215 2.85 -16.55 25.95
C LEU B 215 1.39 -16.49 26.36
N LYS B 216 0.53 -17.29 25.72
CA LYS B 216 -0.90 -17.39 26.05
C LYS B 216 -1.61 -16.05 25.84
N LEU B 217 -1.15 -15.24 24.90
CA LEU B 217 -1.80 -13.98 24.56
C LEU B 217 -2.89 -14.28 23.55
N THR B 218 -4.15 -14.25 24.01
CA THR B 218 -5.27 -14.62 23.17
C THR B 218 -5.31 -13.81 21.89
N THR B 219 -5.08 -12.50 21.99
CA THR B 219 -5.17 -11.59 20.85
C THR B 219 -3.90 -10.76 20.79
N PRO B 220 -2.89 -11.24 20.07
CA PRO B 220 -1.65 -10.46 19.96
C PRO B 220 -1.89 -9.12 19.28
N THR B 221 -1.13 -8.13 19.73
CA THR B 221 -1.06 -6.81 19.13
C THR B 221 0.38 -6.58 18.70
N TYR B 222 0.59 -5.47 18.00
CA TYR B 222 1.93 -5.13 17.57
C TYR B 222 2.84 -4.90 18.75
N GLY B 223 2.32 -4.30 19.82
CA GLY B 223 3.09 -4.19 21.04
C GLY B 223 3.69 -5.51 21.46
N ASP B 224 2.87 -6.57 21.45
CA ASP B 224 3.36 -7.89 21.84
C ASP B 224 4.39 -8.43 20.86
N LEU B 225 4.12 -8.33 19.56
CA LEU B 225 5.10 -8.80 18.59
C LEU B 225 6.39 -8.01 18.71
N ASN B 226 6.28 -6.68 18.81
CA ASN B 226 7.48 -5.84 18.85
C ASN B 226 8.26 -6.03 20.13
N HIS B 227 7.63 -6.51 21.20
CA HIS B 227 8.43 -6.89 22.37
C HIS B 227 9.40 -8.00 22.02
N LEU B 228 8.96 -8.98 21.22
CA LEU B 228 9.86 -10.04 20.78
C LEU B 228 10.91 -9.51 19.80
N VAL B 229 10.54 -8.54 18.96
CA VAL B 229 11.52 -8.03 18.00
C VAL B 229 12.63 -7.28 18.70
N SER B 230 12.29 -6.47 19.69
CA SER B 230 13.31 -5.67 20.35
C SER B 230 14.24 -6.55 21.17
N ALA B 231 13.72 -7.65 21.75
CA ALA B 231 14.58 -8.56 22.48
C ALA B 231 15.56 -9.25 21.55
N THR B 232 15.11 -9.56 20.33
CA THR B 232 15.96 -10.19 19.34
C THR B 232 17.00 -9.21 18.82
N MET B 233 16.56 -8.00 18.45
CA MET B 233 17.51 -6.99 17.96
C MET B 233 18.53 -6.63 19.02
N SER B 234 18.11 -6.53 20.27
CA SER B 234 19.11 -6.40 21.32
C SER B 234 20.05 -7.59 21.32
N GLY B 235 19.49 -8.81 21.19
CA GLY B 235 20.33 -10.00 21.31
C GLY B 235 21.37 -10.09 20.21
N VAL B 236 20.97 -9.85 18.96
CA VAL B 236 21.89 -10.05 17.85
C VAL B 236 22.86 -8.90 17.65
N THR B 237 22.71 -7.81 18.40
CA THR B 237 23.68 -6.72 18.35
C THR B 237 24.57 -6.67 19.57
N THR B 238 24.36 -7.55 20.56
CA THR B 238 25.14 -7.49 21.80
C THR B 238 26.64 -7.49 21.53
N CYS B 239 27.09 -8.31 20.57
CA CYS B 239 28.52 -8.42 20.28
C CYS B 239 29.06 -7.22 19.53
N LEU B 240 28.21 -6.47 18.84
CA LEU B 240 28.68 -5.25 18.21
C LEU B 240 28.87 -4.16 19.24
N ARG B 241 28.15 -4.26 20.36
CA ARG B 241 27.96 -3.14 21.28
C ARG B 241 28.76 -3.24 22.56
N PHE B 242 29.17 -4.44 22.96
CA PHE B 242 29.94 -4.60 24.16
C PHE B 242 31.27 -5.27 23.83
N PRO B 243 32.34 -4.95 24.58
CA PRO B 243 33.65 -5.51 24.26
C PRO B 243 33.69 -7.00 24.55
N GLY B 244 33.89 -7.78 23.50
CA GLY B 244 34.14 -9.20 23.65
C GLY B 244 35.43 -9.58 22.96
N GLN B 245 36.16 -10.52 23.56
CA GLN B 245 37.44 -11.00 23.04
C GLN B 245 37.34 -11.50 21.60
N LEU B 246 36.12 -11.55 21.07
CA LEU B 246 35.88 -11.88 19.67
C LEU B 246 36.13 -10.70 18.75
N ASN B 247 35.98 -9.47 19.27
CA ASN B 247 36.11 -8.24 18.49
C ASN B 247 35.09 -8.22 17.34
N ALA B 248 33.82 -8.32 17.70
CA ALA B 248 32.77 -8.61 16.73
C ALA B 248 32.46 -7.38 15.86
N ASP B 249 32.36 -7.61 14.56
CA ASP B 249 31.92 -6.57 13.64
C ASP B 249 31.12 -7.23 12.53
N LEU B 250 30.51 -6.41 11.69
CA LEU B 250 29.55 -6.94 10.71
C LEU B 250 30.23 -7.75 9.63
N ARG B 251 31.46 -7.40 9.21
CA ARG B 251 32.12 -8.16 8.15
C ARG B 251 32.60 -9.53 8.65
N LYS B 252 33.19 -9.56 9.84
CA LYS B 252 33.56 -10.86 10.40
C LYS B 252 32.35 -11.76 10.57
N LEU B 253 31.21 -11.19 11.01
CA LEU B 253 29.99 -11.99 11.12
C LEU B 253 29.60 -12.56 9.78
N ALA B 254 29.63 -11.73 8.73
CA ALA B 254 29.26 -12.20 7.40
C ALA B 254 30.24 -13.26 6.89
N VAL B 255 31.53 -13.10 7.18
CA VAL B 255 32.52 -14.06 6.68
C VAL B 255 32.24 -15.45 7.22
N ASN B 256 31.95 -15.56 8.51
CA ASN B 256 31.79 -16.84 9.15
C ASN B 256 30.36 -17.38 9.08
N MET B 257 29.38 -16.55 8.69
CA MET B 257 27.99 -16.96 8.61
C MET B 257 27.51 -17.22 7.20
N VAL B 258 28.14 -16.65 6.18
CA VAL B 258 27.63 -16.73 4.81
C VAL B 258 28.55 -17.60 3.95
N PRO B 259 28.32 -18.91 3.87
CA PRO B 259 29.18 -19.75 2.99
C PRO B 259 28.97 -19.51 1.52
N PHE B 260 27.77 -19.09 1.10
CA PHE B 260 27.49 -18.83 -0.31
C PHE B 260 26.71 -17.53 -0.40
N PRO B 261 27.06 -16.66 -1.34
CA PRO B 261 26.64 -15.26 -1.23
C PRO B 261 25.13 -15.07 -1.12
N ARG B 262 24.34 -15.78 -1.94
CA ARG B 262 22.89 -15.62 -1.88
C ARG B 262 22.29 -16.14 -0.58
N LEU B 263 22.99 -17.00 0.15
CA LEU B 263 22.41 -17.65 1.33
C LEU B 263 22.79 -16.87 2.58
N HIS B 264 22.17 -15.70 2.72
CA HIS B 264 22.53 -14.76 3.78
C HIS B 264 21.30 -14.36 4.60
N PHE B 265 20.30 -15.24 4.67
CA PHE B 265 19.06 -15.02 5.42
C PHE B 265 19.10 -15.86 6.69
N PHE B 266 19.03 -15.20 7.85
CA PHE B 266 19.29 -15.82 9.13
C PHE B 266 17.98 -16.08 9.86
N MET B 267 17.93 -17.20 10.59
CA MET B 267 16.83 -17.47 11.50
C MET B 267 17.23 -16.97 12.89
N PRO B 268 16.67 -15.88 13.40
CA PRO B 268 16.95 -15.48 14.77
C PRO B 268 16.18 -16.31 15.80
N GLY B 269 16.77 -16.43 16.99
CA GLY B 269 16.15 -17.12 18.11
C GLY B 269 16.46 -16.43 19.42
N PHE B 270 15.76 -16.83 20.47
CA PHE B 270 15.90 -16.14 21.74
C PHE B 270 15.27 -16.97 22.84
N ALA B 271 15.95 -17.04 23.99
CA ALA B 271 15.42 -17.67 25.20
C ALA B 271 15.90 -16.83 26.37
N PRO B 272 15.05 -16.64 27.40
CA PRO B 272 13.68 -17.14 27.47
C PRO B 272 12.68 -16.22 26.77
N LEU B 273 11.53 -16.77 26.37
CA LEU B 273 10.47 -15.96 25.80
C LEU B 273 9.66 -15.31 26.90
N THR B 274 9.32 -14.03 26.72
CA THR B 274 8.66 -13.24 27.75
C THR B 274 7.48 -12.49 27.18
N SER B 275 6.41 -12.39 27.97
CA SER B 275 5.33 -11.47 27.68
C SER B 275 5.67 -10.09 28.24
N ARG B 276 5.02 -9.07 27.69
CA ARG B 276 5.21 -7.72 28.21
C ARG B 276 4.66 -7.61 29.62
N GLY B 277 5.48 -7.12 30.54
CA GLY B 277 5.01 -6.83 31.87
C GLY B 277 5.40 -7.85 32.93
N SER B 278 5.25 -9.13 32.63
CA SER B 278 5.55 -10.19 33.60
C SER B 278 7.02 -10.19 34.02
N LEU B 284 16.27 -18.84 34.29
CA LEU B 284 16.39 -20.24 33.85
C LEU B 284 17.84 -20.70 33.76
N THR B 285 18.03 -22.00 33.51
CA THR B 285 19.34 -22.63 33.64
C THR B 285 20.06 -22.69 32.30
N VAL B 286 21.38 -22.86 32.40
CA VAL B 286 22.21 -22.96 31.20
C VAL B 286 21.84 -24.16 30.33
N PRO B 287 21.66 -25.37 30.87
CA PRO B 287 21.25 -26.47 29.97
C PRO B 287 19.96 -26.17 29.23
N GLU B 288 19.00 -25.53 29.91
CA GLU B 288 17.75 -25.12 29.26
C GLU B 288 18.03 -24.12 28.14
N LEU B 289 18.74 -23.03 28.47
CA LEU B 289 19.09 -22.01 27.48
C LEU B 289 19.65 -22.63 26.21
N THR B 290 20.61 -23.53 26.37
CA THR B 290 21.20 -24.21 25.22
C THR B 290 20.13 -24.93 24.39
N GLN B 291 19.24 -25.67 25.04
CA GLN B 291 18.22 -26.41 24.31
C GLN B 291 17.15 -25.48 23.77
N GLN B 292 16.46 -24.74 24.68
CA GLN B 292 15.35 -23.87 24.29
C GLN B 292 15.69 -23.00 23.10
N MET B 293 16.96 -22.71 22.91
CA MET B 293 17.40 -21.83 21.85
C MET B 293 17.43 -22.50 20.49
N PHE B 294 17.56 -23.83 20.43
CA PHE B 294 17.48 -24.58 19.18
C PHE B 294 16.11 -25.24 18.99
N ASP B 295 15.09 -24.64 19.59
CA ASP B 295 13.73 -25.18 19.67
C ASP B 295 12.84 -24.36 18.73
N SER B 296 12.04 -25.05 17.92
CA SER B 296 11.21 -24.36 16.94
C SER B 296 10.32 -23.31 17.59
N LYS B 297 9.89 -23.55 18.83
CA LYS B 297 9.04 -22.60 19.54
C LYS B 297 9.77 -21.30 19.89
N ASN B 298 11.07 -21.20 19.61
CA ASN B 298 11.83 -20.00 19.94
C ASN B 298 12.37 -19.28 18.72
N MET B 299 12.02 -19.71 17.51
CA MET B 299 12.53 -19.07 16.30
C MET B 299 11.62 -17.89 15.90
N MET B 300 12.23 -16.77 15.56
CA MET B 300 11.50 -15.61 15.05
C MET B 300 11.19 -15.73 13.56
N ALA B 301 11.54 -16.84 12.93
CA ALA B 301 11.09 -17.19 11.59
C ALA B 301 10.25 -18.45 11.70
N ALA B 302 9.14 -18.53 10.94
CA ALA B 302 8.21 -19.65 11.10
C ALA B 302 8.73 -20.85 10.32
N CYS B 303 9.79 -21.45 10.87
CA CYS B 303 10.51 -22.53 10.23
C CYS B 303 10.96 -23.47 11.32
N ASP B 304 10.82 -24.77 11.10
CA ASP B 304 11.27 -25.77 12.04
C ASP B 304 12.71 -26.12 11.69
N PRO B 305 13.70 -25.77 12.52
CA PRO B 305 15.09 -26.05 12.15
C PRO B 305 15.39 -27.54 12.03
N ARG B 306 14.56 -28.39 12.63
CA ARG B 306 14.70 -29.84 12.47
C ARG B 306 14.16 -30.33 11.13
N HIS B 307 13.61 -29.42 10.33
CA HIS B 307 13.24 -29.69 8.94
C HIS B 307 14.40 -29.48 7.95
N GLY B 308 15.55 -28.98 8.41
CA GLY B 308 16.70 -28.80 7.54
C GLY B 308 17.98 -29.03 8.28
N ARG B 309 19.01 -28.26 7.94
CA ARG B 309 20.32 -28.38 8.57
C ARG B 309 20.94 -26.99 8.72
N TYR B 310 21.64 -26.79 9.82
CA TYR B 310 22.37 -25.55 10.07
C TYR B 310 23.65 -25.54 9.26
N LEU B 311 23.81 -24.51 8.41
CA LEU B 311 25.10 -24.27 7.78
C LEU B 311 26.10 -23.72 8.79
N THR B 312 25.68 -22.69 9.52
CA THR B 312 26.48 -22.00 10.52
C THR B 312 25.52 -21.45 11.58
N VAL B 313 25.99 -21.37 12.81
CA VAL B 313 25.20 -20.86 13.93
C VAL B 313 26.10 -19.98 14.77
N ALA B 314 25.61 -18.80 15.13
CA ALA B 314 26.26 -17.93 16.12
C ALA B 314 25.30 -17.76 17.28
N ALA B 315 25.82 -17.93 18.49
CA ALA B 315 25.01 -17.96 19.69
C ALA B 315 25.66 -17.05 20.72
N ILE B 316 24.84 -16.29 21.45
CA ILE B 316 25.35 -15.37 22.46
C ILE B 316 24.56 -15.51 23.75
N PHE B 317 25.28 -15.70 24.84
CA PHE B 317 24.72 -15.88 26.18
C PHE B 317 25.03 -14.62 26.99
N ARG B 318 24.02 -14.10 27.66
CA ARG B 318 24.17 -12.88 28.43
C ARG B 318 23.79 -13.14 29.88
N GLY B 319 24.56 -12.56 30.79
CA GLY B 319 24.43 -12.79 32.21
C GLY B 319 25.63 -13.53 32.77
N ARG B 320 25.67 -13.61 34.09
CA ARG B 320 26.77 -14.29 34.76
C ARG B 320 26.50 -15.79 34.80
N MET B 321 27.44 -16.57 34.29
CA MET B 321 27.24 -18.01 34.17
C MET B 321 28.59 -18.64 33.83
N SER B 322 28.68 -19.95 34.07
CA SER B 322 29.92 -20.67 33.82
C SER B 322 30.14 -20.83 32.33
N MET B 323 31.14 -20.13 31.78
CA MET B 323 31.47 -20.34 30.38
C MET B 323 31.94 -21.77 30.12
N LYS B 324 32.46 -22.45 31.14
CA LYS B 324 32.72 -23.89 31.01
C LYS B 324 31.40 -24.64 30.79
N GLU B 325 30.39 -24.34 31.60
CA GLU B 325 29.10 -25.01 31.45
C GLU B 325 28.40 -24.62 30.16
N VAL B 326 28.54 -23.37 29.73
CA VAL B 326 28.00 -22.96 28.43
C VAL B 326 28.69 -23.74 27.31
N ASP B 327 30.02 -23.86 27.38
CA ASP B 327 30.74 -24.57 26.33
C ASP B 327 30.42 -26.07 26.36
N GLU B 328 30.35 -26.65 27.56
CA GLU B 328 29.90 -28.03 27.73
C GLU B 328 28.62 -28.30 26.97
N GLN B 329 27.58 -27.52 27.29
CA GLN B 329 26.24 -27.79 26.79
C GLN B 329 26.12 -27.52 25.30
N MET B 330 26.77 -26.48 24.80
CA MET B 330 26.77 -26.25 23.36
C MET B 330 27.35 -27.45 22.61
N LEU B 331 28.44 -28.03 23.13
CA LEU B 331 28.98 -29.25 22.52
C LEU B 331 27.98 -30.40 22.59
N ASN B 332 27.40 -30.61 23.77
CA ASN B 332 26.42 -31.69 23.95
C ASN B 332 25.29 -31.58 22.93
N VAL B 333 24.76 -30.38 22.74
CA VAL B 333 23.69 -30.17 21.77
C VAL B 333 24.18 -30.48 20.35
N GLN B 334 25.37 -30.02 19.99
CA GLN B 334 25.90 -30.33 18.66
C GLN B 334 26.04 -31.83 18.44
N ASN B 335 26.45 -32.59 19.46
CA ASN B 335 26.63 -34.03 19.26
C ASN B 335 25.30 -34.76 19.18
N LYS B 336 24.38 -34.49 20.12
CA LYS B 336 23.08 -35.16 20.12
C LYS B 336 22.27 -34.84 18.85
N ASN B 337 22.43 -33.63 18.32
CA ASN B 337 21.68 -33.17 17.16
C ASN B 337 22.52 -33.15 15.89
N SER B 338 23.50 -34.07 15.79
CA SER B 338 24.52 -33.97 14.75
C SER B 338 23.93 -33.97 13.35
N SER B 339 22.81 -34.66 13.14
CA SER B 339 22.24 -34.73 11.80
C SER B 339 21.51 -33.45 11.38
N TYR B 340 21.44 -32.43 12.21
CA TYR B 340 20.87 -31.16 11.78
C TYR B 340 21.93 -30.09 11.54
N PHE B 341 23.19 -30.50 11.42
CA PHE B 341 24.32 -29.65 11.07
C PHE B 341 24.98 -30.27 9.84
N VAL B 342 25.38 -29.45 8.86
CA VAL B 342 26.05 -30.02 7.71
C VAL B 342 27.42 -30.53 8.14
N GLU B 343 27.79 -31.71 7.64
CA GLU B 343 29.06 -32.30 8.03
C GLU B 343 30.24 -31.66 7.32
N TRP B 344 30.01 -30.93 6.22
CA TRP B 344 31.08 -30.40 5.40
C TRP B 344 31.47 -28.97 5.79
N ILE B 345 31.02 -28.50 6.95
CA ILE B 345 31.53 -27.26 7.53
C ILE B 345 31.93 -27.59 8.97
N PRO B 346 33.16 -28.00 9.21
CA PRO B 346 33.59 -28.32 10.58
C PRO B 346 33.41 -27.13 11.51
N ASN B 347 32.98 -27.43 12.75
CA ASN B 347 32.97 -26.44 13.83
C ASN B 347 32.12 -25.21 13.48
N ASN B 348 30.88 -25.45 13.05
CA ASN B 348 30.11 -24.35 12.51
C ASN B 348 29.22 -23.67 13.54
N VAL B 349 29.47 -23.88 14.84
CA VAL B 349 28.77 -23.16 15.90
C VAL B 349 29.79 -22.38 16.70
N LYS B 350 29.63 -21.06 16.75
CA LYS B 350 30.50 -20.21 17.55
C LYS B 350 29.68 -19.60 18.68
N THR B 351 30.23 -19.65 19.89
CA THR B 351 29.56 -19.16 21.08
C THR B 351 30.31 -17.96 21.61
N ALA B 352 29.57 -16.90 21.93
CA ALA B 352 30.12 -15.77 22.66
C ALA B 352 29.35 -15.63 23.97
N VAL B 353 29.97 -14.92 24.92
CA VAL B 353 29.37 -14.57 26.19
C VAL B 353 29.59 -13.08 26.46
N CYS B 354 28.57 -12.42 27.01
CA CYS B 354 28.65 -11.05 27.49
C CYS B 354 28.05 -11.01 28.90
N ASP B 355 28.72 -10.29 29.81
CA ASP B 355 28.35 -10.35 31.23
C ASP B 355 27.06 -9.59 31.55
N ILE B 356 26.66 -8.65 30.69
CA ILE B 356 25.59 -7.73 31.01
C ILE B 356 24.26 -8.34 30.53
N PRO B 357 23.33 -8.64 31.44
CA PRO B 357 22.07 -9.22 31.04
C PRO B 357 21.16 -8.16 30.46
N PRO B 358 20.24 -8.55 29.58
CA PRO B 358 19.20 -7.63 29.14
C PRO B 358 18.32 -7.23 30.32
N ARG B 359 17.65 -6.08 30.18
CA ARG B 359 16.87 -5.51 31.26
C ARG B 359 15.80 -6.48 31.73
N GLY B 360 15.62 -6.59 33.04
CA GLY B 360 14.62 -7.45 33.63
C GLY B 360 14.99 -8.92 33.68
N LEU B 361 15.91 -9.37 32.84
CA LEU B 361 16.37 -10.76 32.84
C LEU B 361 17.72 -10.85 33.55
N LYS B 362 18.00 -12.03 34.09
CA LYS B 362 19.31 -12.31 34.64
C LYS B 362 20.14 -13.26 33.78
N MET B 363 19.50 -14.03 32.90
CA MET B 363 20.19 -14.88 31.95
C MET B 363 19.41 -14.91 30.65
N SER B 364 20.09 -14.79 29.52
CA SER B 364 19.42 -14.84 28.23
C SER B 364 20.35 -15.49 27.21
N ALA B 365 19.74 -16.03 26.15
CA ALA B 365 20.48 -16.58 25.03
C ALA B 365 19.87 -16.09 23.73
N THR B 366 20.73 -15.86 22.74
CA THR B 366 20.28 -15.39 21.44
C THR B 366 21.00 -16.17 20.37
N PHE B 367 20.24 -16.58 19.37
CA PHE B 367 20.65 -17.54 18.38
C PHE B 367 20.53 -16.90 17.01
N ILE B 368 21.56 -17.07 16.18
CA ILE B 368 21.57 -16.61 14.81
C ILE B 368 21.94 -17.82 13.97
N GLY B 369 20.99 -18.34 13.22
CA GLY B 369 21.21 -19.54 12.44
C GLY B 369 21.14 -19.24 10.95
N ASN B 370 22.03 -19.85 10.20
CA ASN B 370 21.88 -19.95 8.75
C ASN B 370 21.40 -21.38 8.48
N SER B 371 20.08 -21.57 8.46
CA SER B 371 19.47 -22.89 8.32
C SER B 371 18.82 -23.04 6.96
N THR B 372 19.04 -24.20 6.32
CA THR B 372 18.31 -24.51 5.09
C THR B 372 16.80 -24.61 5.31
N ALA B 373 16.34 -24.72 6.56
CA ALA B 373 14.90 -24.70 6.80
C ALA B 373 14.26 -23.35 6.52
N ILE B 374 15.06 -22.29 6.34
CA ILE B 374 14.49 -20.99 6.02
C ILE B 374 13.76 -21.04 4.70
N GLN B 375 14.05 -22.06 3.88
CA GLN B 375 13.30 -22.23 2.64
C GLN B 375 11.80 -22.34 2.89
N GLU B 376 11.38 -22.72 4.10
CA GLU B 376 9.95 -22.81 4.40
C GLU B 376 9.32 -21.42 4.45
N LEU B 377 10.06 -20.41 4.90
CA LEU B 377 9.56 -19.04 4.88
C LEU B 377 9.26 -18.61 3.45
N PHE B 378 10.23 -18.82 2.55
CA PHE B 378 10.06 -18.34 1.19
C PHE B 378 9.06 -19.17 0.40
N LYS B 379 8.91 -20.47 0.72
CA LYS B 379 7.87 -21.26 0.05
C LYS B 379 6.49 -20.75 0.40
N ARG B 380 6.28 -20.35 1.66
CA ARG B 380 5.00 -19.81 2.08
C ARG B 380 4.68 -18.51 1.33
N ILE B 381 5.65 -17.59 1.26
CA ILE B 381 5.48 -16.36 0.47
C ILE B 381 5.22 -16.69 -0.98
N SER B 382 6.00 -17.62 -1.54
CA SER B 382 5.84 -17.98 -2.95
C SER B 382 4.45 -18.50 -3.24
N GLU B 383 3.88 -19.33 -2.34
CA GLU B 383 2.54 -19.88 -2.58
C GLU B 383 1.48 -18.78 -2.54
N GLN B 384 1.60 -17.85 -1.59
CA GLN B 384 0.64 -16.76 -1.51
C GLN B 384 0.76 -15.85 -2.73
N PHE B 385 1.99 -15.55 -3.15
CA PHE B 385 2.22 -14.82 -4.39
C PHE B 385 1.53 -15.51 -5.57
N THR B 386 1.83 -16.80 -5.75
CA THR B 386 1.27 -17.54 -6.87
C THR B 386 -0.27 -17.58 -6.84
N ALA B 387 -0.88 -17.64 -5.65
CA ALA B 387 -2.34 -17.70 -5.62
C ALA B 387 -2.93 -16.39 -6.15
N MET B 388 -2.29 -15.25 -5.85
CA MET B 388 -2.76 -13.96 -6.34
C MET B 388 -2.38 -13.73 -7.80
N PHE B 389 -1.10 -13.96 -8.13
CA PHE B 389 -0.60 -13.60 -9.45
C PHE B 389 -1.18 -14.46 -10.55
N ARG B 390 -1.58 -15.70 -10.25
CA ARG B 390 -2.17 -16.55 -11.30
C ARG B 390 -3.51 -16.01 -11.80
N ARG B 391 -4.22 -15.22 -10.97
CA ARG B 391 -5.42 -14.51 -11.38
C ARG B 391 -5.14 -13.05 -11.71
N LYS B 392 -3.87 -12.62 -11.62
CA LYS B 392 -3.43 -11.23 -11.83
C LYS B 392 -4.17 -10.24 -10.94
N ALA B 393 -4.60 -10.69 -9.76
CA ALA B 393 -5.33 -9.83 -8.84
C ALA B 393 -4.48 -8.64 -8.40
N PHE B 394 -5.09 -7.45 -8.37
CA PHE B 394 -4.46 -6.21 -7.91
C PHE B 394 -3.25 -5.81 -8.73
N LEU B 395 -2.98 -6.55 -9.81
CA LEU B 395 -1.79 -6.27 -10.60
C LEU B 395 -1.79 -4.84 -11.16
N HIS B 396 -2.97 -4.30 -11.48
CA HIS B 396 -3.02 -3.03 -12.21
C HIS B 396 -2.51 -1.86 -11.39
N TRP B 397 -2.54 -1.95 -10.05
CA TRP B 397 -1.93 -0.89 -9.28
C TRP B 397 -0.42 -0.87 -9.39
N TYR B 398 0.19 -1.93 -9.95
CA TYR B 398 1.64 -1.97 -10.16
C TYR B 398 2.01 -1.63 -11.60
N THR B 399 1.30 -2.18 -12.58
CA THR B 399 1.53 -1.81 -13.97
C THR B 399 1.22 -0.34 -14.21
N GLY B 400 0.24 0.20 -13.48
CA GLY B 400 -0.10 1.60 -13.57
C GLY B 400 1.02 2.51 -13.10
N GLU B 401 1.97 1.98 -12.35
CA GLU B 401 3.17 2.71 -11.94
C GLU B 401 4.32 2.56 -12.93
N GLY B 402 4.13 1.81 -14.02
CA GLY B 402 5.17 1.61 -15.01
C GLY B 402 5.78 0.22 -15.01
N MET B 403 5.45 -0.62 -14.03
CA MET B 403 6.04 -1.95 -13.94
C MET B 403 5.52 -2.88 -15.02
N ASP B 404 6.41 -3.69 -15.53
CA ASP B 404 6.07 -4.78 -16.43
C ASP B 404 5.72 -6.01 -15.60
N GLU B 405 4.88 -6.89 -16.18
CA GLU B 405 4.58 -8.18 -15.54
C GLU B 405 5.82 -9.04 -15.37
N MET B 406 6.79 -8.90 -16.28
CA MET B 406 8.03 -9.66 -16.17
C MET B 406 8.75 -9.40 -14.86
N GLU B 407 8.62 -8.19 -14.31
CA GLU B 407 9.27 -7.94 -13.03
C GLU B 407 8.70 -8.86 -11.97
N PHE B 408 7.41 -9.12 -12.04
CA PHE B 408 6.76 -10.03 -11.09
C PHE B 408 7.26 -11.46 -11.28
N THR B 409 7.30 -11.95 -12.52
CA THR B 409 7.67 -13.35 -12.70
C THR B 409 9.16 -13.58 -12.41
N GLU B 410 10.03 -12.63 -12.80
CA GLU B 410 11.45 -12.77 -12.49
C GLU B 410 11.69 -12.79 -10.99
N ALA B 411 11.01 -11.92 -10.23
CA ALA B 411 11.25 -11.85 -8.80
C ALA B 411 10.89 -13.17 -8.12
N GLU B 412 9.77 -13.80 -8.51
CA GLU B 412 9.39 -15.08 -7.93
C GLU B 412 10.22 -16.23 -8.48
N SER B 413 10.62 -16.16 -9.76
CA SER B 413 11.60 -17.11 -10.29
C SER B 413 12.86 -17.12 -9.45
N ASN B 414 13.35 -15.94 -9.08
CA ASN B 414 14.53 -15.85 -8.24
C ASN B 414 14.27 -16.42 -6.85
N MET B 415 13.11 -16.12 -6.27
CA MET B 415 12.80 -16.63 -4.93
C MET B 415 12.67 -18.15 -4.94
N ASN B 416 12.10 -18.73 -5.99
CA ASN B 416 12.08 -20.19 -6.08
C ASN B 416 13.49 -20.76 -6.30
N ASP B 417 14.36 -20.02 -7.01
CA ASP B 417 15.75 -20.44 -7.15
C ASP B 417 16.47 -20.46 -5.81
N LEU B 418 16.28 -19.42 -4.99
CA LEU B 418 16.78 -19.43 -3.62
C LEU B 418 16.31 -20.68 -2.88
N VAL B 419 15.00 -20.96 -2.93
CA VAL B 419 14.47 -22.17 -2.30
C VAL B 419 15.26 -23.39 -2.76
N SER B 420 15.43 -23.54 -4.08
CA SER B 420 16.13 -24.72 -4.63
C SER B 420 17.55 -24.79 -4.11
N GLU B 421 18.22 -23.63 -4.06
CA GLU B 421 19.60 -23.58 -3.61
C GLU B 421 19.72 -23.99 -2.14
N TYR B 422 18.82 -23.52 -1.28
CA TYR B 422 18.76 -24.01 0.10
C TYR B 422 18.55 -25.53 0.14
N GLN B 423 17.66 -26.04 -0.73
CA GLN B 423 17.41 -27.47 -0.80
C GLN B 423 18.64 -28.23 -1.25
N GLN B 424 19.41 -27.65 -2.18
CA GLN B 424 20.58 -28.33 -2.71
C GLN B 424 21.64 -28.54 -1.63
N TYR B 425 21.80 -27.58 -0.72
CA TYR B 425 22.80 -27.75 0.34
C TYR B 425 22.26 -28.58 1.49
N GLN B 426 20.95 -28.60 1.67
CA GLN B 426 20.36 -29.50 2.66
C GLN B 426 20.67 -30.95 2.34
N ASP B 427 20.69 -31.31 1.05
CA ASP B 427 20.92 -32.69 0.64
C ASP B 427 22.36 -33.01 0.29
N ALA B 428 23.26 -32.02 0.28
CA ALA B 428 24.66 -32.31 0.03
C ALA B 428 25.26 -33.09 1.20
N THR B 429 26.16 -34.02 0.88
CA THR B 429 26.85 -34.81 1.90
C THR B 429 28.37 -34.70 1.74
N ALA B 430 29.09 -35.26 2.71
CA ALA B 430 30.55 -35.39 2.61
C ALA B 430 30.94 -36.64 1.82
N MET C 1 -1.30 20.26 1.71
CA MET C 1 -0.80 18.89 1.55
C MET C 1 -1.94 17.90 1.62
N ARG C 2 -1.87 16.87 0.78
CA ARG C 2 -2.83 15.75 0.77
C ARG C 2 -4.27 16.23 0.64
N GLU C 3 -4.51 17.20 -0.22
CA GLU C 3 -5.86 17.74 -0.35
C GLU C 3 -6.78 16.82 -1.16
N CYS C 4 -8.07 16.84 -0.80
CA CYS C 4 -9.13 16.24 -1.59
C CYS C 4 -10.13 17.32 -1.98
N ILE C 5 -10.54 17.32 -3.24
CA ILE C 5 -11.58 18.21 -3.74
C ILE C 5 -12.86 17.42 -3.93
N SER C 6 -13.95 17.92 -3.35
CA SER C 6 -15.27 17.31 -3.46
C SER C 6 -16.12 18.05 -4.49
N ILE C 7 -16.85 17.28 -5.30
CA ILE C 7 -17.69 17.80 -6.35
C ILE C 7 -19.07 17.16 -6.20
N HIS C 8 -20.09 17.99 -6.11
CA HIS C 8 -21.45 17.58 -5.81
C HIS C 8 -22.33 18.00 -6.97
N VAL C 9 -22.96 17.03 -7.62
CA VAL C 9 -23.58 17.22 -8.93
C VAL C 9 -25.05 16.89 -8.85
N GLY C 10 -25.89 17.81 -9.29
CA GLY C 10 -27.33 17.59 -9.33
C GLY C 10 -27.94 17.65 -7.95
N GLN C 11 -29.28 17.54 -7.93
CA GLN C 11 -30.02 17.59 -6.68
C GLN C 11 -29.48 16.62 -5.63
N ALA C 12 -29.44 15.33 -5.94
CA ALA C 12 -28.98 14.35 -4.95
C ALA C 12 -27.57 14.67 -4.45
N GLY C 13 -26.65 14.97 -5.38
CA GLY C 13 -25.28 15.24 -4.96
C GLY C 13 -25.18 16.48 -4.09
N VAL C 14 -25.97 17.51 -4.43
CA VAL C 14 -25.90 18.77 -3.71
C VAL C 14 -26.52 18.63 -2.32
N GLN C 15 -27.66 17.93 -2.23
CA GLN C 15 -28.30 17.82 -0.93
C GLN C 15 -27.47 16.94 0.00
N ILE C 16 -26.80 15.93 -0.55
CA ILE C 16 -25.91 15.11 0.27
C ILE C 16 -24.69 15.90 0.71
N GLY C 17 -24.14 16.71 -0.19
CA GLY C 17 -23.08 17.63 0.20
C GLY C 17 -23.49 18.52 1.37
N ASN C 18 -24.76 18.94 1.39
CA ASN C 18 -25.25 19.73 2.52
C ASN C 18 -25.08 18.98 3.82
N ALA C 19 -25.46 17.71 3.85
CA ALA C 19 -25.35 16.93 5.07
C ALA C 19 -23.89 16.68 5.42
N CYS C 20 -23.05 16.43 4.41
CA CYS C 20 -21.63 16.17 4.66
C CYS C 20 -20.91 17.40 5.20
N TRP C 21 -21.06 18.55 4.52
CA TRP C 21 -20.26 19.69 4.94
C TRP C 21 -20.78 20.27 6.27
N GLU C 22 -22.08 20.14 6.55
CA GLU C 22 -22.59 20.43 7.88
C GLU C 22 -21.92 19.56 8.94
N LEU C 23 -21.86 18.25 8.69
CA LEU C 23 -21.24 17.34 9.66
C LEU C 23 -19.76 17.62 9.85
N TYR C 24 -19.04 17.89 8.75
CA TYR C 24 -17.60 18.21 8.84
C TYR C 24 -17.37 19.46 9.68
N CYS C 25 -18.15 20.51 9.44
CA CYS C 25 -18.01 21.72 10.25
C CYS C 25 -18.20 21.40 11.73
N LEU C 26 -19.23 20.63 12.05
CA LEU C 26 -19.47 20.20 13.42
C LEU C 26 -18.34 19.31 13.94
N GLU C 27 -17.85 18.39 13.09
CA GLU C 27 -16.75 17.54 13.48
C GLU C 27 -15.48 18.33 13.82
N HIS C 28 -15.22 19.43 13.11
CA HIS C 28 -13.98 20.19 13.31
C HIS C 28 -14.19 21.50 14.07
N GLY C 29 -15.39 21.77 14.58
CA GLY C 29 -15.63 23.01 15.32
C GLY C 29 -15.70 24.26 14.48
N ILE C 30 -16.02 24.13 13.20
CA ILE C 30 -16.06 25.27 12.29
C ILE C 30 -17.45 25.87 12.33
N GLN C 31 -17.53 27.17 12.55
CA GLN C 31 -18.79 27.88 12.53
C GLN C 31 -19.27 28.06 11.09
N PRO C 32 -20.57 28.33 10.89
CA PRO C 32 -21.09 28.45 9.52
C PRO C 32 -20.58 29.66 8.74
N ASP C 33 -19.85 30.59 9.39
CA ASP C 33 -19.14 31.64 8.68
C ASP C 33 -17.71 31.24 8.33
N GLY C 34 -17.31 30.00 8.65
CA GLY C 34 -15.97 29.53 8.37
C GLY C 34 -14.96 29.79 9.47
N GLN C 35 -15.37 30.35 10.60
CA GLN C 35 -14.46 30.67 11.68
C GLN C 35 -14.38 29.53 12.70
N MET C 36 -13.33 29.56 13.50
CA MET C 36 -13.00 28.42 14.34
C MET C 36 -12.12 28.84 15.51
N PRO C 37 -12.61 28.72 16.76
CA PRO C 37 -11.85 29.03 17.99
C PRO C 37 -10.43 28.44 18.03
N ASP C 46 -3.86 19.17 15.76
CA ASP C 46 -4.53 18.44 14.67
C ASP C 46 -5.01 19.39 13.59
N ASP C 47 -4.21 19.54 12.54
CA ASP C 47 -4.53 20.41 11.41
C ASP C 47 -5.00 19.63 10.19
N SER C 48 -5.32 18.34 10.35
CA SER C 48 -5.62 17.49 9.20
C SER C 48 -6.88 17.90 8.46
N PHE C 49 -7.78 18.67 9.08
CA PHE C 49 -8.95 19.14 8.36
C PHE C 49 -8.58 20.04 7.18
N ASN C 50 -7.30 20.45 7.08
CA ASN C 50 -6.87 21.28 5.96
C ASN C 50 -6.91 20.55 4.63
N THR C 51 -6.95 19.21 4.65
CA THR C 51 -7.13 18.48 3.41
C THR C 51 -8.47 18.81 2.75
N PHE C 52 -9.47 19.18 3.56
CA PHE C 52 -10.82 19.45 3.07
C PHE C 52 -11.22 20.92 3.16
N PHE C 53 -10.47 21.74 3.89
CA PHE C 53 -10.76 23.18 4.01
C PHE C 53 -9.52 23.97 3.65
N SER C 54 -9.63 24.86 2.68
CA SER C 54 -8.63 25.89 2.56
C SER C 54 -8.81 26.90 3.69
N GLU C 55 -7.87 27.83 3.80
CA GLU C 55 -7.99 28.90 4.78
C GLU C 55 -7.60 30.23 4.14
N THR C 56 -8.47 31.24 4.32
CA THR C 56 -8.21 32.61 3.90
C THR C 56 -7.39 33.35 4.95
N GLY C 57 -6.89 34.52 4.56
CA GLY C 57 -6.08 35.30 5.48
C GLY C 57 -6.80 35.72 6.74
N ALA C 58 -8.14 35.79 6.69
CA ALA C 58 -8.92 36.15 7.87
C ALA C 58 -9.25 34.95 8.75
N GLY C 59 -8.53 33.84 8.60
CA GLY C 59 -8.81 32.64 9.37
C GLY C 59 -10.11 31.94 9.03
N LYS C 60 -10.70 32.28 7.89
CA LYS C 60 -11.93 31.65 7.44
C LYS C 60 -11.59 30.33 6.74
N HIS C 61 -12.37 29.30 7.02
CA HIS C 61 -12.11 27.96 6.49
C HIS C 61 -13.16 27.59 5.46
N VAL C 62 -12.72 27.39 4.23
CA VAL C 62 -13.59 27.29 3.06
C VAL C 62 -13.48 25.87 2.50
N PRO C 63 -14.59 25.12 2.44
CA PRO C 63 -14.55 23.78 1.82
C PRO C 63 -13.87 23.78 0.46
N ARG C 64 -13.07 22.76 0.21
CA ARG C 64 -12.47 22.55 -1.11
C ARG C 64 -13.50 21.79 -1.93
N ALA C 65 -14.53 22.52 -2.37
CA ALA C 65 -15.72 21.89 -2.94
C ALA C 65 -16.35 22.79 -4.00
N VAL C 66 -16.90 22.15 -5.02
CA VAL C 66 -17.79 22.78 -6.01
C VAL C 66 -19.16 22.11 -5.91
N PHE C 67 -20.21 22.92 -5.86
CA PHE C 67 -21.59 22.46 -6.00
C PHE C 67 -22.06 22.84 -7.40
N VAL C 68 -22.52 21.86 -8.16
CA VAL C 68 -22.99 22.11 -9.52
C VAL C 68 -24.40 21.55 -9.67
N ASP C 69 -25.24 22.32 -10.35
CA ASP C 69 -26.56 21.85 -10.73
C ASP C 69 -26.97 22.69 -11.94
N LEU C 70 -27.71 22.07 -12.86
CA LEU C 70 -28.13 22.76 -14.08
C LEU C 70 -29.38 23.63 -13.87
N GLU C 71 -30.06 23.47 -12.75
CA GLU C 71 -31.17 24.30 -12.31
C GLU C 71 -30.79 24.92 -10.98
N PRO C 72 -31.27 26.14 -10.67
CA PRO C 72 -30.74 26.87 -9.52
C PRO C 72 -31.46 26.62 -8.19
N THR C 73 -32.58 25.87 -8.21
CA THR C 73 -33.47 25.82 -7.05
C THR C 73 -32.77 25.28 -5.82
N VAL C 74 -32.10 24.14 -5.97
CA VAL C 74 -31.50 23.47 -4.82
C VAL C 74 -30.32 24.26 -4.31
N ILE C 75 -29.43 24.67 -5.21
CA ILE C 75 -28.26 25.43 -4.78
C ILE C 75 -28.64 26.83 -4.29
N ASP C 76 -29.81 27.35 -4.70
CA ASP C 76 -30.29 28.61 -4.11
C ASP C 76 -30.57 28.47 -2.63
N GLU C 77 -31.01 27.29 -2.18
CA GLU C 77 -31.22 27.09 -0.75
C GLU C 77 -29.89 27.16 0.00
N VAL C 78 -28.81 26.65 -0.62
CA VAL C 78 -27.49 26.85 -0.03
C VAL C 78 -27.16 28.34 0.03
N ARG C 79 -27.42 29.06 -1.07
CA ARG C 79 -27.05 30.46 -1.16
C ARG C 79 -27.81 31.34 -0.18
N THR C 80 -28.94 30.87 0.35
CA THR C 80 -29.71 31.66 1.30
C THR C 80 -29.94 30.97 2.64
N GLY C 81 -29.35 29.78 2.86
CA GLY C 81 -29.57 29.02 4.07
C GLY C 81 -28.51 29.26 5.12
N THR C 82 -28.34 28.26 5.99
CA THR C 82 -27.49 28.43 7.17
C THR C 82 -26.04 28.69 6.78
N TYR C 83 -25.52 27.92 5.84
CA TYR C 83 -24.10 27.96 5.49
C TYR C 83 -23.84 28.82 4.25
N ARG C 84 -24.67 29.83 4.02
CA ARG C 84 -24.51 30.65 2.83
C ARG C 84 -23.20 31.43 2.83
N GLN C 85 -22.60 31.66 4.00
CA GLN C 85 -21.27 32.28 4.01
C GLN C 85 -20.15 31.25 4.06
N LEU C 86 -20.46 29.96 4.14
CA LEU C 86 -19.38 28.97 4.24
C LEU C 86 -18.62 28.84 2.93
N PHE C 87 -19.34 28.82 1.81
CA PHE C 87 -18.76 28.74 0.48
C PHE C 87 -18.59 30.13 -0.12
N HIS C 88 -17.57 30.29 -0.96
CA HIS C 88 -17.51 31.44 -1.85
C HIS C 88 -18.58 31.29 -2.93
N PRO C 89 -19.23 32.39 -3.34
CA PRO C 89 -20.29 32.30 -4.37
C PRO C 89 -19.87 31.53 -5.62
N GLU C 90 -18.60 31.69 -6.03
CA GLU C 90 -18.06 31.08 -7.24
C GLU C 90 -17.96 29.57 -7.17
N GLN C 91 -17.99 29.01 -5.96
CA GLN C 91 -18.03 27.57 -5.78
C GLN C 91 -19.43 26.97 -5.99
N LEU C 92 -20.48 27.80 -6.00
CA LEU C 92 -21.87 27.36 -6.16
C LEU C 92 -22.32 27.73 -7.58
N ILE C 93 -22.38 26.72 -8.45
CA ILE C 93 -22.53 26.94 -9.89
C ILE C 93 -23.87 26.36 -10.33
N THR C 94 -24.73 27.21 -10.92
CA THR C 94 -26.04 26.81 -11.41
C THR C 94 -26.29 27.34 -12.81
N GLY C 95 -26.91 26.53 -13.65
CA GLY C 95 -27.54 26.99 -14.87
C GLY C 95 -28.96 27.44 -14.59
N LYS C 96 -29.77 27.52 -15.65
CA LYS C 96 -31.15 27.94 -15.51
C LYS C 96 -32.17 26.88 -15.85
N GLU C 97 -31.79 25.85 -16.61
CA GLU C 97 -32.70 24.77 -17.03
C GLU C 97 -32.08 23.44 -16.60
N ASP C 98 -32.88 22.56 -15.99
CA ASP C 98 -32.29 21.29 -15.62
C ASP C 98 -32.32 20.33 -16.81
N ALA C 99 -31.84 19.12 -16.59
CA ALA C 99 -31.76 18.09 -17.61
C ALA C 99 -33.06 17.31 -17.78
N ALA C 100 -34.12 17.68 -17.07
CA ALA C 100 -35.44 17.03 -17.22
C ALA C 100 -35.34 15.50 -17.21
N ASN C 101 -34.58 14.97 -16.25
CA ASN C 101 -34.43 13.52 -16.02
C ASN C 101 -33.84 12.81 -17.23
N ASN C 102 -33.13 13.53 -18.09
CA ASN C 102 -32.69 13.00 -19.38
C ASN C 102 -31.16 13.08 -19.43
N TYR C 103 -30.51 11.91 -19.41
CA TYR C 103 -29.06 11.83 -19.50
C TYR C 103 -28.52 12.62 -20.68
N ALA C 104 -29.17 12.49 -21.84
CA ALA C 104 -28.70 13.19 -23.03
C ALA C 104 -28.61 14.71 -22.81
N ARG C 105 -29.50 15.28 -21.98
CA ARG C 105 -29.43 16.72 -21.78
C ARG C 105 -28.38 17.10 -20.75
N GLY C 106 -28.18 16.27 -19.73
CA GLY C 106 -27.11 16.54 -18.77
C GLY C 106 -25.73 16.46 -19.42
N HIS C 107 -25.55 15.51 -20.33
CA HIS C 107 -24.25 15.22 -20.93
C HIS C 107 -23.94 16.11 -22.12
N TYR C 108 -24.95 16.49 -22.90
CA TYR C 108 -24.70 17.25 -24.11
C TYR C 108 -25.45 18.57 -24.09
N THR C 109 -26.73 18.50 -24.44
CA THR C 109 -27.52 19.68 -24.78
C THR C 109 -27.39 20.79 -23.74
N ILE C 110 -27.65 20.48 -22.47
CA ILE C 110 -27.65 21.47 -21.42
C ILE C 110 -26.32 21.54 -20.70
N GLY C 111 -25.69 20.38 -20.48
CA GLY C 111 -24.45 20.35 -19.73
C GLY C 111 -23.28 21.01 -20.42
N LYS C 112 -23.24 20.97 -21.75
CA LYS C 112 -22.13 21.57 -22.49
C LYS C 112 -22.08 23.07 -22.34
N GLU C 113 -23.18 23.70 -21.90
CA GLU C 113 -23.18 25.15 -21.74
C GLU C 113 -22.49 25.60 -20.45
N ILE C 114 -22.27 24.70 -19.51
CA ILE C 114 -21.73 25.08 -18.20
C ILE C 114 -20.48 24.31 -17.85
N ILE C 115 -20.07 23.34 -18.67
CA ILE C 115 -18.98 22.46 -18.27
C ILE C 115 -17.67 23.22 -18.18
N ASP C 116 -17.41 24.15 -19.11
CA ASP C 116 -16.17 24.90 -19.06
C ASP C 116 -16.05 25.72 -17.78
N LEU C 117 -17.17 26.29 -17.33
CA LEU C 117 -17.16 27.02 -16.07
C LEU C 117 -16.77 26.12 -14.91
N VAL C 118 -17.36 24.91 -14.84
CA VAL C 118 -17.08 24.03 -13.71
C VAL C 118 -15.62 23.63 -13.68
N LEU C 119 -15.04 23.27 -14.84
CA LEU C 119 -13.64 22.89 -14.87
C LEU C 119 -12.74 24.06 -14.50
N ASP C 120 -13.09 25.27 -14.96
CA ASP C 120 -12.34 26.46 -14.55
C ASP C 120 -12.36 26.63 -13.04
N ARG C 121 -13.48 26.37 -12.39
CA ARG C 121 -13.53 26.52 -10.94
C ARG C 121 -12.72 25.42 -10.27
N ILE C 122 -12.88 24.18 -10.72
CA ILE C 122 -12.09 23.08 -10.16
C ILE C 122 -10.60 23.36 -10.34
N ARG C 123 -10.20 23.81 -11.54
CA ARG C 123 -8.81 24.14 -11.78
C ARG C 123 -8.34 25.22 -10.83
N LYS C 124 -9.22 26.15 -10.43
CA LYS C 124 -8.78 27.12 -9.44
C LYS C 124 -8.66 26.49 -8.05
N LEU C 125 -9.49 25.49 -7.75
CA LEU C 125 -9.32 24.75 -6.49
C LEU C 125 -8.05 23.90 -6.51
N ALA C 126 -7.76 23.23 -7.63
CA ALA C 126 -6.52 22.45 -7.71
C ALA C 126 -5.30 23.33 -7.52
N ASP C 127 -5.36 24.56 -8.07
CA ASP C 127 -4.24 25.46 -7.93
C ASP C 127 -3.96 25.82 -6.48
N GLN C 128 -4.92 25.58 -5.58
CA GLN C 128 -4.72 25.84 -4.16
C GLN C 128 -4.22 24.62 -3.38
N CYS C 129 -3.95 23.50 -4.04
CA CYS C 129 -3.47 22.28 -3.41
C CYS C 129 -2.00 22.06 -3.70
N THR C 130 -1.24 21.69 -2.66
CA THR C 130 0.17 21.35 -2.85
C THR C 130 0.41 19.86 -3.03
N GLY C 131 -0.58 19.01 -2.75
CA GLY C 131 -0.45 17.56 -2.92
C GLY C 131 -1.80 16.90 -3.13
N LEU C 132 -2.46 17.24 -4.24
CA LEU C 132 -3.80 16.76 -4.50
C LEU C 132 -3.85 15.22 -4.54
N GLN C 133 -4.68 14.65 -3.66
CA GLN C 133 -4.92 13.20 -3.61
C GLN C 133 -5.90 12.79 -4.71
N GLY C 134 -7.04 13.45 -4.77
CA GLY C 134 -8.01 13.12 -5.80
C GLY C 134 -9.28 13.92 -5.65
N PHE C 135 -10.28 13.48 -6.40
CA PHE C 135 -11.60 14.08 -6.46
C PHE C 135 -12.61 13.09 -5.91
N LEU C 136 -13.53 13.58 -5.09
CA LEU C 136 -14.69 12.83 -4.63
C LEU C 136 -15.93 13.43 -5.28
N VAL C 137 -16.68 12.62 -6.02
CA VAL C 137 -17.81 13.10 -6.82
C VAL C 137 -19.09 12.47 -6.31
N PHE C 138 -20.01 13.30 -5.84
CA PHE C 138 -21.31 12.86 -5.31
C PHE C 138 -22.39 13.13 -6.34
N HIS C 139 -23.22 12.12 -6.64
CA HIS C 139 -24.25 12.25 -7.68
C HIS C 139 -25.23 11.08 -7.61
N SER C 140 -26.43 11.30 -8.14
CA SER C 140 -27.39 10.21 -8.32
C SER C 140 -27.14 9.51 -9.64
N PHE C 141 -27.54 8.23 -9.70
CA PHE C 141 -27.56 7.52 -10.98
C PHE C 141 -28.72 7.97 -11.85
N GLY C 142 -29.86 8.33 -11.24
CA GLY C 142 -31.11 8.44 -11.96
C GLY C 142 -31.42 9.80 -12.54
N GLY C 143 -30.90 10.86 -11.93
CA GLY C 143 -31.17 12.19 -12.43
C GLY C 143 -30.50 12.45 -13.77
N GLY C 144 -31.07 13.37 -14.53
CA GLY C 144 -30.47 13.73 -15.80
C GLY C 144 -29.17 14.47 -15.60
N THR C 145 -29.07 15.28 -14.55
CA THR C 145 -27.79 15.91 -14.25
C THR C 145 -26.86 14.94 -13.55
N GLY C 146 -27.35 14.29 -12.49
CA GLY C 146 -26.53 13.31 -11.77
C GLY C 146 -25.90 12.27 -12.67
N SER C 147 -26.61 11.86 -13.73
CA SER C 147 -26.06 10.87 -14.65
C SER C 147 -25.25 11.52 -15.77
N GLY C 148 -25.87 12.41 -16.54
CA GLY C 148 -25.27 12.88 -17.77
C GLY C 148 -24.18 13.91 -17.56
N PHE C 149 -24.37 14.81 -16.58
CA PHE C 149 -23.35 15.82 -16.34
C PHE C 149 -22.15 15.22 -15.62
N THR C 150 -22.40 14.33 -14.66
CA THR C 150 -21.29 13.65 -13.99
C THR C 150 -20.44 12.89 -14.99
N SER C 151 -21.08 12.18 -15.94
CA SER C 151 -20.34 11.50 -17.00
C SER C 151 -19.45 12.47 -17.76
N LEU C 152 -20.01 13.61 -18.18
CA LEU C 152 -19.21 14.62 -18.88
C LEU C 152 -18.09 15.14 -17.99
N LEU C 153 -18.43 15.49 -16.74
CA LEU C 153 -17.44 15.97 -15.80
C LEU C 153 -16.28 14.98 -15.66
N MET C 154 -16.60 13.69 -15.48
CA MET C 154 -15.56 12.68 -15.25
C MET C 154 -14.66 12.55 -16.46
N GLU C 155 -15.22 12.67 -17.67
CA GLU C 155 -14.39 12.62 -18.88
C GLU C 155 -13.45 13.82 -18.94
N ARG C 156 -13.95 15.02 -18.64
CA ARG C 156 -13.11 16.20 -18.67
C ARG C 156 -12.06 16.19 -17.57
N LEU C 157 -12.39 15.59 -16.42
CA LEU C 157 -11.41 15.43 -15.35
C LEU C 157 -10.27 14.50 -15.77
N SER C 158 -10.59 13.46 -16.54
CA SER C 158 -9.53 12.59 -17.05
C SER C 158 -8.62 13.33 -18.01
N VAL C 159 -9.19 14.17 -18.88
CA VAL C 159 -8.35 14.96 -19.78
C VAL C 159 -7.50 15.93 -18.98
N ASP C 160 -8.12 16.69 -18.07
CA ASP C 160 -7.37 17.72 -17.35
C ASP C 160 -6.36 17.10 -16.38
N TYR C 161 -6.72 16.02 -15.68
CA TYR C 161 -5.91 15.56 -14.56
C TYR C 161 -5.33 14.16 -14.75
N GLY C 162 -5.44 13.57 -15.94
CA GLY C 162 -4.85 12.26 -16.18
C GLY C 162 -5.46 11.18 -15.30
N LYS C 163 -4.58 10.35 -14.75
CA LYS C 163 -4.98 9.25 -13.88
C LYS C 163 -5.13 9.67 -12.41
N LYS C 164 -5.11 10.96 -12.11
CA LYS C 164 -5.37 11.42 -10.75
C LYS C 164 -6.65 10.80 -10.21
N SER C 165 -6.59 10.32 -8.96
CA SER C 165 -7.67 9.49 -8.41
C SER C 165 -9.01 10.19 -8.48
N LYS C 166 -10.01 9.46 -8.96
CA LYS C 166 -11.40 9.91 -8.95
C LYS C 166 -12.27 8.84 -8.32
N LEU C 167 -12.89 9.17 -7.19
CA LEU C 167 -13.78 8.28 -6.47
C LEU C 167 -15.18 8.89 -6.43
N GLU C 168 -16.21 8.04 -6.49
CA GLU C 168 -17.59 8.52 -6.50
C GLU C 168 -18.37 8.00 -5.32
N PHE C 169 -19.38 8.77 -4.94
CA PHE C 169 -20.49 8.29 -4.12
C PHE C 169 -21.76 8.47 -4.93
N SER C 170 -22.44 7.35 -5.20
CA SER C 170 -23.47 7.29 -6.23
C SER C 170 -24.76 6.76 -5.63
N ILE C 171 -25.86 7.46 -5.88
CA ILE C 171 -27.16 7.06 -5.34
C ILE C 171 -27.81 6.14 -6.37
N TYR C 172 -27.95 4.89 -5.98
CA TYR C 172 -28.58 3.90 -6.81
C TYR C 172 -30.09 4.01 -6.60
N PRO C 173 -30.88 4.05 -7.67
CA PRO C 173 -32.31 4.39 -7.54
C PRO C 173 -33.15 3.26 -6.95
N ALA C 174 -34.25 3.66 -6.30
CA ALA C 174 -35.17 2.75 -5.63
C ALA C 174 -36.61 3.23 -5.86
N PRO C 175 -37.52 2.35 -6.25
CA PRO C 175 -38.93 2.77 -6.40
C PRO C 175 -39.53 3.43 -5.17
N GLN C 176 -39.12 3.03 -3.97
CA GLN C 176 -39.67 3.61 -2.74
C GLN C 176 -39.41 5.11 -2.66
N VAL C 177 -38.18 5.51 -2.94
CA VAL C 177 -37.82 6.92 -2.95
C VAL C 177 -38.09 7.50 -4.34
N SER C 178 -38.61 8.73 -4.38
CA SER C 178 -39.15 9.33 -5.59
C SER C 178 -38.28 9.04 -6.80
N THR C 179 -38.85 8.35 -7.78
CA THR C 179 -38.07 7.81 -8.89
C THR C 179 -38.78 8.07 -10.20
N ALA C 180 -38.06 8.65 -11.16
CA ALA C 180 -38.55 8.79 -12.52
C ALA C 180 -38.46 7.47 -13.27
N VAL C 181 -39.28 7.33 -14.31
CA VAL C 181 -39.43 6.05 -14.97
C VAL C 181 -38.21 5.73 -15.83
N VAL C 182 -37.47 6.75 -16.25
CA VAL C 182 -36.33 6.54 -17.14
C VAL C 182 -35.03 6.43 -16.36
N GLU C 183 -35.11 6.43 -15.02
CA GLU C 183 -33.92 6.24 -14.20
C GLU C 183 -33.12 4.98 -14.53
N PRO C 184 -33.71 3.83 -14.89
CA PRO C 184 -32.86 2.70 -15.30
C PRO C 184 -31.98 3.04 -16.49
N TYR C 185 -32.50 3.80 -17.45
CA TYR C 185 -31.70 4.22 -18.58
C TYR C 185 -30.53 5.10 -18.16
N ASN C 186 -30.80 6.11 -17.33
CA ASN C 186 -29.73 7.03 -16.98
C ASN C 186 -28.67 6.33 -16.17
N SER C 187 -29.06 5.35 -15.37
CA SER C 187 -28.12 4.63 -14.54
C SER C 187 -27.13 3.84 -15.39
N ILE C 188 -27.64 3.09 -16.38
CA ILE C 188 -26.75 2.30 -17.22
C ILE C 188 -25.89 3.20 -18.11
N LEU C 189 -26.46 4.31 -18.57
CA LEU C 189 -25.69 5.17 -19.47
C LEU C 189 -24.53 5.85 -18.73
N THR C 190 -24.78 6.37 -17.53
CA THR C 190 -23.66 6.98 -16.81
C THR C 190 -22.65 5.93 -16.35
N THR C 191 -23.09 4.71 -16.02
CA THR C 191 -22.16 3.68 -15.57
C THR C 191 -21.24 3.27 -16.71
N HIS C 192 -21.79 3.05 -17.91
CA HIS C 192 -20.95 2.75 -19.07
C HIS C 192 -19.92 3.85 -19.30
N THR C 193 -20.38 5.11 -19.31
CA THR C 193 -19.51 6.22 -19.68
C THR C 193 -18.44 6.48 -18.62
N THR C 194 -18.79 6.29 -17.34
CA THR C 194 -17.92 6.62 -16.22
C THR C 194 -16.95 5.49 -15.86
N LEU C 195 -17.21 4.26 -16.30
CA LEU C 195 -16.46 3.11 -15.81
C LEU C 195 -14.95 3.28 -16.00
N GLU C 196 -14.52 3.63 -17.22
CA GLU C 196 -13.09 3.85 -17.50
C GLU C 196 -12.46 4.98 -16.69
N HIS C 197 -13.27 5.89 -16.15
CA HIS C 197 -12.77 7.13 -15.60
C HIS C 197 -12.78 7.17 -14.08
N SER C 198 -13.46 6.24 -13.44
CA SER C 198 -13.53 6.23 -11.99
C SER C 198 -12.60 5.15 -11.49
N ASP C 199 -11.96 5.41 -10.35
CA ASP C 199 -11.07 4.44 -9.74
C ASP C 199 -11.79 3.60 -8.70
N CYS C 200 -12.85 4.14 -8.12
CA CYS C 200 -13.56 3.47 -7.04
C CYS C 200 -14.88 4.20 -6.77
N ALA C 201 -15.99 3.48 -6.77
CA ALA C 201 -17.31 4.09 -6.68
C ALA C 201 -18.07 3.41 -5.54
N PHE C 202 -18.41 4.18 -4.52
CA PHE C 202 -19.17 3.67 -3.37
C PHE C 202 -20.66 3.88 -3.65
N MET C 203 -21.38 2.80 -3.93
CA MET C 203 -22.78 2.90 -4.29
C MET C 203 -23.65 2.94 -3.04
N VAL C 204 -24.69 3.75 -3.09
CA VAL C 204 -25.64 3.87 -1.98
C VAL C 204 -27.03 3.64 -2.54
N ASP C 205 -27.69 2.60 -2.05
CA ASP C 205 -29.01 2.19 -2.49
C ASP C 205 -30.06 2.90 -1.65
N ASN C 206 -30.85 3.78 -2.29
CA ASN C 206 -31.86 4.53 -1.55
C ASN C 206 -32.84 3.61 -0.84
N GLU C 207 -33.16 2.44 -1.41
CA GLU C 207 -34.04 1.52 -0.71
C GLU C 207 -33.40 1.00 0.57
N ALA C 208 -32.10 0.70 0.52
CA ALA C 208 -31.43 0.19 1.72
C ALA C 208 -31.40 1.26 2.81
N ILE C 209 -31.00 2.48 2.44
CA ILE C 209 -30.99 3.58 3.41
C ILE C 209 -32.41 3.81 3.93
N TYR C 210 -33.40 3.77 3.02
CA TYR C 210 -34.78 3.92 3.43
C TYR C 210 -35.17 2.89 4.48
N ASP C 211 -34.87 1.61 4.22
CA ASP C 211 -35.30 0.53 5.12
C ASP C 211 -34.62 0.64 6.48
N ILE C 212 -33.37 1.06 6.50
CA ILE C 212 -32.66 1.25 7.76
C ILE C 212 -33.34 2.34 8.59
N CYS C 213 -33.68 3.47 7.95
CA CYS C 213 -34.32 4.56 8.67
C CYS C 213 -35.65 4.14 9.27
N ARG C 214 -36.31 3.16 8.65
CA ARG C 214 -37.58 2.66 9.17
C ARG C 214 -37.35 1.66 10.31
N ARG C 215 -36.50 0.64 10.07
CA ARG C 215 -36.29 -0.41 11.06
C ARG C 215 -35.54 0.10 12.26
N ASN C 216 -34.38 0.72 12.03
CA ASN C 216 -33.51 1.11 13.13
C ASN C 216 -33.92 2.43 13.77
N LEU C 217 -34.46 3.38 12.99
CA LEU C 217 -34.77 4.71 13.49
C LEU C 217 -36.26 4.96 13.72
N ASP C 218 -37.14 4.03 13.33
CA ASP C 218 -38.57 4.13 13.57
C ASP C 218 -39.16 5.41 12.96
N ILE C 219 -38.80 5.66 11.72
CA ILE C 219 -39.31 6.78 10.93
C ILE C 219 -40.23 6.22 9.86
N GLU C 220 -41.53 6.48 9.99
CA GLU C 220 -42.52 5.88 9.10
C GLU C 220 -42.25 6.24 7.63
N ARG C 221 -42.17 7.53 7.32
CA ARG C 221 -41.94 8.01 5.96
C ARG C 221 -40.68 8.87 5.97
N PRO C 222 -39.51 8.26 5.85
CA PRO C 222 -38.26 9.04 5.87
C PRO C 222 -38.21 10.05 4.73
N THR C 223 -37.64 11.21 5.03
CA THR C 223 -37.43 12.26 4.06
C THR C 223 -35.99 12.21 3.56
N TYR C 224 -35.72 12.95 2.49
CA TYR C 224 -34.34 13.08 2.03
C TYR C 224 -33.41 13.49 3.16
N THR C 225 -33.85 14.43 4.00
CA THR C 225 -32.99 14.88 5.10
C THR C 225 -32.71 13.74 6.08
N ASN C 226 -33.71 12.87 6.33
CA ASN C 226 -33.45 11.65 7.09
C ASN C 226 -32.42 10.78 6.39
N LEU C 227 -32.62 10.54 5.09
CA LEU C 227 -31.72 9.67 4.34
C LEU C 227 -30.33 10.28 4.25
N ASN C 228 -30.27 11.57 3.94
CA ASN C 228 -28.98 12.22 3.73
C ASN C 228 -28.17 12.26 5.02
N ARG C 229 -28.82 12.46 6.17
CA ARG C 229 -28.09 12.50 7.42
C ARG C 229 -27.43 11.15 7.70
N LEU C 230 -28.13 10.05 7.41
CA LEU C 230 -27.46 8.75 7.54
C LEU C 230 -26.36 8.60 6.50
N ILE C 231 -26.64 9.02 5.26
CA ILE C 231 -25.61 8.93 4.23
C ILE C 231 -24.37 9.74 4.63
N SER C 232 -24.58 10.89 5.28
CA SER C 232 -23.46 11.74 5.66
C SER C 232 -22.60 11.09 6.73
N GLN C 233 -23.20 10.30 7.65
CA GLN C 233 -22.40 9.57 8.62
C GLN C 233 -21.47 8.58 7.91
N ILE C 234 -22.02 7.82 6.96
CA ILE C 234 -21.20 6.86 6.24
C ILE C 234 -20.09 7.57 5.49
N VAL C 235 -20.43 8.64 4.77
CA VAL C 235 -19.40 9.42 4.07
C VAL C 235 -18.35 9.91 5.05
N SER C 236 -18.78 10.41 6.21
CA SER C 236 -17.82 10.97 7.14
C SER C 236 -16.89 9.89 7.66
N SER C 237 -17.41 8.67 7.83
CA SER C 237 -16.55 7.56 8.24
C SER C 237 -15.45 7.31 7.22
N ILE C 238 -15.79 7.36 5.93
CA ILE C 238 -14.81 7.15 4.87
C ILE C 238 -13.75 8.24 4.89
N THR C 239 -14.17 9.50 5.03
CA THR C 239 -13.19 10.58 4.90
C THR C 239 -12.52 10.91 6.23
N ALA C 240 -13.00 10.35 7.33
CA ALA C 240 -12.44 10.66 8.65
C ALA C 240 -10.94 10.42 8.67
N SER C 241 -10.48 9.35 8.02
CA SER C 241 -9.07 9.01 7.97
C SER C 241 -8.24 10.12 7.34
N LEU C 242 -8.84 10.86 6.39
CA LEU C 242 -8.15 11.95 5.72
C LEU C 242 -8.25 13.28 6.45
N ARG C 243 -9.22 13.43 7.35
CA ARG C 243 -9.47 14.70 7.99
C ARG C 243 -8.96 14.79 9.42
N PHE C 244 -8.51 13.69 10.02
CA PHE C 244 -8.02 13.69 11.39
C PHE C 244 -6.63 13.09 11.51
N ASP C 245 -5.94 13.46 12.60
CA ASP C 245 -4.78 12.73 13.12
C ASP C 245 -5.28 11.43 13.75
N GLY C 246 -5.11 10.31 13.06
CA GLY C 246 -5.55 9.03 13.56
C GLY C 246 -4.37 8.11 13.91
N ALA C 247 -4.72 7.05 14.62
CA ALA C 247 -3.80 5.94 14.89
C ALA C 247 -3.52 5.21 13.58
N LEU C 248 -4.54 4.55 13.04
CA LEU C 248 -4.46 3.90 11.74
C LEU C 248 -5.27 4.73 10.74
N ASN C 249 -4.58 5.40 9.84
CA ASN C 249 -5.23 6.18 8.79
C ASN C 249 -5.24 5.39 7.49
N VAL C 250 -6.17 5.76 6.61
CA VAL C 250 -6.32 5.12 5.30
C VAL C 250 -6.52 6.20 4.26
N ASP C 251 -5.48 6.53 3.49
CA ASP C 251 -5.63 7.60 2.52
C ASP C 251 -6.31 7.05 1.26
N LEU C 252 -6.59 7.95 0.32
CA LEU C 252 -7.30 7.57 -0.90
C LEU C 252 -6.58 6.49 -1.66
N THR C 253 -5.24 6.56 -1.71
CA THR C 253 -4.51 5.54 -2.45
C THR C 253 -4.66 4.17 -1.80
N GLU C 254 -4.70 4.13 -0.47
CA GLU C 254 -4.87 2.86 0.24
C GLU C 254 -6.25 2.26 -0.01
N PHE C 255 -7.30 3.09 -0.04
CA PHE C 255 -8.64 2.63 -0.42
C PHE C 255 -8.60 1.90 -1.75
N GLN C 256 -8.08 2.57 -2.79
CA GLN C 256 -8.06 1.99 -4.13
C GLN C 256 -7.25 0.70 -4.17
N THR C 257 -6.09 0.70 -3.52
CA THR C 257 -5.22 -0.45 -3.56
C THR C 257 -5.88 -1.66 -2.92
N ASN C 258 -6.47 -1.46 -1.76
CA ASN C 258 -6.95 -2.60 -0.99
C ASN C 258 -8.35 -3.04 -1.37
N LEU C 259 -9.12 -2.19 -2.09
CA LEU C 259 -10.51 -2.54 -2.39
C LEU C 259 -10.76 -2.93 -3.85
N VAL C 260 -9.84 -2.67 -4.77
CA VAL C 260 -10.12 -2.77 -6.19
C VAL C 260 -9.15 -3.76 -6.82
N PRO C 261 -9.55 -5.03 -6.98
CA PRO C 261 -8.63 -6.05 -7.50
C PRO C 261 -8.45 -6.01 -9.01
N TYR C 262 -9.41 -5.46 -9.73
CA TYR C 262 -9.41 -5.27 -11.17
C TYR C 262 -10.05 -3.92 -11.46
N PRO C 263 -9.61 -3.21 -12.49
CA PRO C 263 -10.14 -1.85 -12.72
C PRO C 263 -11.66 -1.78 -12.80
N ARG C 264 -12.30 -2.69 -13.54
CA ARG C 264 -13.75 -2.59 -13.67
C ARG C 264 -14.45 -2.97 -12.38
N ILE C 265 -13.81 -3.79 -11.55
CA ILE C 265 -14.40 -4.34 -10.33
C ILE C 265 -14.16 -3.36 -9.19
N HIS C 266 -14.73 -2.16 -9.28
CA HIS C 266 -14.34 -1.09 -8.37
C HIS C 266 -15.51 -0.53 -7.58
N PHE C 267 -16.48 -1.37 -7.24
CA PHE C 267 -17.73 -0.93 -6.61
C PHE C 267 -17.87 -1.56 -5.23
N PRO C 268 -17.26 -1.00 -4.19
CA PRO C 268 -17.28 -1.65 -2.88
C PRO C 268 -18.63 -1.51 -2.19
N LEU C 269 -18.93 -2.49 -1.35
CA LEU C 269 -20.16 -2.50 -0.56
C LEU C 269 -19.90 -1.84 0.79
N ALA C 270 -20.68 -0.80 1.10
CA ALA C 270 -20.62 -0.10 2.39
C ALA C 270 -21.64 -0.66 3.38
N THR C 271 -21.18 -0.83 4.63
CA THR C 271 -22.00 -1.21 5.78
C THR C 271 -21.61 -0.33 6.96
N TYR C 272 -22.57 -0.08 7.85
CA TYR C 272 -22.34 0.86 8.94
C TYR C 272 -23.09 0.42 10.19
N ALA C 273 -22.47 0.65 11.35
CA ALA C 273 -23.05 0.27 12.63
C ALA C 273 -22.34 1.03 13.75
N PRO C 274 -23.04 1.38 14.84
CA PRO C 274 -24.47 1.11 15.05
C PRO C 274 -25.36 2.24 14.51
N VAL C 275 -26.59 1.91 14.12
CA VAL C 275 -27.59 2.90 13.74
C VAL C 275 -28.69 2.84 14.79
N ILE C 276 -28.66 3.77 15.74
CA ILE C 276 -29.48 3.71 16.94
C ILE C 276 -30.39 4.92 16.98
N SER C 277 -31.65 4.68 17.29
CA SER C 277 -32.62 5.77 17.40
C SER C 277 -32.26 6.70 18.55
N ALA C 278 -32.24 8.00 18.27
CA ALA C 278 -31.93 8.99 19.31
C ALA C 278 -32.94 8.99 20.44
N GLU C 279 -34.15 8.48 20.20
CA GLU C 279 -35.16 8.39 21.25
C GLU C 279 -35.15 7.04 21.99
N LYS C 280 -34.21 6.15 21.69
CA LYS C 280 -34.11 4.89 22.41
C LYS C 280 -33.62 5.13 23.84
N ALA C 281 -34.16 4.36 24.78
CA ALA C 281 -33.86 4.54 26.20
C ALA C 281 -32.55 3.90 26.62
N GLN C 285 -23.89 0.91 25.42
CA GLN C 285 -22.89 1.03 24.36
C GLN C 285 -22.52 -0.34 23.78
N LEU C 286 -22.61 -0.45 22.45
CA LEU C 286 -22.32 -1.69 21.76
C LEU C 286 -20.82 -1.95 21.69
N SER C 287 -20.43 -3.21 21.94
CA SER C 287 -19.02 -3.56 21.97
C SER C 287 -18.40 -3.47 20.58
N VAL C 288 -17.07 -3.54 20.55
CA VAL C 288 -16.38 -3.58 19.26
C VAL C 288 -16.78 -4.82 18.48
N ALA C 289 -16.88 -5.97 19.17
CA ALA C 289 -17.32 -7.19 18.51
C ALA C 289 -18.74 -7.04 17.94
N GLU C 290 -19.67 -6.55 18.76
CA GLU C 290 -21.05 -6.40 18.31
C GLU C 290 -21.14 -5.59 17.02
N ILE C 291 -20.56 -4.38 17.02
CA ILE C 291 -20.69 -3.54 15.83
C ILE C 291 -19.91 -4.14 14.66
N THR C 292 -18.88 -4.95 14.93
CA THR C 292 -18.16 -5.59 13.84
C THR C 292 -18.99 -6.69 13.21
N ASN C 293 -19.63 -7.52 14.03
CA ASN C 293 -20.54 -8.54 13.52
C ASN C 293 -21.72 -7.93 12.78
N ALA C 294 -22.17 -6.74 13.22
CA ALA C 294 -23.26 -6.07 12.52
C ALA C 294 -22.89 -5.70 11.08
N CYS C 295 -21.60 -5.57 10.76
CA CYS C 295 -21.21 -5.21 9.40
C CYS C 295 -21.40 -6.34 8.40
N PHE C 296 -21.50 -7.58 8.87
CA PHE C 296 -21.75 -8.72 8.00
C PHE C 296 -23.20 -9.18 8.04
N GLU C 297 -24.07 -8.48 8.79
CA GLU C 297 -25.51 -8.73 8.74
C GLU C 297 -26.12 -8.00 7.56
N PRO C 298 -26.91 -8.67 6.70
CA PRO C 298 -27.43 -7.99 5.50
C PRO C 298 -28.34 -6.81 5.78
N ALA C 299 -28.91 -6.68 6.98
CA ALA C 299 -29.81 -5.55 7.24
C ALA C 299 -29.10 -4.20 7.28
N ASN C 300 -27.80 -4.16 7.55
CA ASN C 300 -27.09 -2.91 7.73
C ASN C 300 -26.33 -2.46 6.50
N GLN C 301 -26.57 -3.08 5.34
CA GLN C 301 -25.80 -2.74 4.15
C GLN C 301 -26.39 -1.53 3.41
N MET C 302 -25.52 -0.81 2.70
CA MET C 302 -25.96 0.34 1.92
C MET C 302 -26.50 -0.03 0.56
N VAL C 303 -26.40 -1.31 0.17
CA VAL C 303 -26.95 -1.80 -1.10
C VAL C 303 -27.62 -3.12 -0.80
N LYS C 304 -28.87 -3.28 -1.24
CA LYS C 304 -29.57 -4.54 -1.05
C LYS C 304 -28.93 -5.61 -1.93
N CYS C 305 -28.31 -6.60 -1.30
CA CYS C 305 -27.72 -7.77 -1.92
C CYS C 305 -27.41 -8.73 -0.77
N ASP C 306 -26.97 -9.94 -1.12
CA ASP C 306 -26.78 -11.01 -0.15
C ASP C 306 -25.35 -11.51 -0.18
N PRO C 307 -24.47 -10.97 0.68
CA PRO C 307 -23.05 -11.38 0.65
C PRO C 307 -22.82 -12.82 1.01
N ARG C 308 -23.74 -13.46 1.74
CA ARG C 308 -23.62 -14.90 1.98
C ARG C 308 -23.72 -15.68 0.68
N HIS C 309 -24.38 -15.10 -0.32
CA HIS C 309 -24.48 -15.72 -1.64
C HIS C 309 -23.38 -15.30 -2.57
N GLY C 310 -22.42 -14.50 -2.11
CA GLY C 310 -21.26 -14.14 -2.91
C GLY C 310 -19.94 -14.49 -2.22
N LYS C 311 -18.84 -14.01 -2.79
CA LYS C 311 -17.52 -14.19 -2.22
C LYS C 311 -16.86 -12.84 -2.01
N TYR C 312 -16.23 -12.67 -0.86
CA TYR C 312 -15.50 -11.45 -0.55
C TYR C 312 -14.13 -11.44 -1.23
N MET C 313 -13.73 -10.26 -1.70
CA MET C 313 -12.40 -10.07 -2.25
C MET C 313 -11.58 -9.08 -1.46
N ALA C 314 -12.18 -8.35 -0.52
CA ALA C 314 -11.48 -7.33 0.25
C ALA C 314 -12.44 -6.75 1.28
N CYS C 315 -11.95 -6.59 2.51
CA CYS C 315 -12.74 -5.95 3.57
C CYS C 315 -11.90 -4.88 4.26
N CYS C 316 -12.35 -3.64 4.16
CA CYS C 316 -11.71 -2.51 4.82
C CYS C 316 -12.63 -2.04 5.95
N LEU C 317 -12.18 -2.16 7.18
CA LEU C 317 -12.98 -1.81 8.35
C LEU C 317 -12.46 -0.50 8.94
N LEU C 318 -13.33 0.49 9.00
CA LEU C 318 -12.97 1.86 9.38
C LEU C 318 -13.67 2.19 10.70
N TYR C 319 -12.93 2.08 11.81
CA TYR C 319 -13.48 2.34 13.14
C TYR C 319 -13.24 3.78 13.54
N ARG C 320 -14.20 4.36 14.25
CA ARG C 320 -14.02 5.68 14.82
C ARG C 320 -14.55 5.69 16.24
N GLY C 321 -13.85 6.41 17.12
CA GLY C 321 -14.31 6.55 18.48
C GLY C 321 -13.46 5.85 19.52
N ASP C 322 -14.13 5.21 20.48
CA ASP C 322 -13.47 4.55 21.61
C ASP C 322 -13.23 3.08 21.24
N VAL C 323 -12.15 2.85 20.49
CA VAL C 323 -11.82 1.53 19.95
C VAL C 323 -10.34 1.23 20.20
N VAL C 324 -10.06 0.03 20.70
CA VAL C 324 -8.69 -0.42 20.97
C VAL C 324 -8.31 -1.51 19.98
N PRO C 325 -7.05 -1.52 19.48
CA PRO C 325 -6.68 -2.52 18.45
C PRO C 325 -6.78 -3.95 18.92
N LYS C 326 -6.54 -4.24 20.20
CA LYS C 326 -6.73 -5.60 20.69
C LYS C 326 -8.17 -6.06 20.51
N ASP C 327 -9.14 -5.13 20.59
CA ASP C 327 -10.54 -5.50 20.38
C ASP C 327 -10.85 -5.72 18.90
N VAL C 328 -10.34 -4.85 18.04
CA VAL C 328 -10.48 -5.06 16.60
C VAL C 328 -9.87 -6.40 16.20
N ASN C 329 -8.65 -6.69 16.69
CA ASN C 329 -7.98 -7.94 16.34
C ASN C 329 -8.80 -9.15 16.76
N ALA C 330 -9.35 -9.12 17.98
CA ALA C 330 -10.19 -10.23 18.45
C ALA C 330 -11.51 -10.31 17.67
N ALA C 331 -12.11 -9.15 17.38
CA ALA C 331 -13.35 -9.15 16.59
C ALA C 331 -13.11 -9.72 15.20
N ILE C 332 -12.06 -9.26 14.52
CA ILE C 332 -11.77 -9.69 13.16
C ILE C 332 -11.34 -11.16 13.12
N ALA C 333 -10.67 -11.65 14.17
CA ALA C 333 -10.32 -13.06 14.23
C ALA C 333 -11.57 -13.94 14.31
N THR C 334 -12.58 -13.50 15.08
CA THR C 334 -13.86 -14.22 15.09
C THR C 334 -14.45 -14.30 13.68
N ILE C 335 -14.44 -13.18 12.96
CA ILE C 335 -14.97 -13.13 11.60
C ILE C 335 -14.26 -14.13 10.71
N LYS C 336 -12.94 -14.28 10.86
CA LYS C 336 -12.20 -15.16 9.98
C LYS C 336 -12.58 -16.63 10.18
N THR C 337 -13.27 -16.96 11.27
CA THR C 337 -13.72 -18.32 11.53
C THR C 337 -15.14 -18.60 11.06
N LYS C 338 -15.90 -17.59 10.65
CA LYS C 338 -17.27 -17.81 10.20
C LYS C 338 -17.27 -18.40 8.79
N ARG C 339 -17.93 -19.56 8.64
CA ARG C 339 -18.01 -20.23 7.35
C ARG C 339 -18.93 -19.50 6.38
N SER C 340 -19.92 -18.77 6.90
CA SER C 340 -20.81 -17.96 6.08
C SER C 340 -20.14 -16.74 5.48
N ILE C 341 -18.86 -16.51 5.75
CA ILE C 341 -18.12 -15.36 5.22
C ILE C 341 -17.01 -15.93 4.34
N GLN C 342 -17.30 -16.11 3.05
CA GLN C 342 -16.42 -16.80 2.14
C GLN C 342 -15.55 -15.80 1.37
N PHE C 343 -14.25 -16.07 1.33
CA PHE C 343 -13.30 -15.27 0.56
C PHE C 343 -12.86 -16.02 -0.71
N VAL C 344 -12.59 -15.26 -1.77
CA VAL C 344 -12.13 -15.89 -3.00
C VAL C 344 -10.83 -16.66 -2.78
N ASP C 345 -10.59 -17.63 -3.67
CA ASP C 345 -9.41 -18.48 -3.60
C ASP C 345 -8.13 -17.67 -3.63
N TRP C 346 -8.10 -16.60 -4.44
CA TRP C 346 -6.87 -15.90 -4.77
C TRP C 346 -6.61 -14.70 -3.85
N CYS C 347 -7.25 -14.65 -2.68
CA CYS C 347 -7.07 -13.54 -1.74
C CYS C 347 -6.55 -14.11 -0.43
N PRO C 348 -5.23 -14.30 -0.32
CA PRO C 348 -4.67 -14.86 0.92
C PRO C 348 -4.93 -14.00 2.14
N THR C 349 -5.02 -12.69 1.97
CA THR C 349 -5.21 -11.77 3.08
C THR C 349 -6.17 -10.68 2.63
N GLY C 350 -7.31 -10.55 3.33
CA GLY C 350 -8.39 -9.73 2.82
C GLY C 350 -8.82 -8.57 3.70
N PHE C 351 -8.13 -8.36 4.82
CA PHE C 351 -8.55 -7.42 5.84
C PHE C 351 -7.58 -6.24 5.95
N LYS C 352 -8.14 -5.02 5.85
CA LYS C 352 -7.47 -3.78 6.23
C LYS C 352 -8.30 -3.07 7.28
N VAL C 353 -7.63 -2.49 8.27
CA VAL C 353 -8.29 -1.89 9.42
C VAL C 353 -7.76 -0.48 9.64
N GLY C 354 -8.67 0.45 9.91
CA GLY C 354 -8.30 1.78 10.36
C GLY C 354 -9.08 2.14 11.61
N ILE C 355 -8.46 3.01 12.42
CA ILE C 355 -9.03 3.44 13.69
C ILE C 355 -8.73 4.93 13.86
N ASN C 356 -9.76 5.76 13.73
CA ASN C 356 -9.67 7.16 14.11
C ASN C 356 -10.36 7.36 15.45
N TYR C 357 -9.74 8.17 16.31
CA TYR C 357 -10.16 8.15 17.71
C TYR C 357 -11.26 9.14 18.03
N GLN C 358 -11.53 10.12 17.18
CA GLN C 358 -12.62 11.03 17.48
C GLN C 358 -13.95 10.32 17.30
N PRO C 359 -14.82 10.31 18.31
CA PRO C 359 -16.07 9.57 18.20
C PRO C 359 -16.92 10.15 17.09
N PRO C 360 -17.96 9.43 16.67
CA PRO C 360 -18.86 9.98 15.66
C PRO C 360 -19.60 11.21 16.21
N THR C 361 -19.83 12.16 15.32
CA THR C 361 -20.60 13.36 15.62
C THR C 361 -22.00 13.17 15.07
N VAL C 362 -22.97 13.82 15.72
CA VAL C 362 -24.35 13.79 15.26
C VAL C 362 -24.92 15.21 15.30
N VAL C 363 -25.65 15.56 14.25
CA VAL C 363 -26.37 16.83 14.19
C VAL C 363 -27.41 16.86 15.30
N PRO C 364 -27.36 17.84 16.19
CA PRO C 364 -28.42 17.99 17.18
C PRO C 364 -29.76 18.28 16.51
N GLY C 365 -30.81 17.66 17.03
CA GLY C 365 -32.09 17.70 16.37
C GLY C 365 -32.24 16.72 15.23
N GLY C 366 -31.24 15.86 15.02
CA GLY C 366 -31.37 14.76 14.10
C GLY C 366 -32.00 13.56 14.77
N ASP C 367 -31.99 12.44 14.04
CA ASP C 367 -32.61 11.22 14.53
C ASP C 367 -31.61 10.19 15.04
N LEU C 368 -30.34 10.32 14.67
CA LEU C 368 -29.30 9.38 15.09
C LEU C 368 -28.77 9.71 16.48
N ALA C 369 -28.59 8.68 17.30
CA ALA C 369 -28.10 8.87 18.65
C ALA C 369 -26.58 8.99 18.66
N LYS C 370 -26.08 9.75 19.62
CA LYS C 370 -24.63 9.84 19.82
C LYS C 370 -24.13 8.53 20.40
N VAL C 371 -23.09 7.97 19.79
CA VAL C 371 -22.52 6.70 20.26
C VAL C 371 -21.03 6.89 20.52
N GLN C 372 -20.50 6.05 21.42
CA GLN C 372 -19.10 6.11 21.80
C GLN C 372 -18.18 5.45 20.78
N ARG C 373 -18.71 4.59 19.92
CA ARG C 373 -17.90 3.94 18.90
C ARG C 373 -18.79 3.43 17.78
N ALA C 374 -18.29 3.53 16.56
CA ALA C 374 -18.98 3.08 15.36
C ALA C 374 -17.95 2.57 14.38
N VAL C 375 -18.43 1.91 13.33
CA VAL C 375 -17.55 1.31 12.33
C VAL C 375 -18.23 1.38 10.97
N CYS C 376 -17.43 1.62 9.95
CA CYS C 376 -17.86 1.53 8.56
C CYS C 376 -17.02 0.46 7.89
N MET C 377 -17.67 -0.57 7.35
CA MET C 377 -16.97 -1.57 6.56
C MET C 377 -17.18 -1.30 5.09
N LEU C 378 -16.10 -1.32 4.34
CA LEU C 378 -16.13 -1.34 2.89
C LEU C 378 -15.64 -2.73 2.48
N SER C 379 -16.50 -3.46 1.80
CA SER C 379 -16.20 -4.80 1.34
C SER C 379 -16.42 -4.85 -0.17
N ASN C 380 -15.52 -5.53 -0.87
CA ASN C 380 -15.72 -5.85 -2.28
C ASN C 380 -16.21 -7.29 -2.32
N THR C 381 -17.50 -7.46 -2.58
CA THR C 381 -18.13 -8.77 -2.69
C THR C 381 -18.67 -8.95 -4.11
N THR C 382 -18.58 -10.16 -4.63
CA THR C 382 -19.26 -10.46 -5.88
C THR C 382 -20.77 -10.29 -5.75
N ALA C 383 -21.30 -10.20 -4.53
CA ALA C 383 -22.75 -10.12 -4.38
C ALA C 383 -23.32 -8.80 -4.90
N ILE C 384 -22.51 -7.75 -5.02
CA ILE C 384 -23.01 -6.47 -5.51
C ILE C 384 -23.53 -6.59 -6.94
N ALA C 385 -23.03 -7.57 -7.70
CA ALA C 385 -23.57 -7.83 -9.04
C ALA C 385 -25.08 -8.02 -9.05
N GLU C 386 -25.65 -8.44 -7.92
CA GLU C 386 -27.10 -8.56 -7.83
C GLU C 386 -27.79 -7.22 -8.02
N ALA C 387 -27.16 -6.14 -7.53
CA ALA C 387 -27.68 -4.81 -7.78
C ALA C 387 -27.60 -4.45 -9.26
N TRP C 388 -26.47 -4.76 -9.92
CA TRP C 388 -26.37 -4.49 -11.36
C TRP C 388 -27.43 -5.26 -12.15
N ALA C 389 -27.64 -6.54 -11.81
CA ALA C 389 -28.62 -7.35 -12.55
C ALA C 389 -30.02 -6.75 -12.42
N ARG C 390 -30.38 -6.23 -11.23
CA ARG C 390 -31.70 -5.60 -11.06
C ARG C 390 -31.87 -4.41 -12.00
N LEU C 391 -30.88 -3.52 -12.06
CA LEU C 391 -30.94 -2.39 -12.99
C LEU C 391 -31.06 -2.88 -14.42
N ASP C 392 -30.20 -3.81 -14.82
CA ASP C 392 -30.17 -4.26 -16.21
C ASP C 392 -31.48 -4.89 -16.64
N HIS C 393 -32.18 -5.54 -15.71
CA HIS C 393 -33.46 -6.13 -16.09
C HIS C 393 -34.49 -5.04 -16.37
N LYS C 394 -34.53 -4.02 -15.53
CA LYS C 394 -35.43 -2.90 -15.78
C LYS C 394 -35.10 -2.22 -17.10
N PHE C 395 -33.81 -2.00 -17.35
CA PHE C 395 -33.35 -1.45 -18.62
C PHE C 395 -33.84 -2.31 -19.79
N ASP C 396 -33.66 -3.63 -19.68
CA ASP C 396 -34.07 -4.54 -20.76
C ASP C 396 -35.57 -4.49 -21.01
N LEU C 397 -36.38 -4.39 -19.95
CA LEU C 397 -37.83 -4.40 -20.14
C LEU C 397 -38.25 -3.22 -21.03
N MET C 398 -37.79 -2.02 -20.70
CA MET C 398 -38.14 -0.85 -21.49
C MET C 398 -37.45 -0.86 -22.84
N TYR C 399 -36.16 -1.22 -22.88
CA TYR C 399 -35.38 -1.04 -24.10
C TYR C 399 -35.83 -1.98 -25.21
N ALA C 400 -36.35 -3.16 -24.85
CA ALA C 400 -36.87 -4.08 -25.85
C ALA C 400 -38.00 -3.47 -26.68
N LYS C 401 -38.70 -2.47 -26.17
CA LYS C 401 -39.70 -1.78 -26.97
C LYS C 401 -39.20 -0.39 -27.37
N ARG C 402 -37.94 -0.07 -27.06
CA ARG C 402 -37.41 1.27 -27.28
C ARG C 402 -38.24 2.34 -26.59
N ALA C 403 -38.94 1.96 -25.51
CA ALA C 403 -39.71 2.94 -24.72
C ALA C 403 -38.80 4.08 -24.25
N PHE C 404 -39.26 5.32 -24.45
CA PHE C 404 -38.62 6.58 -24.06
C PHE C 404 -37.34 6.89 -24.80
N VAL C 405 -36.91 6.05 -25.75
CA VAL C 405 -35.60 6.25 -26.36
C VAL C 405 -35.59 7.50 -27.23
N HIS C 406 -36.76 7.87 -27.75
CA HIS C 406 -36.86 9.02 -28.62
C HIS C 406 -36.44 10.31 -27.93
N TRP C 407 -36.59 10.39 -26.60
CA TRP C 407 -36.15 11.59 -25.87
C TRP C 407 -34.61 11.69 -25.84
N TYR C 408 -33.93 10.55 -25.89
CA TYR C 408 -32.48 10.54 -25.94
C TYR C 408 -31.99 10.80 -27.35
N VAL C 409 -32.59 10.16 -28.34
CA VAL C 409 -32.22 10.38 -29.74
C VAL C 409 -32.51 11.82 -30.14
N GLY C 410 -33.64 12.37 -29.70
CA GLY C 410 -33.96 13.75 -30.01
C GLY C 410 -32.90 14.75 -29.57
N GLU C 411 -32.10 14.39 -28.57
CA GLU C 411 -31.04 15.26 -28.08
C GLU C 411 -29.68 14.92 -28.70
N GLY C 412 -29.66 14.06 -29.71
CA GLY C 412 -28.44 13.77 -30.46
C GLY C 412 -27.82 12.41 -30.16
N MET C 413 -28.27 11.71 -29.13
CA MET C 413 -27.73 10.38 -28.91
C MET C 413 -28.21 9.43 -30.01
N GLU C 414 -27.43 8.37 -30.20
CA GLU C 414 -27.80 7.33 -31.13
C GLU C 414 -28.16 6.06 -30.36
N GLU C 415 -29.09 5.28 -30.93
CA GLU C 415 -29.45 4.01 -30.29
C GLU C 415 -28.22 3.15 -30.05
N GLY C 416 -27.21 3.22 -30.93
CA GLY C 416 -26.00 2.47 -30.72
C GLY C 416 -25.37 2.72 -29.37
N GLU C 417 -25.55 3.91 -28.81
CA GLU C 417 -24.99 4.18 -27.49
C GLU C 417 -25.69 3.37 -26.41
N PHE C 418 -26.98 3.08 -26.60
CA PHE C 418 -27.74 2.28 -25.64
C PHE C 418 -27.26 0.82 -25.61
N SER C 419 -27.14 0.20 -26.78
CA SER C 419 -26.76 -1.21 -26.78
C SER C 419 -25.30 -1.35 -26.37
N GLU C 420 -24.44 -0.43 -26.81
CA GLU C 420 -23.04 -0.41 -26.36
C GLU C 420 -22.94 -0.28 -24.84
N ALA C 421 -23.77 0.55 -24.21
CA ALA C 421 -23.79 0.64 -22.75
C ALA C 421 -24.33 -0.64 -22.12
N ARG C 422 -25.38 -1.23 -22.69
CA ARG C 422 -25.96 -2.43 -22.09
C ARG C 422 -25.03 -3.63 -22.22
N GLU C 423 -24.25 -3.69 -23.31
CA GLU C 423 -23.28 -4.75 -23.48
C GLU C 423 -22.13 -4.61 -22.50
N ASP C 424 -21.74 -3.37 -22.18
CA ASP C 424 -20.73 -3.17 -21.16
C ASP C 424 -21.20 -3.70 -19.82
N MET C 425 -22.47 -3.46 -19.47
CA MET C 425 -23.01 -4.01 -18.24
C MET C 425 -23.06 -5.53 -18.29
N ALA C 426 -23.40 -6.09 -19.45
CA ALA C 426 -23.37 -7.53 -19.57
C ALA C 426 -21.96 -8.06 -19.31
N ALA C 427 -20.97 -7.44 -19.96
CA ALA C 427 -19.58 -7.83 -19.71
C ALA C 427 -19.20 -7.62 -18.26
N LEU C 428 -19.72 -6.57 -17.62
CA LEU C 428 -19.43 -6.34 -16.22
C LEU C 428 -20.02 -7.43 -15.35
N GLU C 429 -21.22 -7.89 -15.69
CA GLU C 429 -21.84 -8.96 -14.94
C GLU C 429 -21.06 -10.26 -15.09
N LYS C 430 -20.60 -10.56 -16.31
CA LYS C 430 -19.79 -11.75 -16.51
C LYS C 430 -18.45 -11.63 -15.79
N ASP C 431 -17.91 -10.42 -15.65
CA ASP C 431 -16.66 -10.24 -14.89
C ASP C 431 -16.84 -10.67 -13.43
N TYR C 432 -17.94 -10.23 -12.80
CA TYR C 432 -18.22 -10.66 -11.42
C TYR C 432 -18.35 -12.17 -11.32
N GLU C 433 -18.93 -12.81 -12.33
CA GLU C 433 -18.94 -14.27 -12.34
C GLU C 433 -17.52 -14.81 -12.36
N GLU C 434 -16.70 -14.30 -13.27
CA GLU C 434 -15.36 -14.84 -13.47
C GLU C 434 -14.50 -14.70 -12.22
N VAL C 435 -14.54 -13.53 -11.57
CA VAL C 435 -13.63 -13.34 -10.44
C VAL C 435 -14.05 -14.17 -9.23
N GLY C 436 -15.28 -14.68 -9.23
CA GLY C 436 -15.72 -15.55 -8.15
C GLY C 436 -15.42 -17.03 -8.29
N VAL C 437 -14.95 -17.49 -9.46
CA VAL C 437 -14.64 -18.91 -9.62
C VAL C 437 -13.40 -19.24 -8.80
N ASP C 438 -12.97 -20.50 -8.86
CA ASP C 438 -11.81 -20.98 -8.10
C ASP C 438 -10.60 -21.20 -9.00
N MET D 1 -36.82 26.81 -16.41
CA MET D 1 -38.20 26.38 -16.68
C MET D 1 -39.20 27.04 -15.75
N ARG D 2 -39.80 28.16 -16.15
CA ARG D 2 -40.81 28.72 -15.27
C ARG D 2 -42.04 29.18 -16.04
N GLU D 3 -41.88 30.11 -16.98
CA GLU D 3 -43.03 30.73 -17.59
C GLU D 3 -43.73 29.81 -18.59
N ILE D 4 -45.06 29.77 -18.50
CA ILE D 4 -45.92 29.15 -19.49
C ILE D 4 -46.69 30.26 -20.20
N VAL D 5 -46.83 30.12 -21.53
CA VAL D 5 -47.62 31.06 -22.34
C VAL D 5 -48.90 30.34 -22.78
N HIS D 6 -50.05 30.87 -22.34
CA HIS D 6 -51.35 30.26 -22.54
C HIS D 6 -52.03 30.90 -23.74
N ILE D 7 -52.61 30.08 -24.61
CA ILE D 7 -53.33 30.55 -25.78
C ILE D 7 -54.69 29.88 -25.80
N GLN D 8 -55.74 30.67 -26.06
CA GLN D 8 -57.08 30.11 -26.18
C GLN D 8 -57.70 30.56 -27.49
N ALA D 9 -58.16 29.59 -28.28
CA ALA D 9 -58.67 29.87 -29.62
C ALA D 9 -60.09 29.34 -29.79
N GLY D 10 -60.93 30.13 -30.49
CA GLY D 10 -62.31 29.75 -30.76
C GLY D 10 -63.19 29.89 -29.54
N GLN D 11 -64.48 29.59 -29.75
CA GLN D 11 -65.48 29.75 -28.70
C GLN D 11 -65.19 28.80 -27.53
N CYS D 12 -65.07 27.50 -27.84
CA CYS D 12 -64.79 26.53 -26.79
C CYS D 12 -63.47 26.86 -26.09
N GLY D 13 -62.40 27.07 -26.86
CA GLY D 13 -61.12 27.43 -26.29
C GLY D 13 -61.19 28.64 -25.36
N ASN D 14 -61.94 29.66 -25.77
CA ASN D 14 -62.03 30.86 -24.92
C ASN D 14 -62.96 30.65 -23.74
N GLN D 15 -63.98 29.82 -23.89
CA GLN D 15 -64.88 29.56 -22.77
C GLN D 15 -64.18 28.74 -21.70
N ILE D 16 -63.53 27.64 -22.08
CA ILE D 16 -62.85 26.85 -21.06
C ILE D 16 -61.61 27.58 -20.57
N GLY D 17 -60.97 28.38 -21.42
CA GLY D 17 -59.80 29.14 -20.99
C GLY D 17 -60.15 30.21 -19.97
N ALA D 18 -61.24 30.94 -20.21
CA ALA D 18 -61.71 31.89 -19.21
C ALA D 18 -61.99 31.20 -17.87
N LYS D 19 -62.77 30.11 -17.90
CA LYS D 19 -63.03 29.37 -16.66
C LYS D 19 -61.74 28.97 -15.96
N PHE D 20 -60.76 28.47 -16.73
CA PHE D 20 -59.46 28.11 -16.16
C PHE D 20 -58.85 29.31 -15.41
N TRP D 21 -58.94 30.50 -16.00
CA TRP D 21 -58.30 31.66 -15.38
C TRP D 21 -59.05 32.13 -14.14
N GLU D 22 -60.40 32.06 -14.15
CA GLU D 22 -61.15 32.33 -12.91
C GLU D 22 -60.73 31.36 -11.81
N VAL D 23 -60.63 30.08 -12.15
CA VAL D 23 -60.42 29.05 -11.13
C VAL D 23 -59.03 29.16 -10.50
N ILE D 24 -57.98 29.35 -11.31
CA ILE D 24 -56.66 29.40 -10.69
C ILE D 24 -56.42 30.77 -10.06
N SER D 25 -57.01 31.84 -10.60
CA SER D 25 -56.90 33.13 -9.93
C SER D 25 -57.47 33.05 -8.52
N ASP D 26 -58.61 32.35 -8.35
CA ASP D 26 -59.14 32.17 -7.01
C ASP D 26 -58.19 31.34 -6.15
N GLU D 27 -57.55 30.32 -6.75
CA GLU D 27 -56.63 29.51 -5.95
C GLU D 27 -55.42 30.30 -5.52
N HIS D 28 -55.03 31.31 -6.31
CA HIS D 28 -53.84 32.09 -6.03
C HIS D 28 -54.16 33.46 -5.41
N GLY D 29 -55.42 33.72 -5.08
CA GLY D 29 -55.76 34.97 -4.42
C GLY D 29 -55.64 36.20 -5.31
N ILE D 30 -55.92 36.06 -6.59
CA ILE D 30 -55.93 37.17 -7.55
C ILE D 30 -57.38 37.48 -7.88
N ASP D 31 -57.80 38.72 -7.63
CA ASP D 31 -59.17 39.14 -7.90
C ASP D 31 -59.29 39.64 -9.34
N PRO D 32 -60.51 39.93 -9.82
CA PRO D 32 -60.67 40.34 -11.23
C PRO D 32 -59.89 41.57 -11.65
N THR D 33 -59.30 42.32 -10.71
CA THR D 33 -58.51 43.49 -11.07
C THR D 33 -57.02 43.20 -11.14
N GLY D 34 -56.61 41.99 -10.79
CA GLY D 34 -55.22 41.61 -10.85
C GLY D 34 -54.45 41.81 -9.56
N SER D 35 -55.11 42.22 -8.48
CA SER D 35 -54.44 42.42 -7.21
C SER D 35 -54.47 41.13 -6.39
N TYR D 36 -53.37 40.85 -5.70
CA TYR D 36 -53.31 39.67 -4.83
C TYR D 36 -53.99 39.98 -3.51
N HIS D 37 -54.86 39.09 -3.05
CA HIS D 37 -55.58 39.29 -1.81
C HIS D 37 -55.58 38.05 -0.92
N GLY D 38 -54.71 37.08 -1.21
CA GLY D 38 -54.66 35.83 -0.48
C GLY D 38 -53.94 35.93 0.85
N ASP D 39 -53.85 34.78 1.52
CA ASP D 39 -53.28 34.69 2.86
C ASP D 39 -51.95 33.98 2.93
N SER D 40 -51.72 32.99 2.08
CA SER D 40 -50.51 32.18 2.12
C SER D 40 -49.51 32.61 1.07
N ASP D 41 -48.23 32.59 1.44
CA ASP D 41 -47.17 32.90 0.49
C ASP D 41 -47.07 31.86 -0.61
N LEU D 42 -47.45 30.61 -0.33
CA LEU D 42 -47.38 29.57 -1.35
C LEU D 42 -48.26 29.88 -2.55
N GLN D 43 -49.25 30.77 -2.39
CA GLN D 43 -50.03 31.23 -3.54
C GLN D 43 -49.17 31.99 -4.53
N LEU D 44 -48.07 32.58 -4.06
CA LEU D 44 -47.24 33.45 -4.88
C LEU D 44 -45.90 32.84 -5.26
N GLU D 45 -45.44 31.77 -4.60
CA GLU D 45 -44.10 31.25 -4.87
C GLU D 45 -43.89 31.01 -6.36
N ARG D 46 -44.75 30.21 -6.97
CA ARG D 46 -44.59 29.89 -8.39
C ARG D 46 -45.62 30.62 -9.25
N ILE D 47 -46.15 31.74 -8.76
CA ILE D 47 -47.19 32.47 -9.49
C ILE D 47 -46.73 32.96 -10.86
N ASN D 48 -45.41 33.14 -11.06
CA ASN D 48 -44.90 33.61 -12.34
C ASN D 48 -45.12 32.60 -13.48
N VAL D 49 -45.42 31.34 -13.18
CA VAL D 49 -45.60 30.34 -14.23
C VAL D 49 -46.72 30.74 -15.17
N TYR D 50 -47.79 31.33 -14.64
CA TYR D 50 -48.92 31.75 -15.46
C TYR D 50 -49.16 33.27 -15.49
N TYR D 51 -48.55 34.06 -14.61
CA TYR D 51 -48.85 35.49 -14.51
C TYR D 51 -47.60 36.33 -14.68
N ASN D 52 -47.73 37.43 -15.42
CA ASN D 52 -46.73 38.51 -15.41
C ASN D 52 -47.07 39.50 -14.29
N GLU D 53 -46.02 40.06 -13.69
CA GLU D 53 -46.21 41.13 -12.72
C GLU D 53 -46.23 42.44 -13.49
N ALA D 54 -47.41 43.05 -13.59
CA ALA D 54 -47.52 44.42 -14.08
C ALA D 54 -47.29 45.35 -12.90
N THR D 55 -46.50 46.39 -13.11
CA THR D 55 -46.29 47.32 -12.02
C THR D 55 -47.64 47.89 -11.56
N GLY D 56 -47.62 48.42 -10.34
CA GLY D 56 -48.86 48.64 -9.62
C GLY D 56 -49.31 47.44 -8.81
N ASN D 57 -48.37 46.57 -8.40
CA ASN D 57 -48.63 45.43 -7.54
C ASN D 57 -49.55 44.39 -8.16
N LYS D 58 -49.68 44.38 -9.47
CA LYS D 58 -50.71 43.63 -10.15
C LYS D 58 -50.16 42.41 -10.84
N TYR D 59 -51.07 41.50 -11.19
CA TYR D 59 -50.74 40.24 -11.84
C TYR D 59 -51.65 40.09 -13.04
N VAL D 60 -51.05 39.97 -14.23
CA VAL D 60 -51.76 39.85 -15.49
C VAL D 60 -51.54 38.45 -16.04
N PRO D 61 -52.59 37.69 -16.33
CA PRO D 61 -52.40 36.36 -16.95
C PRO D 61 -51.57 36.46 -18.22
N ARG D 62 -50.59 35.57 -18.33
CA ARG D 62 -49.80 35.41 -19.56
C ARG D 62 -50.67 34.66 -20.55
N ALA D 63 -51.64 35.37 -21.14
CA ALA D 63 -52.70 34.70 -21.89
C ALA D 63 -53.02 35.46 -23.16
N ILE D 64 -53.13 34.73 -24.27
CA ILE D 64 -53.46 35.30 -25.57
C ILE D 64 -54.80 34.73 -26.00
N LEU D 65 -55.75 35.62 -26.34
CA LEU D 65 -57.13 35.24 -26.60
C LEU D 65 -57.40 35.44 -28.09
N VAL D 66 -57.74 34.36 -28.78
CA VAL D 66 -57.86 34.38 -30.24
C VAL D 66 -59.22 33.87 -30.64
N ASP D 67 -59.87 34.56 -31.59
CA ASP D 67 -61.00 33.98 -32.31
C ASP D 67 -61.20 34.73 -33.62
N LEU D 68 -61.58 33.97 -34.66
CA LEU D 68 -62.03 34.61 -35.90
C LEU D 68 -63.39 35.29 -35.71
N GLU D 69 -64.21 34.79 -34.81
CA GLU D 69 -65.51 35.39 -34.51
C GLU D 69 -65.31 36.52 -33.51
N PRO D 70 -65.72 37.75 -33.82
CA PRO D 70 -65.47 38.85 -32.88
C PRO D 70 -66.26 38.74 -31.59
N GLY D 71 -67.45 38.13 -31.64
CA GLY D 71 -68.36 38.20 -30.52
C GLY D 71 -67.87 37.49 -29.29
N THR D 72 -67.00 36.50 -29.45
CA THR D 72 -66.62 35.66 -28.32
C THR D 72 -65.67 36.39 -27.37
N MET D 73 -64.92 37.37 -27.85
CA MET D 73 -64.09 38.14 -26.95
C MET D 73 -64.80 39.35 -26.37
N ASP D 74 -65.92 39.75 -26.97
CA ASP D 74 -66.83 40.63 -26.24
C ASP D 74 -67.41 39.92 -25.01
N SER D 75 -67.75 38.63 -25.15
CA SER D 75 -68.30 37.89 -24.02
C SER D 75 -67.24 37.53 -22.98
N VAL D 76 -65.98 37.40 -23.39
CA VAL D 76 -64.90 37.25 -22.41
C VAL D 76 -64.75 38.49 -21.55
N ARG D 77 -64.55 39.65 -22.19
CA ARG D 77 -64.45 40.91 -21.46
C ARG D 77 -65.63 41.17 -20.55
N SER D 78 -66.80 40.59 -20.84
CA SER D 78 -67.98 40.78 -20.03
C SER D 78 -68.14 39.73 -18.94
N GLY D 79 -67.48 38.58 -19.09
CA GLY D 79 -67.49 37.58 -18.05
C GLY D 79 -66.76 38.09 -16.83
N PRO D 80 -66.94 37.41 -15.70
CA PRO D 80 -66.10 37.72 -14.54
C PRO D 80 -64.64 37.45 -14.90
N PHE D 81 -63.78 38.36 -14.48
CA PHE D 81 -62.35 38.36 -14.81
C PHE D 81 -62.07 38.78 -16.25
N GLY D 82 -63.09 39.29 -16.97
CA GLY D 82 -62.81 39.88 -18.26
C GLY D 82 -61.77 40.99 -18.17
N GLN D 83 -61.84 41.78 -17.09
CA GLN D 83 -60.94 42.90 -16.89
C GLN D 83 -59.52 42.50 -16.52
N ILE D 84 -59.26 41.21 -16.26
CA ILE D 84 -57.93 40.83 -15.79
C ILE D 84 -56.94 40.65 -16.93
N PHE D 85 -57.42 40.45 -18.15
CA PHE D 85 -56.53 40.12 -19.25
C PHE D 85 -55.91 41.38 -19.82
N ARG D 86 -54.71 41.23 -20.36
CA ARG D 86 -54.05 42.32 -21.05
C ARG D 86 -54.86 42.70 -22.30
N PRO D 87 -55.40 43.92 -22.37
CA PRO D 87 -56.29 44.27 -23.51
C PRO D 87 -55.69 44.02 -24.89
N ASP D 88 -54.37 44.15 -25.02
CA ASP D 88 -53.65 44.02 -26.28
C ASP D 88 -53.45 42.56 -26.70
N ASN D 89 -53.76 41.62 -25.83
CA ASN D 89 -53.66 40.20 -26.12
C ASN D 89 -54.96 39.63 -26.67
N PHE D 90 -55.96 40.47 -26.92
CA PHE D 90 -57.17 40.07 -27.61
C PHE D 90 -56.92 40.22 -29.10
N VAL D 91 -57.00 39.12 -29.83
CA VAL D 91 -56.81 39.15 -31.28
C VAL D 91 -58.04 38.52 -31.92
N PHE D 92 -58.81 39.34 -32.63
CA PHE D 92 -60.13 38.96 -33.10
C PHE D 92 -60.23 39.28 -34.59
N GLY D 93 -60.76 38.35 -35.37
CA GLY D 93 -61.21 38.65 -36.71
C GLY D 93 -62.62 39.18 -36.68
N GLN D 94 -63.23 39.28 -37.85
CA GLN D 94 -64.62 39.73 -37.90
C GLN D 94 -65.53 38.72 -38.60
N SER D 95 -65.04 37.53 -38.91
CA SER D 95 -65.93 36.49 -39.39
C SER D 95 -65.42 35.13 -38.91
N GLY D 96 -66.32 34.35 -38.34
CA GLY D 96 -65.99 33.02 -37.88
C GLY D 96 -65.62 32.09 -39.03
N ALA D 97 -65.40 30.84 -38.67
CA ALA D 97 -64.95 29.83 -39.62
C ALA D 97 -66.05 28.86 -40.03
N GLY D 98 -67.29 29.09 -39.60
CA GLY D 98 -68.40 28.25 -40.03
C GLY D 98 -68.19 26.78 -39.78
N ASN D 99 -67.58 26.41 -38.65
CA ASN D 99 -67.29 25.02 -38.33
C ASN D 99 -66.46 24.35 -39.44
N ASN D 100 -65.65 25.14 -40.16
CA ASN D 100 -64.93 24.65 -41.34
C ASN D 100 -63.42 24.72 -41.07
N TRP D 101 -62.82 23.55 -40.83
CA TRP D 101 -61.39 23.44 -40.53
C TRP D 101 -60.52 24.12 -41.59
N ALA D 102 -60.90 24.00 -42.86
CA ALA D 102 -60.09 24.61 -43.90
C ALA D 102 -60.09 26.13 -43.78
N LYS D 103 -61.20 26.71 -43.33
CA LYS D 103 -61.22 28.16 -43.10
C LYS D 103 -60.31 28.54 -41.96
N GLY D 104 -60.32 27.76 -40.87
CA GLY D 104 -59.45 28.06 -39.75
C GLY D 104 -57.98 27.81 -40.07
N HIS D 105 -57.70 26.75 -40.84
CA HIS D 105 -56.32 26.32 -41.03
C HIS D 105 -55.65 26.96 -42.23
N TYR D 106 -56.38 27.25 -43.31
CA TYR D 106 -55.76 27.64 -44.58
C TYR D 106 -56.08 29.04 -45.04
N THR D 107 -57.27 29.57 -44.77
CA THR D 107 -57.68 30.82 -45.38
C THR D 107 -57.83 31.88 -44.31
N GLU D 108 -59.00 32.05 -43.69
CA GLU D 108 -59.20 33.17 -42.78
C GLU D 108 -58.29 33.08 -41.55
N GLY D 109 -58.12 31.88 -41.00
CA GLY D 109 -57.22 31.73 -39.88
C GLY D 109 -55.79 32.10 -40.25
N ALA D 110 -55.38 31.77 -41.47
CA ALA D 110 -54.03 32.10 -41.91
C ALA D 110 -53.85 33.61 -42.14
N GLU D 111 -54.92 34.34 -42.39
CA GLU D 111 -54.81 35.79 -42.55
C GLU D 111 -54.71 36.53 -41.22
N LEU D 112 -54.99 35.86 -40.11
CA LEU D 112 -54.95 36.45 -38.79
C LEU D 112 -53.77 35.97 -37.96
N VAL D 113 -53.11 34.88 -38.36
CA VAL D 113 -52.17 34.22 -37.46
C VAL D 113 -50.92 35.07 -37.20
N ASP D 114 -50.51 35.92 -38.16
CA ASP D 114 -49.37 36.78 -37.89
C ASP D 114 -49.72 37.85 -36.85
N SER D 115 -50.97 38.33 -36.87
CA SER D 115 -51.47 39.16 -35.77
C SER D 115 -51.29 38.44 -34.42
N VAL D 116 -51.56 37.13 -34.37
CA VAL D 116 -51.44 36.34 -33.14
C VAL D 116 -49.97 36.19 -32.75
N LEU D 117 -49.11 35.90 -33.72
CA LEU D 117 -47.69 35.73 -33.43
C LEU D 117 -47.09 37.00 -32.85
N ASP D 118 -47.57 38.18 -33.26
CA ASP D 118 -47.14 39.43 -32.63
C ASP D 118 -47.23 39.34 -31.11
N VAL D 119 -48.41 38.97 -30.60
CA VAL D 119 -48.61 38.89 -29.16
C VAL D 119 -47.80 37.75 -28.57
N VAL D 120 -47.74 36.60 -29.27
CA VAL D 120 -47.06 35.43 -28.74
C VAL D 120 -45.57 35.71 -28.55
N ARG D 121 -44.93 36.37 -29.53
CA ARG D 121 -43.51 36.65 -29.41
C ARG D 121 -43.25 37.62 -28.27
N LYS D 122 -44.11 38.61 -28.09
CA LYS D 122 -43.86 39.58 -27.02
C LYS D 122 -43.97 38.91 -25.67
N GLU D 123 -44.97 38.06 -25.48
CA GLU D 123 -45.07 37.36 -24.20
C GLU D 123 -43.91 36.39 -24.00
N SER D 124 -43.36 35.83 -25.10
CA SER D 124 -42.32 34.81 -24.97
C SER D 124 -40.97 35.43 -24.68
N GLU D 125 -40.58 36.46 -25.45
CA GLU D 125 -39.29 37.09 -25.24
C GLU D 125 -39.20 37.73 -23.86
N SER D 126 -40.33 38.10 -23.26
CA SER D 126 -40.35 38.63 -21.90
C SER D 126 -39.99 37.59 -20.84
N CYS D 127 -39.95 36.30 -21.18
CA CYS D 127 -39.80 35.23 -20.21
C CYS D 127 -38.34 35.01 -19.83
N ASP D 128 -38.10 34.84 -18.52
CA ASP D 128 -36.75 34.49 -18.06
C ASP D 128 -36.35 33.09 -18.52
N CYS D 129 -37.28 32.13 -18.46
CA CYS D 129 -36.97 30.75 -18.82
C CYS D 129 -38.30 30.12 -19.26
N LEU D 130 -38.58 30.24 -20.54
CA LEU D 130 -39.84 29.82 -21.10
C LEU D 130 -39.95 28.28 -21.07
N GLN D 131 -40.99 27.77 -20.41
CA GLN D 131 -41.28 26.33 -20.43
C GLN D 131 -41.87 25.91 -21.76
N GLY D 132 -42.95 26.57 -22.15
CA GLY D 132 -43.62 26.33 -23.41
C GLY D 132 -45.03 26.93 -23.36
N PHE D 133 -45.91 26.30 -24.15
CA PHE D 133 -47.21 26.84 -24.47
C PHE D 133 -48.29 25.82 -24.13
N GLN D 134 -49.40 26.29 -23.60
CA GLN D 134 -50.61 25.48 -23.48
C GLN D 134 -51.73 26.17 -24.24
N LEU D 135 -52.42 25.40 -25.07
CA LEU D 135 -53.49 25.88 -25.93
C LEU D 135 -54.77 25.16 -25.53
N THR D 136 -55.83 25.93 -25.32
CA THR D 136 -57.17 25.38 -25.14
C THR D 136 -57.93 25.59 -26.43
N HIS D 137 -58.62 24.55 -26.88
CA HIS D 137 -59.38 24.63 -28.13
C HIS D 137 -60.25 23.40 -28.18
N SER D 138 -61.27 23.44 -29.03
CA SER D 138 -62.04 22.27 -29.40
C SER D 138 -61.56 21.76 -30.76
N LEU D 139 -61.81 20.47 -31.03
CA LEU D 139 -61.41 19.91 -32.31
C LEU D 139 -62.52 19.85 -33.34
N GLY D 140 -63.76 20.08 -32.92
CA GLY D 140 -64.88 19.90 -33.82
C GLY D 140 -65.29 21.13 -34.59
N GLY D 141 -64.89 22.31 -34.14
CA GLY D 141 -65.24 23.56 -34.81
C GLY D 141 -64.25 23.90 -35.91
N GLY D 142 -64.25 25.17 -36.30
CA GLY D 142 -63.37 25.62 -37.37
C GLY D 142 -62.16 26.40 -36.91
N THR D 143 -62.29 27.19 -35.85
CA THR D 143 -61.22 28.08 -35.42
C THR D 143 -60.29 27.38 -34.42
N GLY D 144 -60.86 26.89 -33.32
CA GLY D 144 -60.04 26.17 -32.36
C GLY D 144 -59.27 25.04 -33.01
N SER D 145 -59.90 24.35 -33.95
CA SER D 145 -59.27 23.14 -34.45
C SER D 145 -58.31 23.47 -35.59
N GLY D 146 -58.76 24.22 -36.58
CA GLY D 146 -57.97 24.57 -37.75
C GLY D 146 -56.96 25.65 -37.47
N MET D 147 -57.42 26.81 -36.97
CA MET D 147 -56.46 27.87 -36.67
C MET D 147 -55.62 27.53 -35.44
N GLY D 148 -56.17 26.79 -34.49
CA GLY D 148 -55.41 26.35 -33.34
C GLY D 148 -54.25 25.43 -33.71
N THR D 149 -54.47 24.51 -34.66
CA THR D 149 -53.35 23.64 -35.05
C THR D 149 -52.35 24.39 -35.92
N LEU D 150 -52.83 25.22 -36.86
CA LEU D 150 -51.94 26.10 -37.61
C LEU D 150 -51.05 26.89 -36.68
N LEU D 151 -51.65 27.47 -35.64
CA LEU D 151 -50.92 28.27 -34.68
C LEU D 151 -49.82 27.45 -34.01
N ILE D 152 -50.16 26.22 -33.60
CA ILE D 152 -49.18 25.30 -33.03
C ILE D 152 -47.98 25.17 -33.95
N SER D 153 -48.26 24.89 -35.23
CA SER D 153 -47.17 24.70 -36.19
C SER D 153 -46.31 25.94 -36.28
N LYS D 154 -46.95 27.11 -36.43
CA LYS D 154 -46.18 28.35 -36.55
C LYS D 154 -45.33 28.59 -35.31
N ILE D 155 -45.88 28.35 -34.13
CA ILE D 155 -45.12 28.59 -32.90
C ILE D 155 -43.97 27.59 -32.79
N ARG D 156 -44.22 26.33 -33.15
CA ARG D 156 -43.16 25.31 -33.13
C ARG D 156 -42.01 25.68 -34.04
N GLU D 157 -42.29 26.35 -35.16
CA GLU D 157 -41.25 26.77 -36.08
C GLU D 157 -40.29 27.75 -35.43
N GLU D 158 -40.78 28.60 -34.52
CA GLU D 158 -39.96 29.63 -33.92
C GLU D 158 -39.42 29.25 -32.56
N TYR D 159 -40.11 28.35 -31.87
CA TYR D 159 -39.74 27.86 -30.54
C TYR D 159 -39.69 26.34 -30.53
N PRO D 160 -38.87 25.73 -31.39
CA PRO D 160 -38.91 24.27 -31.52
C PRO D 160 -38.37 23.52 -30.30
N ASP D 161 -37.58 24.15 -29.44
CA ASP D 161 -37.03 23.53 -28.24
C ASP D 161 -37.93 23.66 -27.01
N ARG D 162 -39.16 24.14 -27.16
CA ARG D 162 -40.05 24.35 -26.04
C ARG D 162 -41.19 23.34 -26.08
N ILE D 163 -41.82 23.14 -24.93
CA ILE D 163 -42.86 22.11 -24.84
C ILE D 163 -44.17 22.68 -25.35
N MET D 164 -44.87 21.90 -26.16
CA MET D 164 -46.13 22.29 -26.77
C MET D 164 -47.23 21.39 -26.20
N ASN D 165 -48.09 21.98 -25.40
CA ASN D 165 -49.13 21.28 -24.66
C ASN D 165 -50.50 21.80 -25.10
N THR D 166 -51.50 20.91 -25.18
CA THR D 166 -52.86 21.31 -25.49
C THR D 166 -53.89 20.66 -24.56
N PHE D 167 -54.99 21.37 -24.39
CA PHE D 167 -56.22 20.85 -23.82
C PHE D 167 -57.21 20.84 -24.97
N SER D 168 -57.52 19.64 -25.49
CA SER D 168 -58.24 19.51 -26.76
C SER D 168 -59.58 18.84 -26.52
N VAL D 169 -60.65 19.57 -26.82
CA VAL D 169 -62.02 19.13 -26.56
C VAL D 169 -62.52 18.32 -27.75
N MET D 170 -62.81 16.99 -27.52
CA MET D 170 -63.27 16.10 -28.59
C MET D 170 -64.78 16.25 -28.78
N PRO D 171 -65.25 16.24 -30.01
CA PRO D 171 -66.69 16.40 -30.27
C PRO D 171 -67.47 15.13 -29.95
N SER D 172 -68.75 15.31 -29.65
CA SER D 172 -69.68 14.23 -29.48
C SER D 172 -71.03 14.63 -30.07
N PRO D 173 -71.66 13.76 -30.85
CA PRO D 173 -73.04 14.03 -31.29
C PRO D 173 -74.02 14.23 -30.13
N LYS D 174 -73.68 13.79 -28.92
CA LYS D 174 -74.55 14.03 -27.79
C LYS D 174 -74.63 15.51 -27.42
N VAL D 175 -73.63 16.31 -27.79
CA VAL D 175 -73.53 17.69 -27.34
C VAL D 175 -73.70 18.67 -28.49
N SER D 176 -73.22 18.33 -29.68
CA SER D 176 -73.36 19.21 -30.84
C SER D 176 -73.91 18.44 -32.04
N ASP D 177 -74.77 19.10 -32.82
CA ASP D 177 -75.41 18.50 -33.99
C ASP D 177 -74.69 18.79 -35.30
N THR D 178 -73.49 19.39 -35.25
CA THR D 178 -72.79 19.77 -36.47
C THR D 178 -72.18 18.52 -37.09
N VAL D 179 -72.63 18.15 -38.30
CA VAL D 179 -72.29 16.84 -38.81
C VAL D 179 -70.82 16.74 -39.23
N VAL D 180 -70.15 17.86 -39.53
CA VAL D 180 -68.77 17.77 -40.02
C VAL D 180 -67.75 17.72 -38.88
N GLU D 181 -68.19 17.77 -37.63
CA GLU D 181 -67.23 17.71 -36.53
C GLU D 181 -66.31 16.49 -36.60
N PRO D 182 -66.73 15.31 -37.09
CA PRO D 182 -65.74 14.23 -37.26
C PRO D 182 -64.61 14.60 -38.20
N TYR D 183 -64.94 15.32 -39.28
CA TYR D 183 -63.92 15.79 -40.21
C TYR D 183 -62.92 16.70 -39.53
N ASN D 184 -63.41 17.74 -38.85
CA ASN D 184 -62.53 18.71 -38.20
C ASN D 184 -61.66 18.04 -37.16
N ALA D 185 -62.25 17.15 -36.36
CA ALA D 185 -61.49 16.43 -35.35
C ALA D 185 -60.39 15.57 -35.98
N THR D 186 -60.72 14.84 -37.03
CA THR D 186 -59.73 13.97 -37.64
C THR D 186 -58.60 14.76 -38.30
N LEU D 187 -58.93 15.87 -38.97
CA LEU D 187 -57.88 16.72 -39.55
C LEU D 187 -56.98 17.30 -38.45
N SER D 188 -57.56 17.60 -37.29
CA SER D 188 -56.81 18.21 -36.20
C SER D 188 -55.93 17.20 -35.50
N VAL D 189 -56.42 15.98 -35.29
CA VAL D 189 -55.63 14.96 -34.61
C VAL D 189 -54.40 14.63 -35.42
N HIS D 190 -54.52 14.63 -36.75
CA HIS D 190 -53.37 14.50 -37.63
C HIS D 190 -52.31 15.55 -37.29
N GLN D 191 -52.73 16.81 -37.15
CA GLN D 191 -51.81 17.88 -36.81
C GLN D 191 -51.21 17.69 -35.42
N LEU D 192 -52.03 17.24 -34.45
CA LEU D 192 -51.59 17.10 -33.07
C LEU D 192 -50.64 15.92 -32.87
N VAL D 193 -50.78 14.87 -33.67
CA VAL D 193 -49.85 13.75 -33.59
C VAL D 193 -48.45 14.23 -33.92
N GLU D 194 -48.32 15.05 -34.96
CA GLU D 194 -47.01 15.47 -35.44
C GLU D 194 -46.41 16.60 -34.61
N ASN D 195 -47.22 17.45 -33.96
CA ASN D 195 -46.70 18.74 -33.54
C ASN D 195 -46.94 19.14 -32.09
N THR D 196 -47.55 18.31 -31.25
CA THR D 196 -47.59 18.60 -29.84
C THR D 196 -46.88 17.50 -29.06
N ASP D 197 -46.49 17.85 -27.83
CA ASP D 197 -45.76 16.94 -26.96
C ASP D 197 -46.68 16.24 -25.96
N GLU D 198 -47.76 16.90 -25.57
CA GLU D 198 -48.73 16.45 -24.57
C GLU D 198 -50.07 17.03 -24.95
N THR D 199 -51.08 16.18 -25.05
CA THR D 199 -52.45 16.61 -25.31
C THR D 199 -53.33 15.94 -24.29
N TYR D 200 -54.08 16.75 -23.54
CA TYR D 200 -55.11 16.28 -22.64
C TYR D 200 -56.40 16.09 -23.43
N CYS D 201 -56.85 14.85 -23.55
CA CYS D 201 -58.07 14.55 -24.31
C CYS D 201 -59.28 14.83 -23.43
N ILE D 202 -59.98 15.91 -23.73
CA ILE D 202 -61.19 16.29 -22.99
C ILE D 202 -62.36 15.95 -23.90
N ASP D 203 -63.14 14.93 -23.54
CA ASP D 203 -64.13 14.35 -24.45
C ASP D 203 -65.52 14.87 -24.09
N ASN D 204 -66.14 15.62 -25.00
CA ASN D 204 -67.50 16.08 -24.73
C ASN D 204 -68.44 14.90 -24.47
N GLU D 205 -68.20 13.76 -25.12
CA GLU D 205 -69.02 12.58 -24.87
C GLU D 205 -68.96 12.16 -23.40
N ALA D 206 -67.74 12.07 -22.84
CA ALA D 206 -67.58 11.74 -21.43
C ALA D 206 -68.20 12.79 -20.52
N LEU D 207 -67.97 14.08 -20.81
CA LEU D 207 -68.50 15.16 -19.98
C LEU D 207 -70.02 15.13 -19.94
N TYR D 208 -70.65 14.94 -21.11
CA TYR D 208 -72.10 14.80 -21.15
C TYR D 208 -72.55 13.61 -20.31
N ASP D 209 -71.91 12.44 -20.50
CA ASP D 209 -72.33 11.24 -19.78
C ASP D 209 -72.19 11.42 -18.28
N ILE D 210 -71.12 12.12 -17.84
CA ILE D 210 -70.97 12.39 -16.41
C ILE D 210 -72.10 13.31 -15.93
N CYS D 211 -72.43 14.32 -16.72
CA CYS D 211 -73.47 15.26 -16.28
C CYS D 211 -74.82 14.56 -16.23
N PHE D 212 -75.14 13.82 -17.29
CA PHE D 212 -76.42 13.12 -17.35
C PHE D 212 -76.50 11.95 -16.36
N ARG D 213 -75.48 11.07 -16.35
CA ARG D 213 -75.60 9.83 -15.58
C ARG D 213 -75.27 10.04 -14.11
N THR D 214 -74.16 10.72 -13.81
CA THR D 214 -73.74 10.81 -12.42
C THR D 214 -74.30 12.03 -11.72
N LEU D 215 -74.34 13.17 -12.40
CA LEU D 215 -74.82 14.40 -11.77
C LEU D 215 -76.33 14.59 -11.91
N LYS D 216 -77.00 13.75 -12.74
CA LYS D 216 -78.45 13.70 -12.85
C LYS D 216 -78.99 14.98 -13.49
N LEU D 217 -78.25 15.53 -14.44
CA LEU D 217 -78.66 16.71 -15.19
C LEU D 217 -79.34 16.26 -16.47
N THR D 218 -80.67 16.42 -16.53
CA THR D 218 -81.41 15.94 -17.67
C THR D 218 -80.94 16.58 -18.96
N THR D 219 -80.65 17.89 -18.93
CA THR D 219 -80.21 18.64 -20.11
C THR D 219 -78.97 19.47 -19.77
N PRO D 220 -77.80 18.85 -19.74
CA PRO D 220 -76.57 19.60 -19.35
C PRO D 220 -76.22 20.69 -20.35
N THR D 221 -75.72 21.81 -19.83
CA THR D 221 -75.25 22.90 -20.67
C THR D 221 -73.73 22.93 -20.69
N TYR D 222 -73.20 23.78 -21.58
CA TYR D 222 -71.76 24.04 -21.61
C TYR D 222 -71.24 24.47 -20.23
N GLY D 223 -72.04 25.23 -19.47
CA GLY D 223 -71.67 25.51 -18.10
C GLY D 223 -71.43 24.26 -17.28
N ASP D 224 -72.37 23.31 -17.32
CA ASP D 224 -72.19 22.05 -16.60
C ASP D 224 -70.94 21.31 -17.08
N LEU D 225 -70.76 21.18 -18.39
CA LEU D 225 -69.58 20.51 -18.93
C LEU D 225 -68.30 21.23 -18.51
N ASN D 226 -68.27 22.57 -18.62
CA ASN D 226 -67.03 23.30 -18.36
C ASN D 226 -66.65 23.30 -16.89
N HIS D 227 -67.62 23.07 -15.98
CA HIS D 227 -67.24 22.82 -14.59
C HIS D 227 -66.31 21.60 -14.46
N LEU D 228 -66.59 20.53 -15.21
CA LEU D 228 -65.70 19.38 -15.14
C LEU D 228 -64.36 19.67 -15.79
N VAL D 229 -64.36 20.37 -16.94
CA VAL D 229 -63.11 20.76 -17.58
C VAL D 229 -62.26 21.60 -16.66
N SER D 230 -62.86 22.54 -15.94
CA SER D 230 -62.03 23.45 -15.15
C SER D 230 -61.51 22.75 -13.91
N ALA D 231 -62.28 21.83 -13.32
CA ALA D 231 -61.73 21.04 -12.22
C ALA D 231 -60.53 20.21 -12.69
N THR D 232 -60.60 19.65 -13.90
CA THR D 232 -59.49 18.89 -14.44
C THR D 232 -58.28 19.80 -14.68
N MET D 233 -58.48 20.94 -15.33
CA MET D 233 -57.36 21.81 -15.67
C MET D 233 -56.68 22.34 -14.41
N SER D 234 -57.46 22.64 -13.38
CA SER D 234 -56.86 23.05 -12.13
C SER D 234 -56.03 21.92 -11.54
N GLY D 235 -56.56 20.70 -11.59
CA GLY D 235 -55.85 19.57 -11.02
C GLY D 235 -54.58 19.22 -11.77
N VAL D 236 -54.60 19.26 -13.11
CA VAL D 236 -53.43 18.80 -13.86
C VAL D 236 -52.34 19.86 -13.94
N THR D 237 -52.66 21.11 -13.65
CA THR D 237 -51.65 22.15 -13.53
C THR D 237 -51.25 22.42 -12.09
N THR D 238 -51.82 21.71 -11.11
CA THR D 238 -51.52 21.99 -9.70
C THR D 238 -50.01 21.93 -9.41
N CYS D 239 -49.33 20.93 -9.98
CA CYS D 239 -47.91 20.77 -9.68
C CYS D 239 -47.08 21.85 -10.32
N LEU D 240 -47.54 22.42 -11.44
CA LEU D 240 -46.85 23.54 -12.06
C LEU D 240 -46.99 24.82 -11.25
N ARG D 241 -48.04 24.94 -10.43
CA ARG D 241 -48.41 26.23 -9.85
C ARG D 241 -48.08 26.35 -8.39
N PHE D 242 -47.86 25.24 -7.70
CA PHE D 242 -47.48 25.30 -6.31
C PHE D 242 -46.15 24.58 -6.11
N PRO D 243 -45.39 24.98 -5.10
CA PRO D 243 -44.11 24.32 -4.83
C PRO D 243 -44.30 22.94 -4.22
N GLY D 244 -43.72 21.93 -4.86
CA GLY D 244 -43.71 20.58 -4.33
C GLY D 244 -42.29 20.04 -4.23
N GLN D 245 -42.19 18.82 -3.71
CA GLN D 245 -40.89 18.14 -3.67
C GLN D 245 -40.39 17.83 -5.07
N LEU D 246 -41.27 17.29 -5.91
CA LEU D 246 -41.08 17.32 -7.34
C LEU D 246 -40.81 18.74 -7.79
N ASN D 247 -39.81 18.91 -8.65
CA ASN D 247 -39.62 20.18 -9.34
C ASN D 247 -40.38 20.12 -10.66
N ALA D 248 -41.70 20.07 -10.53
CA ALA D 248 -42.57 19.76 -11.65
C ALA D 248 -42.49 20.83 -12.73
N ASP D 249 -42.44 20.36 -13.98
CA ASP D 249 -42.51 21.25 -15.14
C ASP D 249 -42.94 20.40 -16.32
N LEU D 250 -43.26 21.08 -17.42
CA LEU D 250 -43.89 20.41 -18.56
C LEU D 250 -42.97 19.38 -19.23
N ARG D 251 -41.65 19.62 -19.24
CA ARG D 251 -40.79 18.70 -19.96
C ARG D 251 -40.50 17.44 -19.16
N LYS D 252 -40.26 17.57 -17.86
CA LYS D 252 -40.17 16.39 -17.00
C LYS D 252 -41.43 15.53 -17.11
N LEU D 253 -42.60 16.17 -17.17
CA LEU D 253 -43.85 15.41 -17.30
C LEU D 253 -43.85 14.62 -18.60
N ALA D 254 -43.55 15.30 -19.72
CA ALA D 254 -43.59 14.63 -21.01
C ALA D 254 -42.58 13.49 -21.07
N VAL D 255 -41.37 13.72 -20.53
CA VAL D 255 -40.31 12.72 -20.58
C VAL D 255 -40.75 11.42 -19.92
N ASN D 256 -41.48 11.52 -18.82
CA ASN D 256 -41.84 10.35 -18.04
C ASN D 256 -43.19 9.76 -18.42
N MET D 257 -44.05 10.53 -19.09
CA MET D 257 -45.37 10.06 -19.48
C MET D 257 -45.46 9.55 -20.92
N VAL D 258 -44.54 9.97 -21.80
CA VAL D 258 -44.64 9.67 -23.23
C VAL D 258 -43.55 8.69 -23.65
N PRO D 259 -43.80 7.37 -23.64
CA PRO D 259 -42.76 6.44 -24.11
C PRO D 259 -42.57 6.44 -25.62
N PHE D 260 -43.55 6.89 -26.41
CA PHE D 260 -43.41 6.83 -27.88
C PHE D 260 -43.98 8.13 -28.42
N PRO D 261 -43.28 8.82 -29.32
CA PRO D 261 -43.61 10.23 -29.57
C PRO D 261 -45.05 10.47 -29.97
N ARG D 262 -45.63 9.62 -30.82
CA ARG D 262 -47.00 9.85 -31.23
C ARG D 262 -47.99 9.59 -30.10
N LEU D 263 -47.64 8.74 -29.13
CA LEU D 263 -48.59 8.32 -28.10
C LEU D 263 -48.57 9.29 -26.92
N HIS D 264 -48.98 10.52 -27.21
CA HIS D 264 -48.94 11.60 -26.24
C HIS D 264 -50.32 12.17 -25.97
N PHE D 265 -51.34 11.33 -25.98
CA PHE D 265 -52.72 11.74 -25.73
C PHE D 265 -53.19 11.17 -24.39
N PHE D 266 -53.33 12.03 -23.40
CA PHE D 266 -53.62 11.58 -22.05
C PHE D 266 -55.11 11.52 -21.78
N MET D 267 -55.50 10.56 -20.95
CA MET D 267 -56.83 10.43 -20.41
C MET D 267 -56.84 11.03 -19.01
N PRO D 268 -57.45 12.18 -18.80
CA PRO D 268 -57.57 12.74 -17.45
C PRO D 268 -58.75 12.18 -16.68
N GLY D 269 -58.57 12.08 -15.37
CA GLY D 269 -59.62 11.66 -14.49
C GLY D 269 -59.62 12.52 -13.23
N PHE D 270 -60.75 12.50 -12.53
CA PHE D 270 -60.89 13.39 -11.39
C PHE D 270 -61.85 12.76 -10.40
N ALA D 271 -61.61 13.01 -9.11
CA ALA D 271 -62.47 12.61 -8.01
C ALA D 271 -62.35 13.65 -6.90
N PRO D 272 -63.46 14.05 -6.27
CA PRO D 272 -64.83 13.64 -6.59
C PRO D 272 -65.42 14.41 -7.76
N LEU D 273 -66.45 13.83 -8.37
CA LEU D 273 -67.22 14.48 -9.40
C LEU D 273 -68.28 15.35 -8.73
N THR D 274 -68.35 16.63 -9.10
CA THR D 274 -69.35 17.52 -8.51
C THR D 274 -70.06 18.31 -9.59
N SER D 275 -71.28 18.73 -9.25
CA SER D 275 -72.01 19.73 -10.02
C SER D 275 -71.45 21.11 -9.71
N ARG D 276 -71.58 22.02 -10.67
CA ARG D 276 -71.02 23.33 -10.46
C ARG D 276 -71.79 24.04 -9.35
N GLY D 277 -71.08 24.92 -8.64
CA GLY D 277 -71.66 25.75 -7.59
C GLY D 277 -72.45 25.02 -6.51
N SER D 278 -71.97 23.87 -6.05
CA SER D 278 -72.78 23.02 -5.17
C SER D 278 -72.03 22.71 -3.89
N GLN D 279 -72.64 23.03 -2.76
CA GLN D 279 -72.12 22.66 -1.45
C GLN D 279 -71.79 21.18 -1.40
N GLN D 280 -70.61 20.84 -0.91
CA GLN D 280 -70.24 19.45 -0.67
C GLN D 280 -70.40 19.17 0.82
N TYR D 281 -71.32 18.26 1.16
CA TYR D 281 -71.71 18.01 2.55
C TYR D 281 -70.87 16.91 3.23
N ARG D 282 -69.96 16.26 2.50
CA ARG D 282 -69.04 15.28 3.09
C ARG D 282 -67.85 15.09 2.17
N ALA D 283 -66.65 15.08 2.75
CA ALA D 283 -65.41 14.91 2.00
C ALA D 283 -65.14 13.43 1.71
N LEU D 284 -64.31 13.19 0.69
CA LEU D 284 -63.95 11.83 0.31
C LEU D 284 -62.71 11.37 1.06
N THR D 285 -62.63 10.07 1.33
CA THR D 285 -61.48 9.50 2.00
C THR D 285 -60.41 9.12 0.99
N VAL D 286 -59.18 8.90 1.51
CA VAL D 286 -58.08 8.55 0.62
C VAL D 286 -58.35 7.26 -0.14
N PRO D 287 -58.79 6.17 0.48
CA PRO D 287 -59.22 5.02 -0.34
C PRO D 287 -60.33 5.37 -1.32
N GLU D 288 -61.32 6.17 -0.91
CA GLU D 288 -62.36 6.59 -1.86
C GLU D 288 -61.75 7.32 -3.04
N LEU D 289 -60.88 8.30 -2.77
CA LEU D 289 -60.23 9.05 -3.84
C LEU D 289 -59.45 8.13 -4.77
N THR D 290 -58.68 7.20 -4.19
CA THR D 290 -57.82 6.34 -4.98
C THR D 290 -58.62 5.43 -5.90
N GLN D 291 -59.67 4.80 -5.37
CA GLN D 291 -60.47 3.88 -6.19
C GLN D 291 -61.25 4.65 -7.26
N GLN D 292 -62.02 5.66 -6.83
CA GLN D 292 -62.86 6.43 -7.74
C GLN D 292 -62.05 7.09 -8.84
N MET D 293 -60.73 7.21 -8.66
CA MET D 293 -59.89 7.88 -9.63
C MET D 293 -59.56 6.99 -10.83
N PHE D 294 -59.43 5.68 -10.64
CA PHE D 294 -59.20 4.75 -11.75
C PHE D 294 -60.50 4.11 -12.25
N ASP D 295 -61.63 4.77 -12.04
CA ASP D 295 -62.94 4.24 -12.39
C ASP D 295 -63.44 4.92 -13.65
N SER D 296 -64.04 4.15 -14.55
CA SER D 296 -64.33 4.70 -15.88
C SER D 296 -65.32 5.85 -15.81
N LYS D 297 -66.17 5.88 -14.77
CA LYS D 297 -67.13 6.97 -14.59
C LYS D 297 -66.47 8.31 -14.29
N ASN D 298 -65.17 8.34 -14.00
CA ASN D 298 -64.44 9.55 -13.63
C ASN D 298 -63.45 9.98 -14.68
N MET D 299 -63.39 9.28 -15.81
CA MET D 299 -62.54 9.64 -16.91
C MET D 299 -63.16 10.78 -17.71
N MET D 300 -62.33 11.72 -18.13
CA MET D 300 -62.74 12.84 -18.97
C MET D 300 -62.67 12.49 -20.45
N ALA D 301 -62.25 11.27 -20.78
CA ALA D 301 -62.32 10.71 -22.12
C ALA D 301 -63.26 9.51 -22.06
N ALA D 302 -64.17 9.40 -23.04
CA ALA D 302 -65.19 8.32 -23.00
C ALA D 302 -64.53 7.00 -23.40
N CYS D 303 -63.77 6.45 -22.46
CA CYS D 303 -62.98 5.24 -22.64
C CYS D 303 -62.95 4.50 -21.32
N ASP D 304 -63.06 3.18 -21.37
CA ASP D 304 -62.99 2.40 -20.15
C ASP D 304 -61.53 2.02 -19.94
N PRO D 305 -60.86 2.53 -18.90
CA PRO D 305 -59.44 2.17 -18.72
C PRO D 305 -59.25 0.68 -18.58
N ARG D 306 -60.29 -0.06 -18.16
CA ARG D 306 -60.15 -1.50 -18.06
C ARG D 306 -60.16 -2.17 -19.42
N HIS D 307 -60.45 -1.44 -20.49
CA HIS D 307 -60.34 -2.02 -21.83
C HIS D 307 -58.94 -1.95 -22.40
N GLY D 308 -58.00 -1.31 -21.71
CA GLY D 308 -56.65 -1.28 -22.19
C GLY D 308 -55.66 -1.46 -21.05
N ARG D 309 -54.46 -0.93 -21.22
CA ARG D 309 -53.43 -0.97 -20.19
C ARG D 309 -52.80 0.41 -20.10
N TYR D 310 -52.42 0.78 -18.89
CA TYR D 310 -51.72 2.05 -18.69
C TYR D 310 -50.27 1.88 -19.10
N LEU D 311 -49.78 2.78 -19.94
CA LEU D 311 -48.34 2.88 -20.12
C LEU D 311 -47.70 3.59 -18.95
N THR D 312 -48.29 4.73 -18.56
CA THR D 312 -47.78 5.55 -17.48
C THR D 312 -48.97 6.25 -16.84
N VAL D 313 -48.81 6.62 -15.57
CA VAL D 313 -49.83 7.30 -14.81
C VAL D 313 -49.17 8.33 -13.92
N ALA D 314 -49.70 9.56 -13.93
CA ALA D 314 -49.32 10.58 -12.97
C ALA D 314 -50.57 11.01 -12.22
N ALA D 315 -50.48 11.04 -10.90
CA ALA D 315 -51.63 11.28 -10.05
C ALA D 315 -51.25 12.34 -9.04
N ILE D 316 -52.17 13.25 -8.77
CA ILE D 316 -51.95 14.33 -7.82
C ILE D 316 -53.12 14.37 -6.84
N PHE D 317 -52.83 14.32 -5.55
CA PHE D 317 -53.83 14.42 -4.51
C PHE D 317 -53.72 15.79 -3.89
N ARG D 318 -54.86 16.44 -3.63
CA ARG D 318 -54.90 17.77 -3.05
C ARG D 318 -55.67 17.73 -1.75
N GLY D 319 -55.13 18.38 -0.72
CA GLY D 319 -55.74 18.47 0.59
C GLY D 319 -54.79 18.06 1.68
N ARG D 320 -55.28 18.12 2.92
CA ARG D 320 -54.52 17.61 4.05
C ARG D 320 -54.86 16.13 4.22
N MET D 321 -53.87 15.28 3.98
CA MET D 321 -54.07 13.84 4.08
C MET D 321 -52.71 13.18 4.32
N SER D 322 -52.75 11.95 4.82
CA SER D 322 -51.53 11.21 5.09
C SER D 322 -50.86 10.81 3.78
N MET D 323 -49.63 11.27 3.56
CA MET D 323 -48.90 10.78 2.40
C MET D 323 -48.58 9.29 2.55
N LYS D 324 -48.42 8.82 3.79
CA LYS D 324 -48.30 7.39 4.03
C LYS D 324 -49.52 6.65 3.47
N GLU D 325 -50.71 7.05 3.91
CA GLU D 325 -51.95 6.44 3.43
C GLU D 325 -52.10 6.57 1.91
N VAL D 326 -51.71 7.71 1.34
CA VAL D 326 -51.75 7.86 -0.12
C VAL D 326 -50.84 6.84 -0.79
N ASP D 327 -49.64 6.63 -0.23
CA ASP D 327 -48.71 5.72 -0.86
C ASP D 327 -49.20 4.28 -0.79
N GLU D 328 -49.82 3.90 0.32
CA GLU D 328 -50.25 2.51 0.44
C GLU D 328 -51.51 2.23 -0.38
N GLN D 329 -52.43 3.19 -0.49
CA GLN D 329 -53.56 3.01 -1.40
C GLN D 329 -53.09 2.91 -2.84
N MET D 330 -52.22 3.83 -3.28
CA MET D 330 -51.73 3.81 -4.66
C MET D 330 -51.02 2.50 -4.98
N LEU D 331 -50.14 2.04 -4.09
CA LEU D 331 -49.44 0.79 -4.35
C LEU D 331 -50.40 -0.38 -4.38
N ASN D 332 -51.40 -0.37 -3.50
CA ASN D 332 -52.37 -1.45 -3.46
C ASN D 332 -53.24 -1.47 -4.70
N VAL D 333 -53.60 -0.30 -5.22
CA VAL D 333 -54.38 -0.25 -6.44
C VAL D 333 -53.59 -0.86 -7.60
N GLN D 334 -52.27 -0.63 -7.63
CA GLN D 334 -51.45 -1.20 -8.70
C GLN D 334 -51.26 -2.71 -8.54
N ASN D 335 -51.25 -3.22 -7.31
CA ASN D 335 -51.03 -4.65 -7.13
C ASN D 335 -52.29 -5.45 -7.38
N LYS D 336 -53.44 -4.97 -6.91
CA LYS D 336 -54.68 -5.70 -7.12
C LYS D 336 -55.11 -5.59 -8.58
N ASN D 337 -54.83 -4.46 -9.21
CA ASN D 337 -55.16 -4.26 -10.61
C ASN D 337 -53.94 -4.38 -11.51
N SER D 338 -53.08 -5.35 -11.18
CA SER D 338 -51.79 -5.51 -11.84
C SER D 338 -51.91 -5.63 -13.36
N SER D 339 -52.99 -6.22 -13.85
CA SER D 339 -53.09 -6.53 -15.27
C SER D 339 -53.47 -5.34 -16.14
N TYR D 340 -53.75 -4.18 -15.55
CA TYR D 340 -54.04 -2.99 -16.34
C TYR D 340 -52.83 -2.05 -16.46
N PHE D 341 -51.65 -2.54 -16.09
CA PHE D 341 -50.40 -1.79 -16.20
C PHE D 341 -49.43 -2.61 -17.03
N VAL D 342 -48.92 -2.02 -18.10
CA VAL D 342 -47.91 -2.71 -18.87
C VAL D 342 -46.74 -3.07 -17.95
N GLU D 343 -46.28 -4.32 -18.06
CA GLU D 343 -45.24 -4.85 -17.20
C GLU D 343 -43.84 -4.48 -17.66
N TRP D 344 -43.68 -4.02 -18.91
CA TRP D 344 -42.38 -3.67 -19.48
C TRP D 344 -42.05 -2.18 -19.34
N ILE D 345 -42.80 -1.44 -18.52
CA ILE D 345 -42.36 -0.13 -18.03
C ILE D 345 -42.41 -0.17 -16.51
N PRO D 346 -41.33 -0.55 -15.84
CA PRO D 346 -41.39 -0.69 -14.38
C PRO D 346 -41.75 0.61 -13.69
N ASN D 347 -42.47 0.51 -12.58
CA ASN D 347 -42.70 1.64 -11.68
C ASN D 347 -43.37 2.80 -12.41
N ASN D 348 -44.36 2.51 -13.24
CA ASN D 348 -44.90 3.49 -14.18
C ASN D 348 -46.03 4.34 -13.59
N VAL D 349 -46.17 4.38 -12.26
CA VAL D 349 -47.18 5.22 -11.60
C VAL D 349 -46.49 6.14 -10.60
N LYS D 350 -46.64 7.44 -10.79
CA LYS D 350 -46.04 8.46 -9.95
C LYS D 350 -47.11 9.29 -9.24
N THR D 351 -46.89 9.53 -7.95
CA THR D 351 -47.87 10.17 -7.09
C THR D 351 -47.28 11.43 -6.46
N ALA D 352 -48.04 12.51 -6.48
CA ALA D 352 -47.69 13.72 -5.74
C ALA D 352 -48.88 14.14 -4.88
N VAL D 353 -48.57 14.85 -3.80
CA VAL D 353 -49.58 15.40 -2.89
C VAL D 353 -49.31 16.89 -2.74
N CYS D 354 -50.35 17.70 -2.92
CA CYS D 354 -50.30 19.13 -2.64
C CYS D 354 -51.28 19.45 -1.51
N ASP D 355 -50.79 20.10 -0.45
CA ASP D 355 -51.58 20.32 0.74
C ASP D 355 -52.76 21.25 0.54
N ILE D 356 -52.84 21.95 -0.59
CA ILE D 356 -53.85 22.98 -0.82
C ILE D 356 -54.96 22.38 -1.68
N PRO D 357 -56.17 22.21 -1.15
CA PRO D 357 -57.25 21.63 -1.94
C PRO D 357 -57.86 22.70 -2.83
N PRO D 358 -58.61 22.31 -3.85
CA PRO D 358 -59.30 23.31 -4.69
C PRO D 358 -60.53 23.85 -3.97
N ARG D 359 -61.09 24.92 -4.54
CA ARG D 359 -62.17 25.60 -3.85
C ARG D 359 -63.39 24.68 -3.72
N GLY D 360 -63.92 24.59 -2.51
CA GLY D 360 -65.14 23.86 -2.26
C GLY D 360 -64.96 22.41 -1.89
N LEU D 361 -63.76 21.86 -1.98
CA LEU D 361 -63.48 20.47 -1.64
C LEU D 361 -62.42 20.42 -0.55
N LYS D 362 -62.64 19.57 0.46
CA LYS D 362 -61.59 19.36 1.43
C LYS D 362 -60.49 18.45 0.87
N MET D 363 -60.84 17.58 -0.07
CA MET D 363 -59.90 16.62 -0.62
C MET D 363 -60.30 16.29 -2.05
N SER D 364 -59.29 16.01 -2.89
CA SER D 364 -59.54 15.72 -4.30
C SER D 364 -58.34 14.97 -4.86
N ALA D 365 -58.53 14.41 -6.05
CA ALA D 365 -57.46 13.67 -6.69
C ALA D 365 -57.63 13.82 -8.19
N THR D 366 -56.54 14.07 -8.87
CA THR D 366 -56.56 14.22 -10.31
C THR D 366 -55.58 13.21 -10.92
N PHE D 367 -55.99 12.67 -12.06
CA PHE D 367 -55.43 11.48 -12.65
C PHE D 367 -55.00 11.81 -14.06
N ILE D 368 -53.73 11.57 -14.39
CA ILE D 368 -53.25 11.72 -15.75
C ILE D 368 -52.73 10.36 -16.19
N GLY D 369 -53.44 9.72 -17.09
CA GLY D 369 -53.09 8.41 -17.57
C GLY D 369 -52.72 8.47 -19.04
N ASN D 370 -51.69 7.73 -19.40
CA ASN D 370 -51.39 7.41 -20.79
C ASN D 370 -51.82 5.96 -20.99
N SER D 371 -53.08 5.76 -21.38
CA SER D 371 -53.68 4.44 -21.51
C SER D 371 -53.87 4.05 -22.97
N THR D 372 -53.68 2.77 -23.27
CA THR D 372 -53.99 2.30 -24.61
C THR D 372 -55.47 2.24 -24.88
N ALA D 373 -56.33 2.36 -23.86
CA ALA D 373 -57.78 2.43 -24.09
C ALA D 373 -58.21 3.70 -24.81
N ILE D 374 -57.37 4.74 -24.82
CA ILE D 374 -57.71 5.98 -25.53
C ILE D 374 -57.97 5.69 -27.00
N GLN D 375 -57.55 4.54 -27.51
CA GLN D 375 -57.90 4.17 -28.88
C GLN D 375 -59.42 4.11 -29.08
N GLU D 376 -60.21 3.88 -28.03
CA GLU D 376 -61.65 3.87 -28.22
C GLU D 376 -62.16 5.25 -28.65
N LEU D 377 -61.61 6.31 -28.05
CA LEU D 377 -61.94 7.65 -28.51
C LEU D 377 -61.61 7.82 -29.99
N PHE D 378 -60.40 7.43 -30.42
CA PHE D 378 -60.03 7.64 -31.83
C PHE D 378 -60.81 6.74 -32.78
N LYS D 379 -61.13 5.50 -32.37
CA LYS D 379 -62.00 4.66 -33.19
C LYS D 379 -63.40 5.28 -33.32
N ARG D 380 -63.91 5.89 -32.25
CA ARG D 380 -65.25 6.48 -32.34
C ARG D 380 -65.27 7.60 -33.38
N ILE D 381 -64.25 8.49 -33.31
CA ILE D 381 -64.09 9.55 -34.31
C ILE D 381 -63.91 8.95 -35.71
N SER D 382 -63.04 7.94 -35.83
CA SER D 382 -62.73 7.37 -37.13
C SER D 382 -63.95 6.72 -37.77
N GLU D 383 -64.77 6.03 -36.96
CA GLU D 383 -66.01 5.46 -37.50
C GLU D 383 -66.92 6.57 -38.02
N GLN D 384 -67.09 7.63 -37.24
CA GLN D 384 -67.96 8.74 -37.65
C GLN D 384 -67.42 9.42 -38.90
N PHE D 385 -66.10 9.60 -38.99
CA PHE D 385 -65.46 10.14 -40.19
C PHE D 385 -65.79 9.29 -41.41
N THR D 386 -65.62 7.98 -41.29
CA THR D 386 -65.79 7.12 -42.46
C THR D 386 -67.22 7.12 -42.94
N ALA D 387 -68.19 7.12 -42.03
CA ALA D 387 -69.58 7.07 -42.47
C ALA D 387 -69.91 8.29 -43.34
N MET D 388 -69.25 9.42 -43.08
CA MET D 388 -69.43 10.59 -43.93
C MET D 388 -68.58 10.50 -45.18
N PHE D 389 -67.29 10.17 -44.99
CA PHE D 389 -66.35 10.21 -46.11
C PHE D 389 -66.68 9.17 -47.19
N ARG D 390 -67.26 8.02 -46.81
CA ARG D 390 -67.72 7.05 -47.81
C ARG D 390 -68.58 7.73 -48.87
N ARG D 391 -69.47 8.61 -48.42
CA ARG D 391 -70.40 9.33 -49.30
C ARG D 391 -69.81 10.64 -49.78
N LYS D 392 -68.64 11.03 -49.29
CA LYS D 392 -68.06 12.34 -49.58
C LYS D 392 -69.00 13.47 -49.17
N ALA D 393 -69.75 13.22 -48.09
CA ALA D 393 -70.69 14.20 -47.58
C ALA D 393 -69.96 15.46 -47.14
N PHE D 394 -70.46 16.62 -47.58
CA PHE D 394 -69.99 17.94 -47.18
C PHE D 394 -68.57 18.25 -47.66
N LEU D 395 -68.00 17.46 -48.57
CA LEU D 395 -66.62 17.69 -48.96
C LEU D 395 -66.43 19.05 -49.61
N HIS D 396 -67.44 19.52 -50.37
CA HIS D 396 -67.32 20.80 -51.06
C HIS D 396 -67.23 21.97 -50.10
N TRP D 397 -67.63 21.80 -48.84
CA TRP D 397 -67.29 22.82 -47.85
C TRP D 397 -65.78 23.02 -47.77
N TYR D 398 -65.01 21.93 -47.91
CA TYR D 398 -63.56 21.95 -47.76
C TYR D 398 -62.87 22.23 -49.09
N THR D 399 -63.24 21.52 -50.16
CA THR D 399 -62.64 21.81 -51.45
C THR D 399 -62.94 23.24 -51.91
N GLY D 400 -64.09 23.79 -51.53
CA GLY D 400 -64.36 25.18 -51.84
C GLY D 400 -63.33 26.12 -51.25
N GLU D 401 -62.69 25.72 -50.15
CA GLU D 401 -61.64 26.54 -49.55
C GLU D 401 -60.23 26.14 -50.02
N GLY D 402 -60.12 25.22 -50.98
CA GLY D 402 -58.85 24.86 -51.60
C GLY D 402 -58.32 23.47 -51.29
N MET D 403 -58.93 22.72 -50.36
CA MET D 403 -58.40 21.42 -50.00
C MET D 403 -58.67 20.37 -51.07
N ASP D 404 -58.16 19.18 -50.81
CA ASP D 404 -58.22 18.05 -51.73
C ASP D 404 -58.64 16.83 -50.92
N GLU D 405 -59.36 15.90 -51.58
CA GLU D 405 -59.69 14.63 -50.93
C GLU D 405 -58.46 13.97 -50.33
N MET D 406 -57.32 14.03 -51.04
CA MET D 406 -56.13 13.32 -50.59
C MET D 406 -55.76 13.69 -49.15
N GLU D 407 -55.97 14.95 -48.77
CA GLU D 407 -55.68 15.37 -47.40
C GLU D 407 -56.61 14.70 -46.39
N PHE D 408 -57.86 14.43 -46.78
CA PHE D 408 -58.76 13.68 -45.92
C PHE D 408 -58.31 12.23 -45.79
N THR D 409 -57.97 11.62 -46.92
CA THR D 409 -57.53 10.23 -46.92
C THR D 409 -56.32 10.04 -46.00
N GLU D 410 -55.35 10.95 -46.09
CA GLU D 410 -54.14 10.86 -45.29
C GLU D 410 -54.45 11.02 -43.81
N ALA D 411 -55.29 11.99 -43.44
CA ALA D 411 -55.61 12.18 -42.03
C ALA D 411 -56.34 10.97 -41.44
N GLU D 412 -57.27 10.39 -42.22
CA GLU D 412 -57.94 9.15 -41.82
C GLU D 412 -56.92 8.03 -41.65
N SER D 413 -56.01 7.90 -42.61
CA SER D 413 -54.94 6.90 -42.53
C SER D 413 -54.08 7.10 -41.28
N ASN D 414 -53.71 8.35 -40.99
CA ASN D 414 -52.85 8.62 -39.84
C ASN D 414 -53.57 8.30 -38.54
N MET D 415 -54.88 8.48 -38.46
CA MET D 415 -55.54 8.16 -37.20
C MET D 415 -55.74 6.67 -37.04
N ASN D 416 -56.02 5.95 -38.13
CA ASN D 416 -56.03 4.49 -38.05
C ASN D 416 -54.66 3.95 -37.70
N ASP D 417 -53.58 4.59 -38.16
CA ASP D 417 -52.25 4.16 -37.72
C ASP D 417 -52.07 4.38 -36.23
N LEU D 418 -52.62 5.48 -35.71
CA LEU D 418 -52.54 5.73 -34.28
C LEU D 418 -53.26 4.63 -33.48
N VAL D 419 -54.47 4.25 -33.94
CA VAL D 419 -55.21 3.19 -33.28
C VAL D 419 -54.39 1.92 -33.24
N SER D 420 -53.76 1.55 -34.37
CA SER D 420 -52.96 0.32 -34.43
C SER D 420 -51.81 0.34 -33.44
N GLU D 421 -51.12 1.48 -33.29
CA GLU D 421 -49.97 1.39 -32.41
C GLU D 421 -50.37 1.36 -30.95
N TYR D 422 -51.45 2.06 -30.55
CA TYR D 422 -52.06 1.79 -29.25
C TYR D 422 -52.30 0.29 -29.08
N GLN D 423 -52.87 -0.35 -30.10
CA GLN D 423 -53.20 -1.76 -30.03
C GLN D 423 -51.93 -2.60 -29.97
N GLN D 424 -50.91 -2.20 -30.74
CA GLN D 424 -49.64 -2.94 -30.70
C GLN D 424 -49.10 -2.98 -29.28
N TYR D 425 -49.08 -1.83 -28.60
CA TYR D 425 -48.54 -1.81 -27.25
C TYR D 425 -49.49 -2.37 -26.21
N GLN D 426 -50.79 -2.41 -26.51
CA GLN D 426 -51.74 -3.07 -25.62
C GLN D 426 -51.47 -4.56 -25.56
N ASP D 427 -51.20 -5.18 -26.71
CA ASP D 427 -50.95 -6.61 -26.82
C ASP D 427 -49.50 -7.03 -26.60
N ALA D 428 -48.58 -6.06 -26.42
CA ALA D 428 -47.17 -6.41 -26.32
C ALA D 428 -46.87 -7.07 -24.99
N THR D 429 -46.03 -8.09 -25.02
CA THR D 429 -45.63 -8.86 -23.86
C THR D 429 -44.23 -8.46 -23.40
N ALA D 430 -43.95 -8.71 -22.13
CA ALA D 430 -42.58 -8.60 -21.64
C ALA D 430 -41.68 -9.76 -22.07
N ASP D 431 -42.21 -10.76 -22.79
CA ASP D 431 -41.40 -11.83 -23.36
C ASP D 431 -41.53 -11.83 -24.89
N MET E 4 76.50 -45.63 26.46
CA MET E 4 76.40 -44.46 25.57
C MET E 4 77.76 -43.89 25.23
N GLU E 5 77.81 -43.06 24.18
CA GLU E 5 78.99 -42.28 23.84
C GLU E 5 78.66 -40.80 24.05
N VAL E 6 79.30 -40.20 25.05
CA VAL E 6 79.19 -38.78 25.33
C VAL E 6 80.27 -38.03 24.57
N ILE E 7 79.91 -36.88 23.99
CA ILE E 7 80.84 -36.05 23.22
C ILE E 7 80.68 -34.60 23.67
N GLU E 8 81.77 -33.99 24.12
CA GLU E 8 81.75 -32.60 24.55
C GLU E 8 81.61 -31.68 23.34
N LEU E 9 80.70 -30.71 23.44
CA LEU E 9 80.46 -29.75 22.38
C LEU E 9 81.03 -28.38 22.73
N ASN E 10 80.63 -27.81 23.88
CA ASN E 10 80.99 -26.43 24.19
C ASN E 10 80.82 -26.17 25.68
N LYS E 11 81.58 -25.19 26.17
CA LYS E 11 81.44 -24.65 27.52
C LYS E 11 81.53 -23.14 27.42
N ALA E 12 80.53 -22.45 27.97
CA ALA E 12 80.42 -21.00 27.91
C ALA E 12 80.14 -20.46 29.32
N THR E 13 79.95 -19.13 29.39
CA THR E 13 79.65 -18.46 30.65
C THR E 13 78.37 -19.00 31.29
N SER E 14 77.25 -18.94 30.57
CA SER E 14 75.96 -19.29 31.14
C SER E 14 75.48 -20.68 30.74
N GLY E 15 76.39 -21.59 30.41
CA GLY E 15 75.99 -22.97 30.20
C GLY E 15 77.02 -23.79 29.45
N GLN E 16 76.71 -25.08 29.33
CA GLN E 16 77.54 -26.00 28.58
C GLN E 16 76.65 -26.93 27.77
N SER E 17 77.23 -27.51 26.73
CA SER E 17 76.50 -28.41 25.86
C SER E 17 77.36 -29.63 25.55
N TRP E 18 76.69 -30.71 25.20
CA TRP E 18 77.37 -31.93 24.78
C TRP E 18 76.38 -32.78 23.99
N GLU E 19 76.84 -33.95 23.57
CA GLU E 19 76.04 -34.81 22.70
C GLU E 19 76.11 -36.24 23.22
N VAL E 20 74.96 -36.87 23.35
CA VAL E 20 74.88 -38.25 23.82
C VAL E 20 74.42 -39.11 22.64
N ILE E 21 75.27 -40.07 22.24
CA ILE E 21 74.95 -40.97 21.15
C ILE E 21 74.67 -42.34 21.73
N LEU E 22 73.50 -42.89 21.42
CA LEU E 22 73.12 -44.22 21.86
C LEU E 22 73.35 -45.29 20.80
N LYS E 23 73.27 -44.92 19.53
CA LYS E 23 73.44 -45.84 18.42
C LYS E 23 73.83 -45.03 17.19
N PRO E 24 74.89 -45.39 16.50
CA PRO E 24 75.24 -44.70 15.24
C PRO E 24 74.21 -45.03 14.16
N PRO E 25 74.12 -44.22 13.12
CA PRO E 25 73.12 -44.49 12.08
C PRO E 25 73.37 -45.83 11.40
N SER E 26 72.28 -46.50 11.01
CA SER E 26 72.40 -47.73 10.24
C SER E 26 72.96 -47.46 8.85
N PHE E 27 72.86 -46.22 8.37
CA PHE E 27 73.06 -45.88 6.96
C PHE E 27 74.04 -44.71 6.87
N ASP E 28 75.21 -44.96 6.29
CA ASP E 28 76.23 -43.91 6.16
C ASP E 28 75.76 -42.82 5.19
N GLY E 29 75.68 -41.60 5.68
CA GLY E 29 75.30 -40.48 4.84
C GLY E 29 73.85 -40.09 5.00
N VAL E 30 73.43 -39.17 4.15
CA VAL E 30 72.08 -38.62 4.14
C VAL E 30 71.52 -38.80 2.73
N PRO E 31 70.34 -39.43 2.55
CA PRO E 31 69.79 -39.79 1.24
C PRO E 31 69.58 -38.63 0.26
N ASP E 42 61.93 -19.38 -6.25
CA ASP E 42 62.00 -18.32 -5.25
C ASP E 42 61.71 -16.96 -5.89
N PRO E 43 60.59 -16.35 -5.49
CA PRO E 43 60.10 -15.17 -6.22
C PRO E 43 60.98 -13.94 -6.06
N SER E 44 61.10 -13.19 -7.15
CA SER E 44 61.76 -11.89 -7.12
C SER E 44 60.78 -10.80 -6.69
N LEU E 45 61.33 -9.63 -6.39
CA LEU E 45 60.49 -8.49 -6.04
C LEU E 45 59.47 -8.20 -7.14
N GLU E 46 59.94 -8.09 -8.39
CA GLU E 46 59.03 -7.87 -9.51
C GLU E 46 57.95 -8.94 -9.56
N GLU E 47 58.32 -10.21 -9.43
CA GLU E 47 57.33 -11.29 -9.49
C GLU E 47 56.25 -11.10 -8.45
N ILE E 48 56.64 -10.72 -7.23
CA ILE E 48 55.68 -10.51 -6.14
C ILE E 48 54.76 -9.35 -6.44
N GLN E 49 55.32 -8.26 -6.97
CA GLN E 49 54.53 -7.08 -7.29
C GLN E 49 53.55 -7.34 -8.42
N LYS E 50 53.93 -8.18 -9.38
CA LYS E 50 53.02 -8.56 -10.45
C LYS E 50 51.78 -9.27 -9.91
N LYS E 51 51.97 -10.17 -8.94
CA LYS E 51 50.84 -10.92 -8.43
C LYS E 51 49.99 -10.10 -7.46
N LEU E 52 50.61 -9.15 -6.75
CA LEU E 52 49.82 -8.24 -5.92
C LEU E 52 49.00 -7.29 -6.80
N GLU E 53 49.61 -6.76 -7.86
CA GLU E 53 48.88 -5.90 -8.78
C GLU E 53 47.81 -6.68 -9.54
N ALA E 54 48.08 -7.94 -9.90
CA ALA E 54 47.07 -8.71 -10.65
C ALA E 54 45.84 -8.96 -9.79
N ALA E 55 46.04 -9.28 -8.51
CA ALA E 55 44.89 -9.45 -7.62
C ALA E 55 44.14 -8.14 -7.43
N GLU E 56 44.86 -7.01 -7.41
CA GLU E 56 44.17 -5.74 -7.27
C GLU E 56 43.28 -5.47 -8.47
N GLU E 57 43.75 -5.79 -9.67
CA GLU E 57 42.94 -5.52 -10.86
C GLU E 57 41.75 -6.48 -10.98
N ARG E 58 41.80 -7.65 -10.34
CA ARG E 58 40.63 -8.53 -10.29
C ARG E 58 39.61 -8.01 -9.30
N ARG E 59 40.05 -7.58 -8.11
CA ARG E 59 39.21 -6.83 -7.19
C ARG E 59 38.47 -5.70 -7.88
N LYS E 60 39.23 -4.85 -8.61
CA LYS E 60 38.66 -3.66 -9.22
C LYS E 60 37.71 -4.02 -10.36
N TYR E 61 38.07 -5.01 -11.18
CA TYR E 61 37.15 -5.47 -12.22
C TYR E 61 35.83 -5.94 -11.62
N GLN E 62 35.89 -6.68 -10.51
CA GLN E 62 34.68 -7.13 -9.84
C GLN E 62 33.84 -5.96 -9.37
N GLU E 63 34.47 -4.99 -8.72
CA GLU E 63 33.75 -3.81 -8.26
C GLU E 63 33.14 -3.06 -9.44
N ALA E 64 33.88 -2.95 -10.54
CA ALA E 64 33.39 -2.24 -11.70
C ALA E 64 32.17 -2.92 -12.30
N GLU E 65 32.15 -4.27 -12.30
CA GLU E 65 31.01 -5.00 -12.85
C GLU E 65 29.80 -4.88 -11.93
N LEU E 66 30.03 -4.87 -10.61
CA LEU E 66 28.95 -4.61 -9.68
C LEU E 66 28.33 -3.23 -9.92
N LEU E 67 29.17 -2.18 -9.94
CA LEU E 67 28.66 -0.84 -10.20
C LEU E 67 27.99 -0.75 -11.55
N LYS E 68 28.48 -1.52 -12.53
CA LYS E 68 27.84 -1.57 -13.84
C LYS E 68 26.42 -2.13 -13.75
N HIS E 69 26.18 -3.14 -12.89
CA HIS E 69 24.84 -3.70 -12.77
C HIS E 69 23.91 -2.75 -12.04
N LEU E 70 24.43 -2.05 -11.03
CA LEU E 70 23.62 -1.04 -10.34
C LEU E 70 23.30 0.13 -11.26
N ALA E 71 24.23 0.51 -12.15
CA ALA E 71 23.91 1.51 -13.16
C ALA E 71 22.78 1.03 -14.06
N GLU E 72 22.82 -0.23 -14.50
CA GLU E 72 21.75 -0.80 -15.31
C GLU E 72 20.41 -0.77 -14.57
N LYS E 73 20.41 -0.95 -13.25
CA LYS E 73 19.17 -0.83 -12.49
C LYS E 73 18.68 0.62 -12.44
N ARG E 74 19.58 1.58 -12.24
CA ARG E 74 19.20 3.00 -12.28
C ARG E 74 18.44 3.32 -13.56
N GLU E 75 18.95 2.87 -14.71
CA GLU E 75 18.32 3.25 -15.96
C GLU E 75 16.98 2.54 -16.13
N HIS E 76 16.86 1.30 -15.65
CA HIS E 76 15.56 0.65 -15.64
C HIS E 76 14.57 1.45 -14.80
N GLU E 77 14.99 1.91 -13.61
CA GLU E 77 14.16 2.79 -12.80
C GLU E 77 13.68 4.00 -13.58
N ARG E 78 14.58 4.64 -14.34
CA ARG E 78 14.15 5.75 -15.19
C ARG E 78 13.13 5.29 -16.20
N GLU E 79 13.36 4.13 -16.82
CA GLU E 79 12.45 3.67 -17.87
C GLU E 79 11.07 3.31 -17.31
N VAL E 80 11.00 2.82 -16.07
CA VAL E 80 9.72 2.55 -15.43
C VAL E 80 8.97 3.86 -15.13
N ILE E 81 9.67 4.83 -14.54
CA ILE E 81 9.06 6.12 -14.23
C ILE E 81 8.62 6.82 -15.51
N GLN E 82 9.39 6.63 -16.57
CA GLN E 82 9.07 7.24 -17.86
C GLN E 82 7.85 6.58 -18.49
N LYS E 83 7.76 5.24 -18.39
CA LYS E 83 6.63 4.53 -18.99
C LYS E 83 5.33 4.92 -18.34
N ALA E 84 5.34 5.11 -17.02
CA ALA E 84 4.12 5.52 -16.33
C ALA E 84 3.68 6.90 -16.79
N ILE E 85 4.64 7.79 -17.08
CA ILE E 85 4.28 9.11 -17.58
C ILE E 85 3.76 9.04 -19.01
N GLU E 86 4.29 8.11 -19.81
CA GLU E 86 3.76 7.94 -21.16
C GLU E 86 2.37 7.34 -21.14
N GLU E 87 2.08 6.43 -20.20
CA GLU E 87 0.73 5.88 -20.08
C GLU E 87 -0.27 6.96 -19.71
N ASN E 88 0.09 7.81 -18.74
CA ASN E 88 -0.77 8.91 -18.33
C ASN E 88 -1.04 9.87 -19.50
N ASN E 89 0.00 10.19 -20.27
CA ASN E 89 -0.21 11.06 -21.43
C ASN E 89 -1.07 10.39 -22.48
N ASN E 90 -0.89 9.09 -22.72
CA ASN E 90 -1.72 8.41 -23.70
C ASN E 90 -3.15 8.26 -23.21
N PHE E 91 -3.35 8.10 -21.89
CA PHE E 91 -4.70 8.12 -21.33
C PHE E 91 -5.39 9.45 -21.63
N ILE E 92 -4.68 10.56 -21.41
CA ILE E 92 -5.22 11.89 -21.65
C ILE E 92 -5.56 12.07 -23.13
N LYS E 93 -4.64 11.69 -24.01
CA LYS E 93 -4.86 11.90 -25.45
C LYS E 93 -6.05 11.09 -25.95
N MET E 94 -6.18 9.83 -25.53
CA MET E 94 -7.31 9.03 -25.98
C MET E 94 -8.62 9.53 -25.37
N ALA E 95 -8.57 9.98 -24.11
CA ALA E 95 -9.76 10.57 -23.52
C ALA E 95 -10.16 11.83 -24.26
N LYS E 96 -9.19 12.64 -24.68
CA LYS E 96 -9.53 13.90 -25.33
C LYS E 96 -10.14 13.67 -26.70
N GLU E 97 -9.60 12.72 -27.47
CA GLU E 97 -10.09 12.51 -28.83
C GLU E 97 -11.46 11.84 -28.82
N LYS E 98 -11.66 10.87 -27.92
CA LYS E 98 -12.96 10.24 -27.75
C LYS E 98 -14.04 11.26 -27.44
N LEU E 99 -13.78 12.12 -26.44
CA LEU E 99 -14.78 13.09 -26.00
C LEU E 99 -15.15 14.06 -27.11
N ALA E 100 -14.15 14.65 -27.78
CA ALA E 100 -14.41 15.54 -28.89
C ALA E 100 -15.16 14.83 -30.03
N GLN E 101 -14.87 13.55 -30.25
CA GLN E 101 -15.59 12.80 -31.28
C GLN E 101 -17.08 12.69 -30.97
N LYS E 102 -17.41 12.28 -29.74
CA LYS E 102 -18.82 12.10 -29.39
C LYS E 102 -19.52 13.44 -29.20
N MET E 103 -18.80 14.50 -28.82
CA MET E 103 -19.45 15.81 -28.71
C MET E 103 -19.82 16.35 -30.08
N GLU E 104 -18.94 16.20 -31.07
CA GLU E 104 -19.26 16.67 -32.41
C GLU E 104 -20.33 15.81 -33.07
N SER E 105 -20.28 14.49 -32.85
CA SER E 105 -21.32 13.62 -33.40
C SER E 105 -22.69 13.97 -32.84
N ASN E 106 -22.76 14.17 -31.53
CA ASN E 106 -24.00 14.59 -30.90
C ASN E 106 -24.48 15.95 -31.45
N LYS E 107 -23.55 16.90 -31.64
CA LYS E 107 -23.95 18.17 -32.22
C LYS E 107 -24.54 17.97 -33.60
N GLU E 108 -23.82 17.25 -34.47
CA GLU E 108 -24.33 16.99 -35.82
C GLU E 108 -25.70 16.32 -35.78
N ASN E 109 -25.87 15.31 -34.91
CA ASN E 109 -27.17 14.65 -34.79
C ASN E 109 -28.25 15.63 -34.38
N ARG E 110 -28.01 16.39 -33.30
CA ARG E 110 -29.05 17.25 -32.76
C ARG E 110 -29.41 18.35 -33.77
N GLU E 111 -28.43 18.87 -34.48
CA GLU E 111 -28.71 19.85 -35.51
C GLU E 111 -29.46 19.23 -36.69
N ALA E 112 -29.11 17.99 -37.04
CA ALA E 112 -29.80 17.31 -38.14
C ALA E 112 -31.25 17.04 -37.79
N HIS E 113 -31.54 16.66 -36.53
CA HIS E 113 -32.93 16.45 -36.11
C HIS E 113 -33.73 17.75 -36.17
N LEU E 114 -33.19 18.84 -35.61
CA LEU E 114 -33.91 20.10 -35.61
C LEU E 114 -34.14 20.61 -37.03
N ALA E 115 -33.18 20.39 -37.94
CA ALA E 115 -33.36 20.85 -39.31
C ALA E 115 -34.41 20.03 -40.04
N ALA E 116 -34.50 18.73 -39.74
CA ALA E 116 -35.56 17.93 -40.35
C ALA E 116 -36.93 18.33 -39.84
N MET E 117 -37.02 18.62 -38.53
CA MET E 117 -38.28 19.03 -37.93
C MET E 117 -38.79 20.34 -38.54
N LEU E 118 -37.89 21.31 -38.69
CA LEU E 118 -38.25 22.57 -39.34
C LEU E 118 -38.41 22.41 -40.84
N GLU E 119 -37.86 21.35 -41.44
CA GLU E 119 -38.09 21.12 -42.87
C GLU E 119 -39.49 20.58 -43.13
N ARG E 120 -40.00 19.69 -42.25
CA ARG E 120 -41.35 19.17 -42.42
C ARG E 120 -42.39 20.28 -42.28
N LEU E 121 -42.27 21.08 -41.22
CA LEU E 121 -43.18 22.21 -41.02
C LEU E 121 -43.14 23.20 -42.19
N GLN E 122 -42.01 23.27 -42.91
CA GLN E 122 -41.91 24.15 -44.07
C GLN E 122 -42.58 23.56 -45.30
N GLU E 123 -42.54 22.24 -45.48
CA GLU E 123 -43.31 21.62 -46.54
C GLU E 123 -44.80 21.90 -46.32
N LYS E 124 -45.25 21.73 -45.09
CA LYS E 124 -46.59 22.17 -44.72
C LYS E 124 -46.84 23.61 -45.14
N ASP E 125 -45.83 24.48 -44.99
CA ASP E 125 -46.01 25.89 -45.36
C ASP E 125 -46.19 26.06 -46.85
N LYS E 126 -45.45 25.29 -47.66
CA LYS E 126 -45.65 25.33 -49.11
C LYS E 126 -47.03 24.79 -49.46
N HIS E 127 -47.44 23.70 -48.81
CA HIS E 127 -48.73 23.08 -49.10
C HIS E 127 -49.90 24.02 -48.82
N ALA E 128 -49.78 24.82 -47.74
CA ALA E 128 -50.80 25.80 -47.44
C ALA E 128 -50.90 26.86 -48.53
N GLU E 129 -49.78 27.19 -49.18
CA GLU E 129 -49.83 28.11 -50.31
C GLU E 129 -50.52 27.47 -51.50
N GLU E 130 -50.41 26.15 -51.66
CA GLU E 130 -51.08 25.47 -52.77
C GLU E 130 -52.59 25.41 -52.53
N VAL E 131 -52.98 25.24 -51.27
CA VAL E 131 -54.39 25.26 -50.91
C VAL E 131 -55.00 26.63 -51.22
N ARG E 132 -54.32 27.70 -50.80
CA ARG E 132 -54.85 29.05 -51.02
C ARG E 132 -54.88 29.40 -52.50
N LYS E 133 -53.94 28.90 -53.30
CA LYS E 133 -53.98 29.15 -54.74
C LYS E 133 -55.14 28.41 -55.40
N ASN E 134 -55.30 27.13 -55.05
CA ASN E 134 -56.38 26.33 -55.61
C ASN E 134 -57.74 26.95 -55.31
N LYS E 135 -57.87 27.65 -54.18
CA LYS E 135 -59.12 28.31 -53.86
C LYS E 135 -59.43 29.43 -54.84
N GLU E 136 -58.47 30.37 -55.01
CA GLU E 136 -58.68 31.47 -55.95
C GLU E 136 -58.86 30.95 -57.37
N LEU E 137 -58.25 29.82 -57.70
CA LEU E 137 -58.46 29.16 -58.99
C LEU E 137 -59.93 28.76 -59.19
N LYS E 138 -60.66 28.56 -58.10
CA LYS E 138 -62.10 28.31 -58.18
C LYS E 138 -62.87 29.62 -58.05
PG GTP F . 42.15 -10.64 11.64
O1G GTP F . 41.22 -11.67 11.07
O2G GTP F . 41.61 -10.12 12.96
O3G GTP F . 42.45 -9.58 10.61
O3B GTP F . 43.58 -11.37 11.80
PB GTP F . 44.39 -11.65 13.14
O1B GTP F . 45.64 -12.31 12.64
O2B GTP F . 44.69 -10.42 13.96
O3A GTP F . 43.54 -12.63 14.05
PA GTP F . 44.17 -13.63 15.14
O1A GTP F . 45.66 -13.61 15.20
O2A GTP F . 43.55 -13.30 16.48
O5' GTP F . 43.79 -15.09 14.56
C5' GTP F . 42.85 -15.92 15.20
C4' GTP F . 43.53 -17.14 15.80
O4' GTP F . 44.52 -16.72 16.72
C3' GTP F . 42.55 -18.04 16.58
O3' GTP F . 42.92 -19.38 16.40
C2' GTP F . 42.84 -17.65 18.01
O2' GTP F . 42.60 -18.67 18.92
C1' GTP F . 44.33 -17.34 17.97
N9 GTP F . 44.67 -16.34 18.98
C8 GTP F . 44.25 -15.02 18.97
N7 GTP F . 44.79 -14.42 20.05
C5 GTP F . 45.57 -15.32 20.71
C6 GTP F . 46.35 -15.21 21.86
O6 GTP F . 46.45 -14.14 22.48
N1 GTP F . 47.03 -16.33 22.30
C2 GTP F . 46.93 -17.53 21.62
N2 GTP F . 47.60 -18.59 22.08
N3 GTP F . 46.17 -17.63 20.48
C4 GTP F . 45.49 -16.54 20.05
S SO4 G . 37.30 -31.37 15.99
O1 SO4 G . 36.82 -31.10 17.35
O2 SO4 G . 37.39 -32.81 15.79
O3 SO4 G . 38.63 -30.77 15.81
O4 SO4 G . 36.37 -30.79 15.03
PB GDP H . 4.88 0.88 5.05
O1B GDP H . 4.38 1.27 3.66
O2B GDP H . 4.72 2.02 6.04
O3B GDP H . 6.33 0.45 4.96
O3A GDP H . 3.89 -0.32 5.45
PA GDP H . 3.99 -1.20 6.79
O1A GDP H . 2.87 -0.89 7.74
O2A GDP H . 5.31 -1.02 7.49
O5' GDP H . 3.82 -2.64 6.05
C5' GDP H . 2.79 -3.56 6.42
C4' GDP H . 3.44 -4.85 6.91
O4' GDP H . 4.16 -4.47 8.07
C3' GDP H . 2.44 -5.89 7.36
O3' GDP H . 3.00 -7.18 7.14
C2' GDP H . 2.31 -5.66 8.86
O2' GDP H . 2.00 -6.86 9.56
C1' GDP H . 3.72 -5.21 9.20
N9 GDP H . 3.81 -4.31 10.37
C8 GDP H . 3.37 -3.03 10.43
N7 GDP H . 3.64 -2.50 11.64
C5 GDP H . 4.27 -3.42 12.38
C6 GDP H . 4.85 -3.51 13.73
O6 GDP H . 4.81 -2.55 14.53
N1 GDP H . 5.41 -4.68 14.10
C2 GDP H . 5.48 -5.74 13.28
N2 GDP H . 6.08 -6.86 13.74
N3 GDP H . 5.00 -5.73 12.01
C4 GDP H . 4.39 -4.62 11.53
S SO4 I . -0.59 -2.25 22.45
O1 SO4 I . -0.99 -2.29 21.04
O2 SO4 I . -1.13 -3.40 23.16
O3 SO4 I . 0.87 -2.30 22.54
O4 SO4 I . -1.04 -1.01 23.09
C02 TU3 J . 31.07 -11.67 15.16
C03 TU3 J . 29.78 -11.92 15.92
C04 TU3 J . 29.58 -13.09 16.61
C05 TU3 J . 28.42 -13.32 17.33
C07 TU3 J . 29.45 -15.37 17.95
C08 TU3 J . 27.42 -12.33 17.34
C10 TU3 J . 25.53 -13.62 18.15
C11 TU3 J . 27.63 -11.16 16.65
C13 TU3 J . 26.57 -9.40 15.51
C14 TU3 J . 28.80 -10.94 15.95
C15 TU3 J . 32.06 -12.81 14.91
C17 TU3 J . 32.46 -15.01 14.34
C18 TU3 J . 31.89 -16.37 13.94
C19 TU3 J . 32.68 -17.51 13.90
C20 TU3 J . 32.13 -18.73 13.54
C22 TU3 J . 30.77 -18.81 13.20
C23 TU3 J . 30.12 -20.13 12.79
C24 TU3 J . 29.97 -17.67 13.24
C25 TU3 J . 30.54 -16.45 13.62
C26 TU3 J . 33.83 -14.79 14.46
C28 TU3 J . 33.43 -12.60 15.03
N16 TU3 J . 31.61 -14.00 14.55
N27 TU3 J . 34.28 -13.60 14.81
O01 TU3 J . 31.29 -10.57 14.78
O06 TU3 J . 28.31 -14.56 18.00
O09 TU3 J . 26.18 -12.39 18.02
O12 TU3 J . 26.62 -10.18 16.67
O21 TU3 J . 32.94 -19.87 13.50
PG GTP K . -32.14 16.66 -13.20
O1G GTP K . -32.86 15.67 -14.07
O2G GTP K . -31.55 17.77 -14.04
O3G GTP K . -33.07 17.20 -12.15
O3B GTP K . -30.92 15.85 -12.54
PB GTP K . -30.71 15.74 -10.95
O1B GTP K . -29.33 15.17 -10.76
O2B GTP K . -30.82 17.01 -10.15
O3A GTP K . -31.83 14.66 -10.52
PA GTP K . -31.81 13.93 -9.09
O1A GTP K . -30.44 13.91 -8.43
O2A GTP K . -32.90 14.46 -8.17
O5' GTP K . -32.15 12.44 -9.56
C5' GTP K . -33.18 11.74 -8.94
C4' GTP K . -32.62 10.55 -8.18
O4' GTP K . -31.88 11.00 -7.07
C3' GTP K . -33.80 9.75 -7.61
O3' GTP K . -33.41 8.40 -7.60
C2' GTP K . -33.92 10.32 -6.21
O2' GTP K . -34.53 9.45 -5.29
C1' GTP K . -32.47 10.58 -5.85
N9 GTP K . -32.35 11.70 -4.93
C8 GTP K . -32.73 13.00 -5.19
N7 GTP K . -32.45 13.73 -4.08
C5 GTP K . -31.90 12.92 -3.15
C6 GTP K . -31.41 13.15 -1.86
O6 GTP K . -31.43 14.28 -1.37
N1 GTP K . -30.88 12.10 -1.14
C2 GTP K . -30.86 10.83 -1.67
N2 GTP K . -30.35 9.83 -0.96
N3 GTP K . -31.34 10.62 -2.95
C4 GTP K . -31.83 11.65 -3.68
MG MG L . -32.66 18.34 -10.67
PG GTP M . -66.06 28.53 -35.45
O1G GTP M . -66.51 27.70 -36.63
O2G GTP M . -67.20 28.80 -34.48
O3G GTP M . -65.55 29.88 -35.90
O3B GTP M . -64.88 27.70 -34.71
PB GTP M . -64.86 27.57 -33.09
O1B GTP M . -63.46 27.15 -32.66
O2B GTP M . -65.29 28.79 -32.31
O3A GTP M . -65.89 26.34 -32.90
PA GTP M . -66.37 25.82 -31.45
O1A GTP M . -65.38 26.21 -30.37
O2A GTP M . -67.75 26.34 -31.11
O5' GTP M . -66.34 24.25 -31.77
C5' GTP M . -67.50 23.44 -31.81
C4' GTP M . -67.25 22.28 -30.86
O4' GTP M . -66.92 22.86 -29.62
C3' GTP M . -68.47 21.42 -30.62
O3' GTP M . -68.03 20.08 -30.44
C2' GTP M . -69.03 21.96 -29.32
O2' GTP M . -69.67 20.94 -28.60
C1' GTP M . -67.77 22.39 -28.60
N9 GTP M . -67.94 23.50 -27.67
C8 GTP M . -68.27 24.81 -27.98
N7 GTP M . -68.26 25.51 -26.81
C5 GTP M . -67.92 24.67 -25.80
C6 GTP M . -67.76 24.86 -24.41
O6 GTP M . -67.92 25.96 -23.86
N1 GTP M . -67.38 23.79 -23.62
C2 GTP M . -67.19 22.54 -24.18
N2 GTP M . -66.85 21.53 -23.37
N3 GTP M . -67.35 22.37 -25.55
C4 GTP M . -67.72 23.41 -26.33
S SO4 N . -76.48 27.73 -17.53
O1 SO4 N . -75.47 26.70 -17.76
O2 SO4 N . -77.73 27.08 -17.10
O3 SO4 N . -76.69 28.43 -18.78
O4 SO4 N . -75.96 28.66 -16.52
C02 TU3 O . -43.66 16.37 -13.20
C03 TU3 O . -45.15 16.38 -12.91
C04 TU3 O . -45.69 15.40 -12.10
C05 TU3 O . -47.05 15.40 -11.82
C07 TU3 O . -46.70 13.36 -10.67
C08 TU3 O . -47.87 16.38 -12.36
C10 TU3 O . -50.02 15.27 -12.35
C11 TU3 O . -47.33 17.36 -13.17
C13 TU3 O . -47.73 18.99 -14.83
C14 TU3 O . -45.97 17.35 -13.46
C15 TU3 O . -42.78 15.12 -13.01
C17 TU3 O . -42.47 12.82 -13.12
C18 TU3 O . -43.02 11.43 -13.45
C19 TU3 O . -42.30 10.26 -13.22
C20 TU3 O . -42.86 9.03 -13.56
C22 TU3 O . -44.13 8.96 -14.13
C23 TU3 O . -44.76 7.63 -14.53
C24 TU3 O . -44.84 10.11 -14.37
C25 TU3 O . -44.28 11.34 -14.04
C26 TU3 O . -41.16 12.99 -12.68
C28 TU3 O . -41.47 15.27 -12.57
N16 TU3 O . -43.24 13.89 -13.29
N27 TU3 O . -40.70 14.21 -12.40
O01 TU3 O . -43.15 17.35 -13.58
O06 TU3 O . -47.57 14.42 -10.97
O09 TU3 O . -49.25 16.41 -12.09
O12 TU3 O . -48.20 18.33 -13.70
O21 TU3 O . -42.13 7.86 -13.32
S DMS P . -68.18 26.39 -11.78
O DMS P . -68.55 27.76 -12.28
C1 DMS P . -68.30 26.34 -9.96
C2 DMS P . -66.43 26.04 -12.12
#